data_1BX9
# 
_entry.id   1BX9 
# 
_audit_conform.dict_name       mmcif_pdbx.dic 
_audit_conform.dict_version    5.398 
_audit_conform.dict_location   http://mmcif.pdb.org/dictionaries/ascii/mmcif_pdbx.dic 
# 
loop_
_database_2.database_id 
_database_2.database_code 
_database_2.pdbx_database_accession 
_database_2.pdbx_DOI 
PDB   1BX9         pdb_00001bx9 10.2210/pdb1bx9/pdb 
RCSB  RCSB008143   ?            ?                   
WWPDB D_1000008143 ?            ?                   
# 
loop_
_pdbx_audit_revision_history.ordinal 
_pdbx_audit_revision_history.data_content_type 
_pdbx_audit_revision_history.major_revision 
_pdbx_audit_revision_history.minor_revision 
_pdbx_audit_revision_history.revision_date 
1 'Structure model' 1 0 1998-10-21 
2 'Structure model' 1 1 2008-04-27 
3 'Structure model' 1 2 2011-07-13 
4 'Structure model' 1 3 2024-10-30 
# 
_pdbx_audit_revision_details.ordinal             1 
_pdbx_audit_revision_details.revision_ordinal    1 
_pdbx_audit_revision_details.data_content_type   'Structure model' 
_pdbx_audit_revision_details.provider            repository 
_pdbx_audit_revision_details.type                'Initial release' 
_pdbx_audit_revision_details.description         ? 
_pdbx_audit_revision_details.details             ? 
# 
loop_
_pdbx_audit_revision_group.ordinal 
_pdbx_audit_revision_group.revision_ordinal 
_pdbx_audit_revision_group.data_content_type 
_pdbx_audit_revision_group.group 
1  2 'Structure model' 'Version format compliance' 
2  3 'Structure model' 'Database references'       
3  3 'Structure model' 'Derived calculations'      
4  3 'Structure model' 'Non-polymer description'   
5  3 'Structure model' 'Version format compliance' 
6  4 'Structure model' Advisory                    
7  4 'Structure model' 'Data collection'           
8  4 'Structure model' 'Database references'       
9  4 'Structure model' 'Derived calculations'      
10 4 'Structure model' 'Structure summary'         
# 
loop_
_pdbx_audit_revision_category.ordinal 
_pdbx_audit_revision_category.revision_ordinal 
_pdbx_audit_revision_category.data_content_type 
_pdbx_audit_revision_category.category 
1 4 'Structure model' chem_comp_atom                
2 4 'Structure model' chem_comp_bond                
3 4 'Structure model' database_2                    
4 4 'Structure model' pdbx_entry_details            
5 4 'Structure model' pdbx_modification_feature     
6 4 'Structure model' pdbx_validate_polymer_linkage 
7 4 'Structure model' struct_conn                   
# 
loop_
_pdbx_audit_revision_item.ordinal 
_pdbx_audit_revision_item.revision_ordinal 
_pdbx_audit_revision_item.data_content_type 
_pdbx_audit_revision_item.item 
1  4 'Structure model' '_database_2.pdbx_DOI'                
2  4 'Structure model' '_database_2.pdbx_database_accession' 
3  4 'Structure model' '_struct_conn.pdbx_dist_value'        
4  4 'Structure model' '_struct_conn.pdbx_leaving_atom_flag' 
5  4 'Structure model' '_struct_conn.ptnr1_auth_comp_id'     
6  4 'Structure model' '_struct_conn.ptnr1_auth_seq_id'      
7  4 'Structure model' '_struct_conn.ptnr1_label_atom_id'    
8  4 'Structure model' '_struct_conn.ptnr1_label_comp_id'    
9  4 'Structure model' '_struct_conn.ptnr1_label_seq_id'     
10 4 'Structure model' '_struct_conn.ptnr2_auth_comp_id'     
11 4 'Structure model' '_struct_conn.ptnr2_auth_seq_id'      
12 4 'Structure model' '_struct_conn.ptnr2_label_comp_id'    
13 4 'Structure model' '_struct_conn.ptnr2_label_seq_id'     
# 
_pdbx_database_status.status_code                     REL 
_pdbx_database_status.entry_id                        1BX9 
_pdbx_database_status.recvd_initial_deposition_date   1998-10-14 
_pdbx_database_status.deposit_site                    BNL 
_pdbx_database_status.process_site                    RCSB 
_pdbx_database_status.SG_entry                        . 
_pdbx_database_status.status_code_sf                  ? 
_pdbx_database_status.status_code_mr                  ? 
_pdbx_database_status.status_code_cs                  ? 
_pdbx_database_status.pdb_format_compatible           Y 
_pdbx_database_status.status_code_nmr_data            ? 
_pdbx_database_status.methods_development_category    ? 
# 
loop_
_audit_author.name 
_audit_author.pdbx_ordinal 
'Prade, L.'    1 
'Huber, R.'    2 
'Bieseler, B.' 3 
# 
_citation.id                        primary 
_citation.title                     
;Structures of herbicides in complex with their detoxifying enzyme glutathione S-transferase - explanations for the selectivity of the enzyme in plants.
;
_citation.journal_abbrev            Structure 
_citation.journal_volume            6 
_citation.page_first                1445 
_citation.page_last                 1452 
_citation.year                      1998 
_citation.journal_id_ASTM           STRUE6 
_citation.country                   UK 
_citation.journal_id_ISSN           0969-2126 
_citation.journal_id_CSD            2005 
_citation.book_publisher            ? 
_citation.pdbx_database_id_PubMed   9817846 
_citation.pdbx_database_id_DOI      '10.1016/S0969-2126(98)00143-9' 
# 
loop_
_citation_author.citation_id 
_citation_author.name 
_citation_author.ordinal 
_citation_author.identifier_ORCID 
primary 'Prade, L.'    1 ? 
primary 'Huber, R.'    2 ? 
primary 'Bieseler, B.' 3 ? 
# 
loop_
_entity.id 
_entity.type 
_entity.src_method 
_entity.pdbx_description 
_entity.formula_weight 
_entity.pdbx_number_of_molecules 
_entity.pdbx_ec 
_entity.pdbx_mutation 
_entity.pdbx_fragment 
_entity.details 
1 polymer nat 'GLUTATHIONE S-TRANSFERASE'                  24031.371 1  ? ? ? ? 
2 polymer syn 'FOE-4053-glutathione conjugate GGL-FOE-GLY' 500.542   1  ? ? ? ? 
3 water   nat water                                        18.015    70 ? ? ? ? 
# 
loop_
_entity_poly.entity_id 
_entity_poly.type 
_entity_poly.nstd_linkage 
_entity_poly.nstd_monomer 
_entity_poly.pdbx_seq_one_letter_code 
_entity_poly.pdbx_seq_one_letter_code_can 
_entity_poly.pdbx_strand_id 
_entity_poly.pdbx_target_identifier 
1 'polypeptide(L)' no no  
;AGIKVFGHPASIATRRVLIALHEKNLDFELVHVELKDGEHKKEPFLSRNPFGQVPAFEDGDLKLFESRAITQYIAHRYEN
QGTNLLQTDSKNISQYAIMAIGMQVEDHQFDPVASKLAFEQIFKSIYGLTTDEAVVAEEEAKLAKVLDVYEARLKEFKYL
AGETFTLTDLHHIPAIQYLLGTPTKKLFTERPRVNEWVAEITKRPASEKVQ
;
;AGIKVFGHPASIATRRVLIALHEKNLDFELVHVELKDGEHKKEPFLSRNPFGQVPAFEDGDLKLFESRAITQYIAHRYEN
QGTNLLQTDSKNISQYAIMAIGMQVEDHQFDPVASKLAFEQIFKSIYGLTTDEAVVAEEEAKLAKVLDVYEARLKEFKYL
AGETFTLTDLHHIPAIQYLLGTPTKKLFTERPRVNEWVAEITKRPASEKVQ
;
A ? 
2 'polypeptide(L)' no yes '(GGL)(FOE)G' ECG B ? 
# 
_pdbx_entity_nonpoly.entity_id   3 
_pdbx_entity_nonpoly.name        water 
_pdbx_entity_nonpoly.comp_id     HOH 
# 
loop_
_entity_poly_seq.entity_id 
_entity_poly_seq.num 
_entity_poly_seq.mon_id 
_entity_poly_seq.hetero 
1 1   ALA n 
1 2   GLY n 
1 3   ILE n 
1 4   LYS n 
1 5   VAL n 
1 6   PHE n 
1 7   GLY n 
1 8   HIS n 
1 9   PRO n 
1 10  ALA n 
1 11  SER n 
1 12  ILE n 
1 13  ALA n 
1 14  THR n 
1 15  ARG n 
1 16  ARG n 
1 17  VAL n 
1 18  LEU n 
1 19  ILE n 
1 20  ALA n 
1 21  LEU n 
1 22  HIS n 
1 23  GLU n 
1 24  LYS n 
1 25  ASN n 
1 26  LEU n 
1 27  ASP n 
1 28  PHE n 
1 29  GLU n 
1 30  LEU n 
1 31  VAL n 
1 32  HIS n 
1 33  VAL n 
1 34  GLU n 
1 35  LEU n 
1 36  LYS n 
1 37  ASP n 
1 38  GLY n 
1 39  GLU n 
1 40  HIS n 
1 41  LYS n 
1 42  LYS n 
1 43  GLU n 
1 44  PRO n 
1 45  PHE n 
1 46  LEU n 
1 47  SER n 
1 48  ARG n 
1 49  ASN n 
1 50  PRO n 
1 51  PHE n 
1 52  GLY n 
1 53  GLN n 
1 54  VAL n 
1 55  PRO n 
1 56  ALA n 
1 57  PHE n 
1 58  GLU n 
1 59  ASP n 
1 60  GLY n 
1 61  ASP n 
1 62  LEU n 
1 63  LYS n 
1 64  LEU n 
1 65  PHE n 
1 66  GLU n 
1 67  SER n 
1 68  ARG n 
1 69  ALA n 
1 70  ILE n 
1 71  THR n 
1 72  GLN n 
1 73  TYR n 
1 74  ILE n 
1 75  ALA n 
1 76  HIS n 
1 77  ARG n 
1 78  TYR n 
1 79  GLU n 
1 80  ASN n 
1 81  GLN n 
1 82  GLY n 
1 83  THR n 
1 84  ASN n 
1 85  LEU n 
1 86  LEU n 
1 87  GLN n 
1 88  THR n 
1 89  ASP n 
1 90  SER n 
1 91  LYS n 
1 92  ASN n 
1 93  ILE n 
1 94  SER n 
1 95  GLN n 
1 96  TYR n 
1 97  ALA n 
1 98  ILE n 
1 99  MET n 
1 100 ALA n 
1 101 ILE n 
1 102 GLY n 
1 103 MET n 
1 104 GLN n 
1 105 VAL n 
1 106 GLU n 
1 107 ASP n 
1 108 HIS n 
1 109 GLN n 
1 110 PHE n 
1 111 ASP n 
1 112 PRO n 
1 113 VAL n 
1 114 ALA n 
1 115 SER n 
1 116 LYS n 
1 117 LEU n 
1 118 ALA n 
1 119 PHE n 
1 120 GLU n 
1 121 GLN n 
1 122 ILE n 
1 123 PHE n 
1 124 LYS n 
1 125 SER n 
1 126 ILE n 
1 127 TYR n 
1 128 GLY n 
1 129 LEU n 
1 130 THR n 
1 131 THR n 
1 132 ASP n 
1 133 GLU n 
1 134 ALA n 
1 135 VAL n 
1 136 VAL n 
1 137 ALA n 
1 138 GLU n 
1 139 GLU n 
1 140 GLU n 
1 141 ALA n 
1 142 LYS n 
1 143 LEU n 
1 144 ALA n 
1 145 LYS n 
1 146 VAL n 
1 147 LEU n 
1 148 ASP n 
1 149 VAL n 
1 150 TYR n 
1 151 GLU n 
1 152 ALA n 
1 153 ARG n 
1 154 LEU n 
1 155 LYS n 
1 156 GLU n 
1 157 PHE n 
1 158 LYS n 
1 159 TYR n 
1 160 LEU n 
1 161 ALA n 
1 162 GLY n 
1 163 GLU n 
1 164 THR n 
1 165 PHE n 
1 166 THR n 
1 167 LEU n 
1 168 THR n 
1 169 ASP n 
1 170 LEU n 
1 171 HIS n 
1 172 HIS n 
1 173 ILE n 
1 174 PRO n 
1 175 ALA n 
1 176 ILE n 
1 177 GLN n 
1 178 TYR n 
1 179 LEU n 
1 180 LEU n 
1 181 GLY n 
1 182 THR n 
1 183 PRO n 
1 184 THR n 
1 185 LYS n 
1 186 LYS n 
1 187 LEU n 
1 188 PHE n 
1 189 THR n 
1 190 GLU n 
1 191 ARG n 
1 192 PRO n 
1 193 ARG n 
1 194 VAL n 
1 195 ASN n 
1 196 GLU n 
1 197 TRP n 
1 198 VAL n 
1 199 ALA n 
1 200 GLU n 
1 201 ILE n 
1 202 THR n 
1 203 LYS n 
1 204 ARG n 
1 205 PRO n 
1 206 ALA n 
1 207 SER n 
1 208 GLU n 
1 209 LYS n 
1 210 VAL n 
1 211 GLN n 
2 1   GGL n 
2 2   FOE n 
2 3   GLY n 
# 
_entity_src_nat.entity_id                  1 
_entity_src_nat.pdbx_src_id                1 
_entity_src_nat.pdbx_alt_source_flag       sample 
_entity_src_nat.pdbx_beg_seq_num           ? 
_entity_src_nat.pdbx_end_seq_num           ? 
_entity_src_nat.common_name                'thale cress' 
_entity_src_nat.pdbx_organism_scientific   'Arabidopsis thaliana' 
_entity_src_nat.pdbx_ncbi_taxonomy_id      3702 
_entity_src_nat.genus                      Arabidopsis 
_entity_src_nat.species                    ? 
_entity_src_nat.strain                     ? 
_entity_src_nat.tissue                     ? 
_entity_src_nat.tissue_fraction            ? 
_entity_src_nat.pdbx_secretion             ? 
_entity_src_nat.pdbx_fragment              ? 
_entity_src_nat.pdbx_variant               ? 
_entity_src_nat.pdbx_cell_line             ? 
_entity_src_nat.pdbx_atcc                  ? 
_entity_src_nat.pdbx_cellular_location     ? 
_entity_src_nat.pdbx_organ                 ? 
_entity_src_nat.pdbx_organelle             ? 
_entity_src_nat.pdbx_cell                  ? 
_entity_src_nat.pdbx_plasmid_name          ? 
_entity_src_nat.pdbx_plasmid_details       ? 
_entity_src_nat.details                    ? 
# 
loop_
_chem_comp.id 
_chem_comp.type 
_chem_comp.mon_nstd_flag 
_chem_comp.name 
_chem_comp.pdbx_synonyms 
_chem_comp.formula 
_chem_comp.formula_weight 
ALA 'L-peptide linking'                y ALANINE                                                                      ? 
'C3 H7 N O2'        89.093  
ARG 'L-peptide linking'                y ARGININE                                                                     ? 
'C6 H15 N4 O2 1'    175.209 
ASN 'L-peptide linking'                y ASPARAGINE                                                                   ? 
'C4 H8 N2 O3'       132.118 
ASP 'L-peptide linking'                y 'ASPARTIC ACID'                                                              ? 
'C4 H7 N O4'        133.103 
FOE 'L-peptide linking'                n '2-(2-AMINO-3-OXO-PROPYLSULFANYL)-N-(4-FLUORO-PHENYL)-N-ISOPROPYL-ACETAMIDE' ? 
'C14 H19 F N2 O3 S' 314.376 
GGL 'L-gamma-peptide, C-delta linking' . 'GAMMA-L-GLUTAMIC ACID'                                                      
'L-GLUTAMIC ACID' 'C5 H9 N O4'        147.129 
GLN 'L-peptide linking'                y GLUTAMINE                                                                    ? 
'C5 H10 N2 O3'      146.144 
GLU 'L-peptide linking'                y 'GLUTAMIC ACID'                                                              ? 
'C5 H9 N O4'        147.129 
GLY 'peptide linking'                  y GLYCINE                                                                      ? 
'C2 H5 N O2'        75.067  
HIS 'L-peptide linking'                y HISTIDINE                                                                    ? 
'C6 H10 N3 O2 1'    156.162 
HOH non-polymer                        . WATER                                                                        ? 'H2 O' 
18.015  
ILE 'L-peptide linking'                y ISOLEUCINE                                                                   ? 
'C6 H13 N O2'       131.173 
LEU 'L-peptide linking'                y LEUCINE                                                                      ? 
'C6 H13 N O2'       131.173 
LYS 'L-peptide linking'                y LYSINE                                                                       ? 
'C6 H15 N2 O2 1'    147.195 
MET 'L-peptide linking'                y METHIONINE                                                                   ? 
'C5 H11 N O2 S'     149.211 
PHE 'L-peptide linking'                y PHENYLALANINE                                                                ? 
'C9 H11 N O2'       165.189 
PRO 'L-peptide linking'                y PROLINE                                                                      ? 
'C5 H9 N O2'        115.130 
SER 'L-peptide linking'                y SERINE                                                                       ? 
'C3 H7 N O3'        105.093 
THR 'L-peptide linking'                y THREONINE                                                                    ? 
'C4 H9 N O3'        119.119 
TRP 'L-peptide linking'                y TRYPTOPHAN                                                                   ? 
'C11 H12 N2 O2'     204.225 
TYR 'L-peptide linking'                y TYROSINE                                                                     ? 
'C9 H11 N O3'       181.189 
VAL 'L-peptide linking'                y VALINE                                                                       ? 
'C5 H11 N O2'       117.146 
# 
loop_
_pdbx_poly_seq_scheme.asym_id 
_pdbx_poly_seq_scheme.entity_id 
_pdbx_poly_seq_scheme.seq_id 
_pdbx_poly_seq_scheme.mon_id 
_pdbx_poly_seq_scheme.ndb_seq_num 
_pdbx_poly_seq_scheme.pdb_seq_num 
_pdbx_poly_seq_scheme.auth_seq_num 
_pdbx_poly_seq_scheme.pdb_mon_id 
_pdbx_poly_seq_scheme.auth_mon_id 
_pdbx_poly_seq_scheme.pdb_strand_id 
_pdbx_poly_seq_scheme.pdb_ins_code 
_pdbx_poly_seq_scheme.hetero 
A 1 1   ALA 1   0   ?   ?   ?   A . n 
A 1 2   GLY 2   1   1   GLY GLY A . n 
A 1 3   ILE 3   2   2   ILE ILE A . n 
A 1 4   LYS 4   3   3   LYS LYS A . n 
A 1 5   VAL 5   4   4   VAL VAL A . n 
A 1 6   PHE 6   5   5   PHE PHE A . n 
A 1 7   GLY 7   6   6   GLY GLY A . n 
A 1 8   HIS 8   7   7   HIS HIS A . n 
A 1 9   PRO 9   8   8   PRO PRO A . n 
A 1 10  ALA 10  9   9   ALA ALA A . n 
A 1 11  SER 11  10  10  SER SER A . n 
A 1 12  ILE 12  11  11  ILE ILE A . n 
A 1 13  ALA 13  12  12  ALA ALA A . n 
A 1 14  THR 14  13  13  THR THR A . n 
A 1 15  ARG 15  14  14  ARG ARG A . n 
A 1 16  ARG 16  15  15  ARG ARG A . n 
A 1 17  VAL 17  16  16  VAL VAL A . n 
A 1 18  LEU 18  17  17  LEU LEU A . n 
A 1 19  ILE 19  18  18  ILE ILE A . n 
A 1 20  ALA 20  19  19  ALA ALA A . n 
A 1 21  LEU 21  20  20  LEU LEU A . n 
A 1 22  HIS 22  21  21  HIS HIS A . n 
A 1 23  GLU 23  22  22  GLU GLU A . n 
A 1 24  LYS 24  23  23  LYS LYS A . n 
A 1 25  ASN 25  24  24  ASN ASN A . n 
A 1 26  LEU 26  25  25  LEU LEU A . n 
A 1 27  ASP 27  26  26  ASP ASP A . n 
A 1 28  PHE 28  27  27  PHE PHE A . n 
A 1 29  GLU 29  28  28  GLU GLU A . n 
A 1 30  LEU 30  29  29  LEU LEU A . n 
A 1 31  VAL 31  30  30  VAL VAL A . n 
A 1 32  HIS 32  31  31  HIS HIS A . n 
A 1 33  VAL 33  32  32  VAL VAL A . n 
A 1 34  GLU 34  33  33  GLU GLU A . n 
A 1 35  LEU 35  34  34  LEU LEU A . n 
A 1 36  LYS 36  35  35  LYS LYS A . n 
A 1 37  ASP 37  36  36  ASP ASP A . n 
A 1 38  GLY 38  37  37  GLY GLY A . n 
A 1 39  GLU 39  38  38  GLU GLU A . n 
A 1 40  HIS 40  39  39  HIS HIS A . n 
A 1 41  LYS 41  40  40  LYS LYS A . n 
A 1 42  LYS 42  41  41  LYS LYS A . n 
A 1 43  GLU 43  42  42  GLU GLU A . n 
A 1 44  PRO 44  43  43  PRO PRO A . n 
A 1 45  PHE 45  44  44  PHE PHE A . n 
A 1 46  LEU 46  45  45  LEU LEU A . n 
A 1 47  SER 47  46  46  SER SER A . n 
A 1 48  ARG 48  47  47  ARG ARG A . n 
A 1 49  ASN 49  48  48  ASN ASN A . n 
A 1 50  PRO 50  49  49  PRO PRO A . n 
A 1 51  PHE 51  50  50  PHE PHE A . n 
A 1 52  GLY 52  51  51  GLY GLY A . n 
A 1 53  GLN 53  52  52  GLN GLN A . n 
A 1 54  VAL 54  53  53  VAL VAL A . n 
A 1 55  PRO 55  54  54  PRO PRO A . n 
A 1 56  ALA 56  55  55  ALA ALA A . n 
A 1 57  PHE 57  56  56  PHE PHE A . n 
A 1 58  GLU 58  57  57  GLU GLU A . n 
A 1 59  ASP 59  58  58  ASP ASP A . n 
A 1 60  GLY 60  59  59  GLY GLY A . n 
A 1 61  ASP 61  60  60  ASP ASP A . n 
A 1 62  LEU 62  61  61  LEU LEU A . n 
A 1 63  LYS 63  62  62  LYS LYS A . n 
A 1 64  LEU 64  63  63  LEU LEU A . n 
A 1 65  PHE 65  64  64  PHE PHE A . n 
A 1 66  GLU 66  65  65  GLU GLU A . n 
A 1 67  SER 67  66  66  SER SER A . n 
A 1 68  ARG 68  67  67  ARG ARG A . n 
A 1 69  ALA 69  68  68  ALA ALA A . n 
A 1 70  ILE 70  69  69  ILE ILE A . n 
A 1 71  THR 71  70  70  THR THR A . n 
A 1 72  GLN 72  71  71  GLN GLN A . n 
A 1 73  TYR 73  72  72  TYR TYR A . n 
A 1 74  ILE 74  73  73  ILE ILE A . n 
A 1 75  ALA 75  74  74  ALA ALA A . n 
A 1 76  HIS 76  75  75  HIS HIS A . n 
A 1 77  ARG 77  76  76  ARG ARG A . n 
A 1 78  TYR 78  77  77  TYR TYR A . n 
A 1 79  GLU 79  78  78  GLU GLU A . n 
A 1 80  ASN 80  79  79  ASN ASN A . n 
A 1 81  GLN 81  80  80  GLN GLN A . n 
A 1 82  GLY 82  81  81  GLY GLY A . n 
A 1 83  THR 83  82  82  THR THR A . n 
A 1 84  ASN 84  83  83  ASN ASN A . n 
A 1 85  LEU 85  84  84  LEU LEU A . n 
A 1 86  LEU 86  85  85  LEU LEU A . n 
A 1 87  GLN 87  86  86  GLN GLN A . n 
A 1 88  THR 88  87  87  THR THR A . n 
A 1 89  ASP 89  88  88  ASP ASP A . n 
A 1 90  SER 90  89  89  SER SER A . n 
A 1 91  LYS 91  90  90  LYS LYS A . n 
A 1 92  ASN 92  91  91  ASN ASN A . n 
A 1 93  ILE 93  92  92  ILE ILE A . n 
A 1 94  SER 94  93  93  SER SER A . n 
A 1 95  GLN 95  94  94  GLN GLN A . n 
A 1 96  TYR 96  95  95  TYR TYR A . n 
A 1 97  ALA 97  96  96  ALA ALA A . n 
A 1 98  ILE 98  97  97  ILE ILE A . n 
A 1 99  MET 99  98  98  MET MET A . n 
A 1 100 ALA 100 99  99  ALA ALA A . n 
A 1 101 ILE 101 100 100 ILE ILE A . n 
A 1 102 GLY 102 101 101 GLY GLY A . n 
A 1 103 MET 103 102 102 MET MET A . n 
A 1 104 GLN 104 103 103 GLN GLN A . n 
A 1 105 VAL 105 104 104 VAL VAL A . n 
A 1 106 GLU 106 105 105 GLU GLU A . n 
A 1 107 ASP 107 106 106 ASP ASP A . n 
A 1 108 HIS 108 107 107 HIS HIS A . n 
A 1 109 GLN 109 108 108 GLN GLN A . n 
A 1 110 PHE 110 109 109 PHE PHE A . n 
A 1 111 ASP 111 110 110 ASP ASP A . n 
A 1 112 PRO 112 111 111 PRO PRO A . n 
A 1 113 VAL 113 112 112 VAL VAL A . n 
A 1 114 ALA 114 113 113 ALA ALA A . n 
A 1 115 SER 115 114 114 SER SER A . n 
A 1 116 LYS 116 115 115 LYS LYS A . n 
A 1 117 LEU 117 116 116 LEU LEU A . n 
A 1 118 ALA 118 117 117 ALA ALA A . n 
A 1 119 PHE 119 118 118 PHE PHE A . n 
A 1 120 GLU 120 119 119 GLU GLU A . n 
A 1 121 GLN 121 120 120 GLN GLN A . n 
A 1 122 ILE 122 121 121 ILE ILE A . n 
A 1 123 PHE 123 122 122 PHE PHE A . n 
A 1 124 LYS 124 123 123 LYS LYS A . n 
A 1 125 SER 125 124 124 SER SER A . n 
A 1 126 ILE 126 125 125 ILE ILE A . n 
A 1 127 TYR 127 126 126 TYR TYR A . n 
A 1 128 GLY 128 127 127 GLY GLY A . n 
A 1 129 LEU 129 128 128 LEU LEU A . n 
A 1 130 THR 130 129 129 THR THR A . n 
A 1 131 THR 131 130 130 THR THR A . n 
A 1 132 ASP 132 131 131 ASP ASP A . n 
A 1 133 GLU 133 132 132 GLU GLU A . n 
A 1 134 ALA 134 133 133 ALA ALA A . n 
A 1 135 VAL 135 134 134 VAL VAL A . n 
A 1 136 VAL 136 135 135 VAL VAL A . n 
A 1 137 ALA 137 136 136 ALA ALA A . n 
A 1 138 GLU 138 137 137 GLU GLU A . n 
A 1 139 GLU 139 138 138 GLU GLU A . n 
A 1 140 GLU 140 139 139 GLU GLU A . n 
A 1 141 ALA 141 140 140 ALA ALA A . n 
A 1 142 LYS 142 141 141 LYS LYS A . n 
A 1 143 LEU 143 142 142 LEU LEU A . n 
A 1 144 ALA 144 143 143 ALA ALA A . n 
A 1 145 LYS 145 144 144 LYS LYS A . n 
A 1 146 VAL 146 145 145 VAL VAL A . n 
A 1 147 LEU 147 146 146 LEU LEU A . n 
A 1 148 ASP 148 147 147 ASP ASP A . n 
A 1 149 VAL 149 148 148 VAL VAL A . n 
A 1 150 TYR 150 149 149 TYR TYR A . n 
A 1 151 GLU 151 150 150 GLU GLU A . n 
A 1 152 ALA 152 151 151 ALA ALA A . n 
A 1 153 ARG 153 152 152 ARG ARG A . n 
A 1 154 LEU 154 153 153 LEU LEU A . n 
A 1 155 LYS 155 154 154 LYS LYS A . n 
A 1 156 GLU 156 155 155 GLU GLU A . n 
A 1 157 PHE 157 156 156 PHE PHE A . n 
A 1 158 LYS 158 157 157 LYS LYS A . n 
A 1 159 TYR 159 158 158 TYR TYR A . n 
A 1 160 LEU 160 159 159 LEU LEU A . n 
A 1 161 ALA 161 160 160 ALA ALA A . n 
A 1 162 GLY 162 161 161 GLY GLY A . n 
A 1 163 GLU 163 162 162 GLU GLU A . n 
A 1 164 THR 164 163 163 THR THR A . n 
A 1 165 PHE 165 164 164 PHE PHE A . n 
A 1 166 THR 166 165 165 THR THR A . n 
A 1 167 LEU 167 166 166 LEU LEU A . n 
A 1 168 THR 168 167 167 THR THR A . n 
A 1 169 ASP 169 168 168 ASP ASP A . n 
A 1 170 LEU 170 169 169 LEU LEU A . n 
A 1 171 HIS 171 170 170 HIS HIS A . n 
A 1 172 HIS 172 171 171 HIS HIS A . n 
A 1 173 ILE 173 172 172 ILE ILE A . n 
A 1 174 PRO 174 173 173 PRO PRO A . n 
A 1 175 ALA 175 174 174 ALA ALA A . n 
A 1 176 ILE 176 175 175 ILE ILE A . n 
A 1 177 GLN 177 176 176 GLN GLN A . n 
A 1 178 TYR 178 177 177 TYR TYR A . n 
A 1 179 LEU 179 178 178 LEU LEU A . n 
A 1 180 LEU 180 179 179 LEU LEU A . n 
A 1 181 GLY 181 180 180 GLY GLY A . n 
A 1 182 THR 182 181 181 THR THR A . n 
A 1 183 PRO 183 182 182 PRO PRO A . n 
A 1 184 THR 184 183 183 THR THR A . n 
A 1 185 LYS 185 184 184 LYS LYS A . n 
A 1 186 LYS 186 185 185 LYS LYS A . n 
A 1 187 LEU 187 186 186 LEU LEU A . n 
A 1 188 PHE 188 187 187 PHE PHE A . n 
A 1 189 THR 189 188 188 THR THR A . n 
A 1 190 GLU 190 189 189 GLU GLU A . n 
A 1 191 ARG 191 190 190 ARG ARG A . n 
A 1 192 PRO 192 191 191 PRO PRO A . n 
A 1 193 ARG 193 192 192 ARG ARG A . n 
A 1 194 VAL 194 193 193 VAL VAL A . n 
A 1 195 ASN 195 194 194 ASN ASN A . n 
A 1 196 GLU 196 195 195 GLU GLU A . n 
A 1 197 TRP 197 196 196 TRP TRP A . n 
A 1 198 VAL 198 197 197 VAL VAL A . n 
A 1 199 ALA 199 198 198 ALA ALA A . n 
A 1 200 GLU 200 199 199 GLU GLU A . n 
A 1 201 ILE 201 200 200 ILE ILE A . n 
A 1 202 THR 202 201 201 THR THR A . n 
A 1 203 LYS 203 202 202 LYS LYS A . n 
A 1 204 ARG 204 203 203 ARG ARG A . n 
A 1 205 PRO 205 204 204 PRO PRO A . n 
A 1 206 ALA 206 205 205 ALA ALA A . n 
A 1 207 SER 207 206 206 SER SER A . n 
A 1 208 GLU 208 207 207 GLU GLU A . n 
A 1 209 LYS 209 208 208 LYS LYS A . n 
A 1 210 VAL 210 209 209 VAL VAL A . n 
A 1 211 GLN 211 210 210 GLN GLN A . n 
B 2 1   GGL 1   101 101 GGL GGL B . n 
B 2 2   FOE 2   102 102 FOE FOE B . n 
B 2 3   GLY 3   103 103 GLY GLY B . n 
# 
loop_
_pdbx_nonpoly_scheme.asym_id 
_pdbx_nonpoly_scheme.entity_id 
_pdbx_nonpoly_scheme.mon_id 
_pdbx_nonpoly_scheme.ndb_seq_num 
_pdbx_nonpoly_scheme.pdb_seq_num 
_pdbx_nonpoly_scheme.auth_seq_num 
_pdbx_nonpoly_scheme.pdb_mon_id 
_pdbx_nonpoly_scheme.auth_mon_id 
_pdbx_nonpoly_scheme.pdb_strand_id 
_pdbx_nonpoly_scheme.pdb_ins_code 
C 3 HOH 1  211 211 HOH HOH A . 
C 3 HOH 2  212 212 HOH HOH A . 
C 3 HOH 3  213 213 HOH HOH A . 
C 3 HOH 4  214 214 HOH HOH A . 
C 3 HOH 5  215 215 HOH HOH A . 
C 3 HOH 6  216 216 HOH HOH A . 
C 3 HOH 7  217 217 HOH HOH A . 
C 3 HOH 8  218 218 HOH HOH A . 
C 3 HOH 9  219 219 HOH HOH A . 
C 3 HOH 10 220 220 HOH HOH A . 
C 3 HOH 11 221 221 HOH HOH A . 
C 3 HOH 12 222 222 HOH HOH A . 
C 3 HOH 13 223 223 HOH HOH A . 
C 3 HOH 14 224 224 HOH HOH A . 
C 3 HOH 15 225 225 HOH HOH A . 
C 3 HOH 16 226 226 HOH HOH A . 
C 3 HOH 17 227 227 HOH HOH A . 
C 3 HOH 18 228 228 HOH HOH A . 
C 3 HOH 19 229 229 HOH HOH A . 
C 3 HOH 20 230 230 HOH HOH A . 
C 3 HOH 21 231 231 HOH HOH A . 
C 3 HOH 22 232 232 HOH HOH A . 
C 3 HOH 23 233 233 HOH HOH A . 
C 3 HOH 24 234 234 HOH HOH A . 
C 3 HOH 25 235 235 HOH HOH A . 
C 3 HOH 26 236 236 HOH HOH A . 
C 3 HOH 27 237 237 HOH HOH A . 
C 3 HOH 28 238 238 HOH HOH A . 
C 3 HOH 29 239 239 HOH HOH A . 
C 3 HOH 30 240 240 HOH HOH A . 
C 3 HOH 31 241 241 HOH HOH A . 
C 3 HOH 32 242 242 HOH HOH A . 
C 3 HOH 33 243 243 HOH HOH A . 
C 3 HOH 34 244 244 HOH HOH A . 
C 3 HOH 35 245 245 HOH HOH A . 
C 3 HOH 36 246 246 HOH HOH A . 
C 3 HOH 37 247 247 HOH HOH A . 
C 3 HOH 38 248 248 HOH HOH A . 
C 3 HOH 39 249 249 HOH HOH A . 
C 3 HOH 40 250 250 HOH HOH A . 
C 3 HOH 41 251 251 HOH HOH A . 
C 3 HOH 42 252 252 HOH HOH A . 
C 3 HOH 43 253 253 HOH HOH A . 
C 3 HOH 44 254 254 HOH HOH A . 
C 3 HOH 45 255 255 HOH HOH A . 
C 3 HOH 46 256 256 HOH HOH A . 
C 3 HOH 47 257 257 HOH HOH A . 
C 3 HOH 48 258 258 HOH HOH A . 
C 3 HOH 49 259 259 HOH HOH A . 
C 3 HOH 50 260 260 HOH HOH A . 
C 3 HOH 51 261 261 HOH HOH A . 
C 3 HOH 52 262 262 HOH HOH A . 
C 3 HOH 53 263 263 HOH HOH A . 
C 3 HOH 54 264 264 HOH HOH A . 
C 3 HOH 55 265 265 HOH HOH A . 
C 3 HOH 56 266 266 HOH HOH A . 
C 3 HOH 57 267 267 HOH HOH A . 
C 3 HOH 58 268 268 HOH HOH A . 
C 3 HOH 59 269 269 HOH HOH A . 
C 3 HOH 60 270 270 HOH HOH A . 
C 3 HOH 61 271 271 HOH HOH A . 
C 3 HOH 62 272 272 HOH HOH A . 
C 3 HOH 63 273 273 HOH HOH A . 
C 3 HOH 64 274 274 HOH HOH A . 
C 3 HOH 65 275 275 HOH HOH A . 
C 3 HOH 66 276 276 HOH HOH A . 
C 3 HOH 67 277 277 HOH HOH A . 
C 3 HOH 68 278 278 HOH HOH A . 
C 3 HOH 69 279 279 HOH HOH A . 
D 3 HOH 1  41  41  HOH HOH B . 
# 
_software.name             X-PLOR 
_software.classification   refinement 
_software.version          3.8 
_software.citation_id      ? 
_software.pdbx_ordinal     1 
# 
_cell.entry_id           1BX9 
_cell.length_a           59.000 
_cell.length_b           88.830 
_cell.length_c           89.850 
_cell.angle_alpha        90.00 
_cell.angle_beta         90.00 
_cell.angle_gamma        90.00 
_cell.Z_PDB              8 
_cell.pdbx_unique_axis   ? 
_cell.length_a_esd       ? 
_cell.length_b_esd       ? 
_cell.length_c_esd       ? 
_cell.angle_alpha_esd    ? 
_cell.angle_beta_esd     ? 
_cell.angle_gamma_esd    ? 
# 
_symmetry.entry_id                         1BX9 
_symmetry.space_group_name_H-M             'C 2 2 21' 
_symmetry.pdbx_full_space_group_name_H-M   ? 
_symmetry.cell_setting                     ? 
_symmetry.Int_Tables_number                20 
_symmetry.space_group_name_Hall            ? 
# 
_exptl.entry_id          1BX9 
_exptl.method            'X-RAY DIFFRACTION' 
_exptl.crystals_number   1 
# 
_exptl_crystal.id                    1 
_exptl_crystal.density_meas          ? 
_exptl_crystal.density_Matthews      2.40 
_exptl_crystal.density_percent_sol   48.72 
_exptl_crystal.description           ? 
_exptl_crystal.F_000                 ? 
_exptl_crystal.preparation           ? 
# 
_exptl_crystal_grow.crystal_id      1 
_exptl_crystal_grow.method          ? 
_exptl_crystal_grow.temp            ? 
_exptl_crystal_grow.temp_details    ? 
_exptl_crystal_grow.pH              7.00 
_exptl_crystal_grow.pdbx_details    'pH 7.00' 
_exptl_crystal_grow.pdbx_pH_range   . 
# 
_diffrn.id                     1 
_diffrn.ambient_temp           287.0 
_diffrn.ambient_temp_details   ? 
_diffrn.crystal_id             1 
# 
_diffrn_radiation.diffrn_id                        1 
_diffrn_radiation.wavelength_id                    1 
_diffrn_radiation.pdbx_monochromatic_or_laue_m_l   M 
_diffrn_radiation.monochromator                    ? 
_diffrn_radiation.pdbx_diffrn_protocol             'SINGLE WAVELENGTH' 
_diffrn_radiation.pdbx_scattering_type             x-ray 
# 
_diffrn_radiation_wavelength.id           1 
_diffrn_radiation_wavelength.wavelength   1.541 
_diffrn_radiation_wavelength.wt           1.0 
# 
_diffrn_source.diffrn_id                   1 
_diffrn_source.source                      'ROTATING ANODE' 
_diffrn_source.type                        'RIGAKU RU200' 
_diffrn_source.pdbx_synchrotron_site       ? 
_diffrn_source.pdbx_synchrotron_beamline   ? 
_diffrn_source.pdbx_wavelength             1.541 
_diffrn_source.pdbx_wavelength_list        ? 
# 
_reflns.entry_id                     1BX9 
_reflns.observed_criterion_sigma_I   ? 
_reflns.observed_criterion_sigma_F   ? 
_reflns.d_resolution_low             8.000 
_reflns.d_resolution_high            2.600 
_reflns.number_obs                   7598 
_reflns.number_all                   ? 
_reflns.percent_possible_obs         97.8 
_reflns.pdbx_Rmerge_I_obs            0.1020000 
_reflns.pdbx_Rsym_value              ? 
_reflns.pdbx_netI_over_sigmaI        ? 
_reflns.B_iso_Wilson_estimate        ? 
_reflns.pdbx_redundancy              2.200 
_reflns.R_free_details               ? 
_reflns.limit_h_max                  ? 
_reflns.limit_h_min                  ? 
_reflns.limit_k_max                  ? 
_reflns.limit_k_min                  ? 
_reflns.limit_l_max                  ? 
_reflns.limit_l_min                  ? 
_reflns.observed_criterion_F_max     ? 
_reflns.observed_criterion_F_min     ? 
_reflns.pdbx_chi_squared             ? 
_reflns.pdbx_scaling_rejects         ? 
_reflns.pdbx_ordinal                 1 
_reflns.pdbx_diffrn_id               1 
# 
_refine.entry_id                                 1BX9 
_refine.ls_number_reflns_obs                     7598 
_refine.ls_number_reflns_all                     ? 
_refine.pdbx_ls_sigma_I                          ? 
_refine.pdbx_ls_sigma_F                          0.000 
_refine.pdbx_data_cutoff_high_absF               ? 
_refine.pdbx_data_cutoff_low_absF                ? 
_refine.pdbx_data_cutoff_high_rms_absF           ? 
_refine.ls_d_res_low                             8.00 
_refine.ls_d_res_high                            2.60 
_refine.ls_percent_reflns_obs                    97.8 
_refine.ls_R_factor_obs                          0.1960000 
_refine.ls_R_factor_all                          ? 
_refine.ls_R_factor_R_work                       0.1960000 
_refine.ls_R_factor_R_free                       0.2480000 
_refine.ls_R_factor_R_free_error                 ? 
_refine.ls_R_factor_R_free_error_details         ? 
_refine.ls_percent_reflns_R_free                 5.000 
_refine.ls_number_reflns_R_free                  ? 
_refine.ls_number_parameters                     ? 
_refine.ls_number_restraints                     ? 
_refine.occupancy_min                            ? 
_refine.occupancy_max                            ? 
_refine.B_iso_mean                               26.50 
_refine.aniso_B[1][1]                            ? 
_refine.aniso_B[2][2]                            ? 
_refine.aniso_B[3][3]                            ? 
_refine.aniso_B[1][2]                            ? 
_refine.aniso_B[1][3]                            ? 
_refine.aniso_B[2][3]                            ? 
_refine.solvent_model_details                    ? 
_refine.solvent_model_param_ksol                 ? 
_refine.solvent_model_param_bsol                 ? 
_refine.pdbx_ls_cross_valid_method               ? 
_refine.details                                  ? 
_refine.pdbx_starting_model                      ? 
_refine.pdbx_method_to_determine_struct          'MOLECULAR REPLACEMENT' 
_refine.pdbx_isotropic_thermal_model             ? 
_refine.pdbx_stereochemistry_target_values       ? 
_refine.pdbx_stereochem_target_val_spec_case     ? 
_refine.pdbx_R_Free_selection_details            RANDOM 
_refine.pdbx_overall_ESU_R_Free                  ? 
_refine.overall_SU_ML                            ? 
_refine.overall_SU_B                             ? 
_refine.ls_redundancy_reflns_obs                 ? 
_refine.B_iso_min                                ? 
_refine.B_iso_max                                ? 
_refine.pdbx_refine_id                           'X-RAY DIFFRACTION' 
_refine.pdbx_overall_ESU_R                       ? 
_refine.pdbx_overall_phase_error                 ? 
_refine.correlation_coeff_Fo_to_Fc               ? 
_refine.correlation_coeff_Fo_to_Fc_free          ? 
_refine.pdbx_solvent_vdw_probe_radii             ? 
_refine.pdbx_solvent_ion_probe_radii             ? 
_refine.pdbx_solvent_shrinkage_radii             ? 
_refine.overall_SU_R_Cruickshank_DPI             ? 
_refine.overall_SU_R_free                        ? 
_refine.ls_wR_factor_R_free                      ? 
_refine.ls_wR_factor_R_work                      ? 
_refine.overall_FOM_free_R_set                   ? 
_refine.overall_FOM_work_R_set                   ? 
_refine.pdbx_diffrn_id                           1 
_refine.pdbx_TLS_residual_ADP_flag               ? 
_refine.pdbx_overall_SU_R_free_Cruickshank_DPI   ? 
_refine.pdbx_overall_SU_R_Blow_DPI               ? 
_refine.pdbx_overall_SU_R_free_Blow_DPI          ? 
# 
_refine_hist.pdbx_refine_id                   'X-RAY DIFFRACTION' 
_refine_hist.cycle_id                         LAST 
_refine_hist.pdbx_number_atoms_protein        1727 
_refine_hist.pdbx_number_atoms_nucleic_acid   0 
_refine_hist.pdbx_number_atoms_ligand         0 
_refine_hist.number_atoms_solvent             70 
_refine_hist.number_atoms_total               1797 
_refine_hist.d_res_high                       2.60 
_refine_hist.d_res_low                        8.00 
# 
loop_
_refine_ls_restr.type 
_refine_ls_restr.dev_ideal 
_refine_ls_restr.dev_ideal_target 
_refine_ls_restr.weight 
_refine_ls_restr.number 
_refine_ls_restr.pdbx_refine_id 
_refine_ls_restr.pdbx_restraint_function 
x_bond_d                0.008 ? ? ? 'X-RAY DIFFRACTION' ? 
x_bond_d_na             ?     ? ? ? 'X-RAY DIFFRACTION' ? 
x_bond_d_prot           ?     ? ? ? 'X-RAY DIFFRACTION' ? 
x_angle_d               ?     ? ? ? 'X-RAY DIFFRACTION' ? 
x_angle_d_na            ?     ? ? ? 'X-RAY DIFFRACTION' ? 
x_angle_d_prot          ?     ? ? ? 'X-RAY DIFFRACTION' ? 
x_angle_deg             2.66  ? ? ? 'X-RAY DIFFRACTION' ? 
x_angle_deg_na          ?     ? ? ? 'X-RAY DIFFRACTION' ? 
x_angle_deg_prot        ?     ? ? ? 'X-RAY DIFFRACTION' ? 
x_dihedral_angle_d      ?     ? ? ? 'X-RAY DIFFRACTION' ? 
x_dihedral_angle_d_na   ?     ? ? ? 'X-RAY DIFFRACTION' ? 
x_dihedral_angle_d_prot ?     ? ? ? 'X-RAY DIFFRACTION' ? 
x_improper_angle_d      ?     ? ? ? 'X-RAY DIFFRACTION' ? 
x_improper_angle_d_na   ?     ? ? ? 'X-RAY DIFFRACTION' ? 
x_improper_angle_d_prot ?     ? ? ? 'X-RAY DIFFRACTION' ? 
x_mcbond_it             ?     ? ? ? 'X-RAY DIFFRACTION' ? 
x_mcangle_it            ?     ? ? ? 'X-RAY DIFFRACTION' ? 
x_scbond_it             ?     ? ? ? 'X-RAY DIFFRACTION' ? 
x_scangle_it            ?     ? ? ? 'X-RAY DIFFRACTION' ? 
# 
_struct.entry_id                  1BX9 
_struct.title                     'GLUTATHIONE S-TRANSFERASE IN COMPLEX WITH HERBICIDE' 
_struct.pdbx_model_details        ? 
_struct.pdbx_CASP_flag            ? 
_struct.pdbx_model_type_details   ? 
# 
_struct_keywords.entry_id        1BX9 
_struct_keywords.pdbx_keywords   TRANSFERASE/PEPTIDE 
_struct_keywords.text            
'HERBICIDE, FOE-4053-glutathione conjugate, product of the detoxifying reaction, TRANSFERASE, TRANSFERASE-PEPTIDE COMPLEX' 
# 
loop_
_struct_asym.id 
_struct_asym.pdbx_blank_PDB_chainid_flag 
_struct_asym.pdbx_modified 
_struct_asym.entity_id 
_struct_asym.details 
A N N 1 ? 
B N N 2 ? 
C N N 3 ? 
D N N 3 ? 
# 
loop_
_struct_ref.id 
_struct_ref.db_name 
_struct_ref.db_code 
_struct_ref.entity_id 
_struct_ref.pdbx_db_accession 
_struct_ref.pdbx_align_begin 
_struct_ref.pdbx_seq_one_letter_code 
_struct_ref.pdbx_db_isoform 
1 UNP GTH4_ARATH 1 P46422 ? ? ? 
2 PDB 1BX9       2 1BX9   ? ? ? 
# 
loop_
_struct_ref_seq.align_id 
_struct_ref_seq.ref_id 
_struct_ref_seq.pdbx_PDB_id_code 
_struct_ref_seq.pdbx_strand_id 
_struct_ref_seq.seq_align_beg 
_struct_ref_seq.pdbx_seq_align_beg_ins_code 
_struct_ref_seq.seq_align_end 
_struct_ref_seq.pdbx_seq_align_end_ins_code 
_struct_ref_seq.pdbx_db_accession 
_struct_ref_seq.db_align_beg 
_struct_ref_seq.pdbx_db_align_beg_ins_code 
_struct_ref_seq.db_align_end 
_struct_ref_seq.pdbx_db_align_end_ins_code 
_struct_ref_seq.pdbx_auth_seq_align_beg 
_struct_ref_seq.pdbx_auth_seq_align_end 
1 1 1BX9 A 1 ? 211 ? P46422 2   ? 212 ? 0   210 
2 2 1BX9 B 1 ? 3   ? 1BX9   101 ? 103 ? 101 103 
# 
_pdbx_struct_assembly.id                   1 
_pdbx_struct_assembly.details              author_defined_assembly 
_pdbx_struct_assembly.method_details       ? 
_pdbx_struct_assembly.oligomeric_details   tetrameric 
_pdbx_struct_assembly.oligomeric_count     4 
# 
_pdbx_struct_assembly_gen.assembly_id       1 
_pdbx_struct_assembly_gen.oper_expression   1,2 
_pdbx_struct_assembly_gen.asym_id_list      A,B,C,D 
# 
loop_
_pdbx_struct_oper_list.id 
_pdbx_struct_oper_list.type 
_pdbx_struct_oper_list.name 
_pdbx_struct_oper_list.symmetry_operation 
_pdbx_struct_oper_list.matrix[1][1] 
_pdbx_struct_oper_list.matrix[1][2] 
_pdbx_struct_oper_list.matrix[1][3] 
_pdbx_struct_oper_list.vector[1] 
_pdbx_struct_oper_list.matrix[2][1] 
_pdbx_struct_oper_list.matrix[2][2] 
_pdbx_struct_oper_list.matrix[2][3] 
_pdbx_struct_oper_list.vector[2] 
_pdbx_struct_oper_list.matrix[3][1] 
_pdbx_struct_oper_list.matrix[3][2] 
_pdbx_struct_oper_list.matrix[3][3] 
_pdbx_struct_oper_list.vector[3] 
1 'identity operation'         1_555 x,y,z         1.0000000000  0.0000000000 0.0000000000  0.0000000000 0.0000000000 1.0000000000  0.0000000000  0.0000000000 0.0000000000  0.0000000000  1.0000000000  0.0000000000  
2 'crystal symmetry operation' 3_655 -x+1,y,-z+1/2 -0.0637480971 0.9450473547 -0.3206581941 5.1865115605 0.9450473547 -0.0460745662 -0.3236705604 2.9553153351 -0.3206581941 -0.3236705604 -0.8901773368 23.8534189975 
# 
_struct_biol.id        1 
_struct_biol.details   ? 
# 
loop_
_struct_conf.conf_type_id 
_struct_conf.id 
_struct_conf.pdbx_PDB_helix_id 
_struct_conf.beg_label_comp_id 
_struct_conf.beg_label_asym_id 
_struct_conf.beg_label_seq_id 
_struct_conf.pdbx_beg_PDB_ins_code 
_struct_conf.end_label_comp_id 
_struct_conf.end_label_asym_id 
_struct_conf.end_label_seq_id 
_struct_conf.pdbx_end_PDB_ins_code 
_struct_conf.beg_auth_comp_id 
_struct_conf.beg_auth_asym_id 
_struct_conf.beg_auth_seq_id 
_struct_conf.end_auth_comp_id 
_struct_conf.end_auth_asym_id 
_struct_conf.end_auth_seq_id 
_struct_conf.pdbx_PDB_helix_class 
_struct_conf.details 
_struct_conf.pdbx_PDB_helix_length 
HELX_P HELX_P1  1  ILE A 12  ? GLU A 23  ? ILE A 11  GLU A 22  1 ? 12 
HELX_P HELX_P2  2  GLU A 39  ? LYS A 41  ? GLU A 38  LYS A 40  5 ? 3  
HELX_P HELX_P3  3  PHE A 45  ? SER A 47  ? PHE A 44  SER A 46  5 ? 3  
HELX_P HELX_P4  4  SER A 67  ? ARG A 77  ? SER A 66  ARG A 76  1 ? 11 
HELX_P HELX_P5  5  ILE A 93  ? HIS A 108 ? ILE A 92  HIS A 107 1 ? 16 
HELX_P HELX_P6  6  ASP A 111 ? ILE A 122 ? ASP A 110 ILE A 121 1 ? 12 
HELX_P HELX_P7  7  SER A 125 ? TYR A 127 ? SER A 124 TYR A 126 5 ? 3  
HELX_P HELX_P8  8  GLU A 133 ? GLU A 156 ? GLU A 132 GLU A 155 1 ? 24 
HELX_P HELX_P9  9  LEU A 167 ? GLY A 181 ? LEU A 166 GLY A 180 1 ? 15 
HELX_P HELX_P10 10 PRO A 183 ? THR A 189 ? PRO A 182 THR A 188 5 ? 7  
HELX_P HELX_P11 11 PRO A 192 ? ILE A 201 ? PRO A 191 ILE A 200 1 ? 10 
HELX_P HELX_P12 12 PRO A 205 ? GLU A 208 ? PRO A 204 GLU A 207 1 ? 4  
# 
_struct_conf_type.id          HELX_P 
_struct_conf_type.criteria    ? 
_struct_conf_type.reference   ? 
# 
loop_
_struct_conn.id 
_struct_conn.conn_type_id 
_struct_conn.pdbx_leaving_atom_flag 
_struct_conn.pdbx_PDB_id 
_struct_conn.ptnr1_label_asym_id 
_struct_conn.ptnr1_label_comp_id 
_struct_conn.ptnr1_label_seq_id 
_struct_conn.ptnr1_label_atom_id 
_struct_conn.pdbx_ptnr1_label_alt_id 
_struct_conn.pdbx_ptnr1_PDB_ins_code 
_struct_conn.pdbx_ptnr1_standard_comp_id 
_struct_conn.ptnr1_symmetry 
_struct_conn.ptnr2_label_asym_id 
_struct_conn.ptnr2_label_comp_id 
_struct_conn.ptnr2_label_seq_id 
_struct_conn.ptnr2_label_atom_id 
_struct_conn.pdbx_ptnr2_label_alt_id 
_struct_conn.pdbx_ptnr2_PDB_ins_code 
_struct_conn.ptnr1_auth_asym_id 
_struct_conn.ptnr1_auth_comp_id 
_struct_conn.ptnr1_auth_seq_id 
_struct_conn.ptnr2_auth_asym_id 
_struct_conn.ptnr2_auth_comp_id 
_struct_conn.ptnr2_auth_seq_id 
_struct_conn.ptnr2_symmetry 
_struct_conn.pdbx_ptnr3_label_atom_id 
_struct_conn.pdbx_ptnr3_label_seq_id 
_struct_conn.pdbx_ptnr3_label_comp_id 
_struct_conn.pdbx_ptnr3_label_asym_id 
_struct_conn.pdbx_ptnr3_label_alt_id 
_struct_conn.pdbx_ptnr3_PDB_ins_code 
_struct_conn.details 
_struct_conn.pdbx_dist_value 
_struct_conn.pdbx_value_order 
_struct_conn.pdbx_role 
covale1 covale both ? B GGL 1 CD ? ? ? 1_555 B FOE 2 N ? ? B GGL 101 B FOE 102 1_555 ? ? ? ? ? ? ? 1.326 ? ? 
covale2 covale both ? B FOE 2 C  ? ? ? 1_555 B GLY 3 N ? ? B FOE 102 B GLY 103 1_555 ? ? ? ? ? ? ? 1.331 ? ? 
# 
_struct_conn_type.id          covale 
_struct_conn_type.criteria    ? 
_struct_conn_type.reference   ? 
# 
loop_
_pdbx_modification_feature.ordinal 
_pdbx_modification_feature.label_comp_id 
_pdbx_modification_feature.label_asym_id 
_pdbx_modification_feature.label_seq_id 
_pdbx_modification_feature.label_alt_id 
_pdbx_modification_feature.modified_residue_label_comp_id 
_pdbx_modification_feature.modified_residue_label_asym_id 
_pdbx_modification_feature.modified_residue_label_seq_id 
_pdbx_modification_feature.modified_residue_label_alt_id 
_pdbx_modification_feature.auth_comp_id 
_pdbx_modification_feature.auth_asym_id 
_pdbx_modification_feature.auth_seq_id 
_pdbx_modification_feature.PDB_ins_code 
_pdbx_modification_feature.symmetry 
_pdbx_modification_feature.modified_residue_auth_comp_id 
_pdbx_modification_feature.modified_residue_auth_asym_id 
_pdbx_modification_feature.modified_residue_auth_seq_id 
_pdbx_modification_feature.modified_residue_PDB_ins_code 
_pdbx_modification_feature.modified_residue_symmetry 
_pdbx_modification_feature.comp_id_linking_atom 
_pdbx_modification_feature.modified_residue_id_linking_atom 
_pdbx_modification_feature.modified_residue_id 
_pdbx_modification_feature.ref_pcm_id 
_pdbx_modification_feature.ref_comp_id 
_pdbx_modification_feature.type 
_pdbx_modification_feature.category 
1 GGL B 1 ? .   . . . GGL B 101 ? 1_555 .   . .   . .     .  . ?   1 GGL None 'Non-standard residue' 
2 FOE B 2 ? .   . . . FOE B 102 ? 1_555 .   . .   . .     .  . CYS 1 FOE None 'Non-standard residue' 
3 GGL B 1 ? FOE B 2 ? GGL B 101 ? 1_555 FOE B 102 ? 1_555 CD N .   . .   None 'Non-standard linkage' 
# 
loop_
_struct_mon_prot_cis.pdbx_id 
_struct_mon_prot_cis.label_comp_id 
_struct_mon_prot_cis.label_seq_id 
_struct_mon_prot_cis.label_asym_id 
_struct_mon_prot_cis.label_alt_id 
_struct_mon_prot_cis.pdbx_PDB_ins_code 
_struct_mon_prot_cis.auth_comp_id 
_struct_mon_prot_cis.auth_seq_id 
_struct_mon_prot_cis.auth_asym_id 
_struct_mon_prot_cis.pdbx_label_comp_id_2 
_struct_mon_prot_cis.pdbx_label_seq_id_2 
_struct_mon_prot_cis.pdbx_label_asym_id_2 
_struct_mon_prot_cis.pdbx_PDB_ins_code_2 
_struct_mon_prot_cis.pdbx_auth_comp_id_2 
_struct_mon_prot_cis.pdbx_auth_seq_id_2 
_struct_mon_prot_cis.pdbx_auth_asym_id_2 
_struct_mon_prot_cis.pdbx_PDB_model_num 
_struct_mon_prot_cis.pdbx_omega_angle 
1 GLU 43 A . ? GLU 42 A PRO 44 A ? PRO 43 A 1 0.21 
2 VAL 54 A . ? VAL 53 A PRO 55 A ? PRO 54 A 1 0.38 
# 
_struct_sheet.id               A 
_struct_sheet.type             ? 
_struct_sheet.number_strands   4 
_struct_sheet.details          ? 
# 
loop_
_struct_sheet_order.sheet_id 
_struct_sheet_order.range_id_1 
_struct_sheet_order.range_id_2 
_struct_sheet_order.offset 
_struct_sheet_order.sense 
A 1 2 ? parallel      
A 2 3 ? anti-parallel 
A 3 4 ? anti-parallel 
# 
loop_
_struct_sheet_range.sheet_id 
_struct_sheet_range.id 
_struct_sheet_range.beg_label_comp_id 
_struct_sheet_range.beg_label_asym_id 
_struct_sheet_range.beg_label_seq_id 
_struct_sheet_range.pdbx_beg_PDB_ins_code 
_struct_sheet_range.end_label_comp_id 
_struct_sheet_range.end_label_asym_id 
_struct_sheet_range.end_label_seq_id 
_struct_sheet_range.pdbx_end_PDB_ins_code 
_struct_sheet_range.beg_auth_comp_id 
_struct_sheet_range.beg_auth_asym_id 
_struct_sheet_range.beg_auth_seq_id 
_struct_sheet_range.end_auth_comp_id 
_struct_sheet_range.end_auth_asym_id 
_struct_sheet_range.end_auth_seq_id 
A 1 GLU A 29 ? HIS A 32 ? GLU A 28 HIS A 31 
A 2 ILE A 3  ? GLY A 7  ? ILE A 2  GLY A 6  
A 3 ALA A 56 ? ASP A 59 ? ALA A 55 ASP A 58 
A 4 LEU A 62 ? PHE A 65 ? LEU A 61 PHE A 64 
# 
loop_
_pdbx_struct_sheet_hbond.sheet_id 
_pdbx_struct_sheet_hbond.range_id_1 
_pdbx_struct_sheet_hbond.range_id_2 
_pdbx_struct_sheet_hbond.range_1_label_atom_id 
_pdbx_struct_sheet_hbond.range_1_label_comp_id 
_pdbx_struct_sheet_hbond.range_1_label_asym_id 
_pdbx_struct_sheet_hbond.range_1_label_seq_id 
_pdbx_struct_sheet_hbond.range_1_PDB_ins_code 
_pdbx_struct_sheet_hbond.range_1_auth_atom_id 
_pdbx_struct_sheet_hbond.range_1_auth_comp_id 
_pdbx_struct_sheet_hbond.range_1_auth_asym_id 
_pdbx_struct_sheet_hbond.range_1_auth_seq_id 
_pdbx_struct_sheet_hbond.range_2_label_atom_id 
_pdbx_struct_sheet_hbond.range_2_label_comp_id 
_pdbx_struct_sheet_hbond.range_2_label_asym_id 
_pdbx_struct_sheet_hbond.range_2_label_seq_id 
_pdbx_struct_sheet_hbond.range_2_PDB_ins_code 
_pdbx_struct_sheet_hbond.range_2_auth_atom_id 
_pdbx_struct_sheet_hbond.range_2_auth_comp_id 
_pdbx_struct_sheet_hbond.range_2_auth_asym_id 
_pdbx_struct_sheet_hbond.range_2_auth_seq_id 
A 1 2 O GLU A 29 ? O GLU A 28 N VAL A 5  ? N VAL A 4  
A 2 3 O LYS A 4  ? O LYS A 3  N GLU A 58 ? N GLU A 57 
A 3 4 O PHE A 57 ? O PHE A 56 N LEU A 64 ? N LEU A 63 
# 
_struct_site.id                   AC1 
_struct_site.pdbx_evidence_code   Software 
_struct_site.pdbx_auth_asym_id    ? 
_struct_site.pdbx_auth_comp_id    ? 
_struct_site.pdbx_auth_seq_id     ? 
_struct_site.pdbx_auth_ins_code   ? 
_struct_site.pdbx_num_residues    13 
_struct_site.details              'BINDING SITE FOR CHAIN B OF FOE-4053-GLUTATHIONE CONJUGATE GGL-FOE-GLY' 
# 
loop_
_struct_site_gen.id 
_struct_site_gen.site_id 
_struct_site_gen.pdbx_num_res 
_struct_site_gen.label_comp_id 
_struct_site_gen.label_asym_id 
_struct_site_gen.label_seq_id 
_struct_site_gen.pdbx_auth_ins_code 
_struct_site_gen.auth_comp_id 
_struct_site_gen.auth_asym_id 
_struct_site_gen.auth_seq_id 
_struct_site_gen.label_atom_id 
_struct_site_gen.label_alt_id 
_struct_site_gen.symmetry 
_struct_site_gen.details 
1  AC1 13 SER A 11  ? SER A 10  . ? 1_555 ? 
2  AC1 13 ILE A 12  ? ILE A 11  . ? 1_555 ? 
3  AC1 13 HIS A 40  ? HIS A 39  . ? 1_555 ? 
4  AC1 13 LYS A 41  ? LYS A 40  . ? 1_555 ? 
5  AC1 13 GLN A 53  ? GLN A 52  . ? 1_555 ? 
6  AC1 13 VAL A 54  ? VAL A 53  . ? 1_555 ? 
7  AC1 13 GLU A 66  ? GLU A 65  . ? 1_555 ? 
8  AC1 13 SER A 67  ? SER A 66  . ? 1_555 ? 
9  AC1 13 ARG A 68  ? ARG A 67  . ? 1_555 ? 
10 AC1 13 PHE A 123 ? PHE A 122 . ? 1_555 ? 
11 AC1 13 HOH C .   ? HOH A 253 . ? 1_555 ? 
12 AC1 13 HOH C .   ? HOH A 279 . ? 1_555 ? 
13 AC1 13 HOH D .   ? HOH B 41  . ? 1_555 ? 
# 
_pdbx_entry_details.entry_id                   1BX9 
_pdbx_entry_details.compound_details           ? 
_pdbx_entry_details.source_details             ? 
_pdbx_entry_details.nonpolymer_details         ? 
_pdbx_entry_details.sequence_details           ? 
_pdbx_entry_details.has_ligand_of_interest     ? 
_pdbx_entry_details.has_protein_modification   Y 
# 
_pdbx_validate_rmsd_angle.id                         1 
_pdbx_validate_rmsd_angle.PDB_model_num              1 
_pdbx_validate_rmsd_angle.auth_atom_id_1             C 
_pdbx_validate_rmsd_angle.auth_asym_id_1             A 
_pdbx_validate_rmsd_angle.auth_comp_id_1             ARG 
_pdbx_validate_rmsd_angle.auth_seq_id_1              190 
_pdbx_validate_rmsd_angle.PDB_ins_code_1             ? 
_pdbx_validate_rmsd_angle.label_alt_id_1             ? 
_pdbx_validate_rmsd_angle.auth_atom_id_2             N 
_pdbx_validate_rmsd_angle.auth_asym_id_2             A 
_pdbx_validate_rmsd_angle.auth_comp_id_2             PRO 
_pdbx_validate_rmsd_angle.auth_seq_id_2              191 
_pdbx_validate_rmsd_angle.PDB_ins_code_2             ? 
_pdbx_validate_rmsd_angle.label_alt_id_2             ? 
_pdbx_validate_rmsd_angle.auth_atom_id_3             CA 
_pdbx_validate_rmsd_angle.auth_asym_id_3             A 
_pdbx_validate_rmsd_angle.auth_comp_id_3             PRO 
_pdbx_validate_rmsd_angle.auth_seq_id_3              191 
_pdbx_validate_rmsd_angle.PDB_ins_code_3             ? 
_pdbx_validate_rmsd_angle.label_alt_id_3             ? 
_pdbx_validate_rmsd_angle.angle_value                128.57 
_pdbx_validate_rmsd_angle.angle_target_value         119.30 
_pdbx_validate_rmsd_angle.angle_deviation            9.27 
_pdbx_validate_rmsd_angle.angle_standard_deviation   1.50 
_pdbx_validate_rmsd_angle.linker_flag                Y 
# 
loop_
_pdbx_validate_torsion.id 
_pdbx_validate_torsion.PDB_model_num 
_pdbx_validate_torsion.auth_comp_id 
_pdbx_validate_torsion.auth_asym_id 
_pdbx_validate_torsion.auth_seq_id 
_pdbx_validate_torsion.PDB_ins_code 
_pdbx_validate_torsion.label_alt_id 
_pdbx_validate_torsion.phi 
_pdbx_validate_torsion.psi 
1 1 GLU A 65  ? ? 78.08   105.53 
2 1 ASN A 79  ? ? -76.57  39.21  
3 1 ILE A 121 ? ? -141.25 -25.95 
4 1 TYR A 126 ? ? -95.40  32.66  
# 
_pdbx_struct_mod_residue.id               1 
_pdbx_struct_mod_residue.label_asym_id    B 
_pdbx_struct_mod_residue.label_comp_id    FOE 
_pdbx_struct_mod_residue.label_seq_id     2 
_pdbx_struct_mod_residue.auth_asym_id     B 
_pdbx_struct_mod_residue.auth_comp_id     FOE 
_pdbx_struct_mod_residue.auth_seq_id      102 
_pdbx_struct_mod_residue.PDB_ins_code     ? 
_pdbx_struct_mod_residue.parent_comp_id   CYS 
_pdbx_struct_mod_residue.details          ? 
# 
_pdbx_unobs_or_zero_occ_residues.id               1 
_pdbx_unobs_or_zero_occ_residues.PDB_model_num    1 
_pdbx_unobs_or_zero_occ_residues.polymer_flag     Y 
_pdbx_unobs_or_zero_occ_residues.occupancy_flag   1 
_pdbx_unobs_or_zero_occ_residues.auth_asym_id     A 
_pdbx_unobs_or_zero_occ_residues.auth_comp_id     ALA 
_pdbx_unobs_or_zero_occ_residues.auth_seq_id      0 
_pdbx_unobs_or_zero_occ_residues.PDB_ins_code     ? 
_pdbx_unobs_or_zero_occ_residues.label_asym_id    A 
_pdbx_unobs_or_zero_occ_residues.label_comp_id    ALA 
_pdbx_unobs_or_zero_occ_residues.label_seq_id     1 
# 
loop_
_chem_comp_atom.comp_id 
_chem_comp_atom.atom_id 
_chem_comp_atom.type_symbol 
_chem_comp_atom.pdbx_aromatic_flag 
_chem_comp_atom.pdbx_stereo_config 
_chem_comp_atom.pdbx_ordinal 
ALA N    N N N 1   
ALA CA   C N S 2   
ALA C    C N N 3   
ALA O    O N N 4   
ALA CB   C N N 5   
ALA OXT  O N N 6   
ALA H    H N N 7   
ALA H2   H N N 8   
ALA HA   H N N 9   
ALA HB1  H N N 10  
ALA HB2  H N N 11  
ALA HB3  H N N 12  
ALA HXT  H N N 13  
ARG N    N N N 14  
ARG CA   C N S 15  
ARG C    C N N 16  
ARG O    O N N 17  
ARG CB   C N N 18  
ARG CG   C N N 19  
ARG CD   C N N 20  
ARG NE   N N N 21  
ARG CZ   C N N 22  
ARG NH1  N N N 23  
ARG NH2  N N N 24  
ARG OXT  O N N 25  
ARG H    H N N 26  
ARG H2   H N N 27  
ARG HA   H N N 28  
ARG HB2  H N N 29  
ARG HB3  H N N 30  
ARG HG2  H N N 31  
ARG HG3  H N N 32  
ARG HD2  H N N 33  
ARG HD3  H N N 34  
ARG HE   H N N 35  
ARG HH11 H N N 36  
ARG HH12 H N N 37  
ARG HH21 H N N 38  
ARG HH22 H N N 39  
ARG HXT  H N N 40  
ASN N    N N N 41  
ASN CA   C N S 42  
ASN C    C N N 43  
ASN O    O N N 44  
ASN CB   C N N 45  
ASN CG   C N N 46  
ASN OD1  O N N 47  
ASN ND2  N N N 48  
ASN OXT  O N N 49  
ASN H    H N N 50  
ASN H2   H N N 51  
ASN HA   H N N 52  
ASN HB2  H N N 53  
ASN HB3  H N N 54  
ASN HD21 H N N 55  
ASN HD22 H N N 56  
ASN HXT  H N N 57  
ASP N    N N N 58  
ASP CA   C N S 59  
ASP C    C N N 60  
ASP O    O N N 61  
ASP CB   C N N 62  
ASP CG   C N N 63  
ASP OD1  O N N 64  
ASP OD2  O N N 65  
ASP OXT  O N N 66  
ASP H    H N N 67  
ASP H2   H N N 68  
ASP HA   H N N 69  
ASP HB2  H N N 70  
ASP HB3  H N N 71  
ASP HD2  H N N 72  
ASP HXT  H N N 73  
FOE N    N N N 74  
FOE CA   C N R 75  
FOE C    C N N 76  
FOE O    O N N 77  
FOE CB   C N N 78  
FOE SG   S N N 79  
FOE C1   C N N 80  
FOE C2   C N N 81  
FOE O3   O N N 82  
FOE N4   N N N 83  
FOE C5   C N N 84  
FOE C6   C N N 85  
FOE C7   C N N 86  
FOE C8   C Y N 87  
FOE C9   C Y N 88  
FOE C10  C Y N 89  
FOE C11  C Y N 90  
FOE C12  C Y N 91  
FOE C13  C Y N 92  
FOE F14  F N N 93  
FOE OXT  O N N 94  
FOE H    H N N 95  
FOE H2   H N N 96  
FOE HA   H N N 97  
FOE HB2  H N N 98  
FOE HB3  H N N 99  
FOE H11A H N N 100 
FOE H12A H N N 101 
FOE H51  H N N 102 
FOE H52  H N N 103 
FOE H53  H N N 104 
FOE H6   H N N 105 
FOE H71  H N N 106 
FOE H72  H N N 107 
FOE H73  H N N 108 
FOE H8   H N N 109 
FOE H9   H N N 110 
FOE H11  H N N 111 
FOE H12  H N N 112 
FOE HXT  H N N 113 
GGL N    N N N 114 
GGL CA   C N S 115 
GGL C    C N N 116 
GGL O    O N N 117 
GGL CB   C N N 118 
GGL CG   C N N 119 
GGL CD   C N N 120 
GGL OE1  O N N 121 
GGL OE2  O N N 122 
GGL OXT  O N N 123 
GGL H    H N N 124 
GGL H2   H N N 125 
GGL HA   H N N 126 
GGL HB2  H N N 127 
GGL HB3  H N N 128 
GGL HG2  H N N 129 
GGL HG3  H N N 130 
GGL HE2  H N N 131 
GGL HXT  H N N 132 
GLN N    N N N 133 
GLN CA   C N S 134 
GLN C    C N N 135 
GLN O    O N N 136 
GLN CB   C N N 137 
GLN CG   C N N 138 
GLN CD   C N N 139 
GLN OE1  O N N 140 
GLN NE2  N N N 141 
GLN OXT  O N N 142 
GLN H    H N N 143 
GLN H2   H N N 144 
GLN HA   H N N 145 
GLN HB2  H N N 146 
GLN HB3  H N N 147 
GLN HG2  H N N 148 
GLN HG3  H N N 149 
GLN HE21 H N N 150 
GLN HE22 H N N 151 
GLN HXT  H N N 152 
GLU N    N N N 153 
GLU CA   C N S 154 
GLU C    C N N 155 
GLU O    O N N 156 
GLU CB   C N N 157 
GLU CG   C N N 158 
GLU CD   C N N 159 
GLU OE1  O N N 160 
GLU OE2  O N N 161 
GLU OXT  O N N 162 
GLU H    H N N 163 
GLU H2   H N N 164 
GLU HA   H N N 165 
GLU HB2  H N N 166 
GLU HB3  H N N 167 
GLU HG2  H N N 168 
GLU HG3  H N N 169 
GLU HE2  H N N 170 
GLU HXT  H N N 171 
GLY N    N N N 172 
GLY CA   C N N 173 
GLY C    C N N 174 
GLY O    O N N 175 
GLY OXT  O N N 176 
GLY H    H N N 177 
GLY H2   H N N 178 
GLY HA2  H N N 179 
GLY HA3  H N N 180 
GLY HXT  H N N 181 
HIS N    N N N 182 
HIS CA   C N S 183 
HIS C    C N N 184 
HIS O    O N N 185 
HIS CB   C N N 186 
HIS CG   C Y N 187 
HIS ND1  N Y N 188 
HIS CD2  C Y N 189 
HIS CE1  C Y N 190 
HIS NE2  N Y N 191 
HIS OXT  O N N 192 
HIS H    H N N 193 
HIS H2   H N N 194 
HIS HA   H N N 195 
HIS HB2  H N N 196 
HIS HB3  H N N 197 
HIS HD1  H N N 198 
HIS HD2  H N N 199 
HIS HE1  H N N 200 
HIS HE2  H N N 201 
HIS HXT  H N N 202 
HOH O    O N N 203 
HOH H1   H N N 204 
HOH H2   H N N 205 
ILE N    N N N 206 
ILE CA   C N S 207 
ILE C    C N N 208 
ILE O    O N N 209 
ILE CB   C N S 210 
ILE CG1  C N N 211 
ILE CG2  C N N 212 
ILE CD1  C N N 213 
ILE OXT  O N N 214 
ILE H    H N N 215 
ILE H2   H N N 216 
ILE HA   H N N 217 
ILE HB   H N N 218 
ILE HG12 H N N 219 
ILE HG13 H N N 220 
ILE HG21 H N N 221 
ILE HG22 H N N 222 
ILE HG23 H N N 223 
ILE HD11 H N N 224 
ILE HD12 H N N 225 
ILE HD13 H N N 226 
ILE HXT  H N N 227 
LEU N    N N N 228 
LEU CA   C N S 229 
LEU C    C N N 230 
LEU O    O N N 231 
LEU CB   C N N 232 
LEU CG   C N N 233 
LEU CD1  C N N 234 
LEU CD2  C N N 235 
LEU OXT  O N N 236 
LEU H    H N N 237 
LEU H2   H N N 238 
LEU HA   H N N 239 
LEU HB2  H N N 240 
LEU HB3  H N N 241 
LEU HG   H N N 242 
LEU HD11 H N N 243 
LEU HD12 H N N 244 
LEU HD13 H N N 245 
LEU HD21 H N N 246 
LEU HD22 H N N 247 
LEU HD23 H N N 248 
LEU HXT  H N N 249 
LYS N    N N N 250 
LYS CA   C N S 251 
LYS C    C N N 252 
LYS O    O N N 253 
LYS CB   C N N 254 
LYS CG   C N N 255 
LYS CD   C N N 256 
LYS CE   C N N 257 
LYS NZ   N N N 258 
LYS OXT  O N N 259 
LYS H    H N N 260 
LYS H2   H N N 261 
LYS HA   H N N 262 
LYS HB2  H N N 263 
LYS HB3  H N N 264 
LYS HG2  H N N 265 
LYS HG3  H N N 266 
LYS HD2  H N N 267 
LYS HD3  H N N 268 
LYS HE2  H N N 269 
LYS HE3  H N N 270 
LYS HZ1  H N N 271 
LYS HZ2  H N N 272 
LYS HZ3  H N N 273 
LYS HXT  H N N 274 
MET N    N N N 275 
MET CA   C N S 276 
MET C    C N N 277 
MET O    O N N 278 
MET CB   C N N 279 
MET CG   C N N 280 
MET SD   S N N 281 
MET CE   C N N 282 
MET OXT  O N N 283 
MET H    H N N 284 
MET H2   H N N 285 
MET HA   H N N 286 
MET HB2  H N N 287 
MET HB3  H N N 288 
MET HG2  H N N 289 
MET HG3  H N N 290 
MET HE1  H N N 291 
MET HE2  H N N 292 
MET HE3  H N N 293 
MET HXT  H N N 294 
PHE N    N N N 295 
PHE CA   C N S 296 
PHE C    C N N 297 
PHE O    O N N 298 
PHE CB   C N N 299 
PHE CG   C Y N 300 
PHE CD1  C Y N 301 
PHE CD2  C Y N 302 
PHE CE1  C Y N 303 
PHE CE2  C Y N 304 
PHE CZ   C Y N 305 
PHE OXT  O N N 306 
PHE H    H N N 307 
PHE H2   H N N 308 
PHE HA   H N N 309 
PHE HB2  H N N 310 
PHE HB3  H N N 311 
PHE HD1  H N N 312 
PHE HD2  H N N 313 
PHE HE1  H N N 314 
PHE HE2  H N N 315 
PHE HZ   H N N 316 
PHE HXT  H N N 317 
PRO N    N N N 318 
PRO CA   C N S 319 
PRO C    C N N 320 
PRO O    O N N 321 
PRO CB   C N N 322 
PRO CG   C N N 323 
PRO CD   C N N 324 
PRO OXT  O N N 325 
PRO H    H N N 326 
PRO HA   H N N 327 
PRO HB2  H N N 328 
PRO HB3  H N N 329 
PRO HG2  H N N 330 
PRO HG3  H N N 331 
PRO HD2  H N N 332 
PRO HD3  H N N 333 
PRO HXT  H N N 334 
SER N    N N N 335 
SER CA   C N S 336 
SER C    C N N 337 
SER O    O N N 338 
SER CB   C N N 339 
SER OG   O N N 340 
SER OXT  O N N 341 
SER H    H N N 342 
SER H2   H N N 343 
SER HA   H N N 344 
SER HB2  H N N 345 
SER HB3  H N N 346 
SER HG   H N N 347 
SER HXT  H N N 348 
THR N    N N N 349 
THR CA   C N S 350 
THR C    C N N 351 
THR O    O N N 352 
THR CB   C N R 353 
THR OG1  O N N 354 
THR CG2  C N N 355 
THR OXT  O N N 356 
THR H    H N N 357 
THR H2   H N N 358 
THR HA   H N N 359 
THR HB   H N N 360 
THR HG1  H N N 361 
THR HG21 H N N 362 
THR HG22 H N N 363 
THR HG23 H N N 364 
THR HXT  H N N 365 
TRP N    N N N 366 
TRP CA   C N S 367 
TRP C    C N N 368 
TRP O    O N N 369 
TRP CB   C N N 370 
TRP CG   C Y N 371 
TRP CD1  C Y N 372 
TRP CD2  C Y N 373 
TRP NE1  N Y N 374 
TRP CE2  C Y N 375 
TRP CE3  C Y N 376 
TRP CZ2  C Y N 377 
TRP CZ3  C Y N 378 
TRP CH2  C Y N 379 
TRP OXT  O N N 380 
TRP H    H N N 381 
TRP H2   H N N 382 
TRP HA   H N N 383 
TRP HB2  H N N 384 
TRP HB3  H N N 385 
TRP HD1  H N N 386 
TRP HE1  H N N 387 
TRP HE3  H N N 388 
TRP HZ2  H N N 389 
TRP HZ3  H N N 390 
TRP HH2  H N N 391 
TRP HXT  H N N 392 
TYR N    N N N 393 
TYR CA   C N S 394 
TYR C    C N N 395 
TYR O    O N N 396 
TYR CB   C N N 397 
TYR CG   C Y N 398 
TYR CD1  C Y N 399 
TYR CD2  C Y N 400 
TYR CE1  C Y N 401 
TYR CE2  C Y N 402 
TYR CZ   C Y N 403 
TYR OH   O N N 404 
TYR OXT  O N N 405 
TYR H    H N N 406 
TYR H2   H N N 407 
TYR HA   H N N 408 
TYR HB2  H N N 409 
TYR HB3  H N N 410 
TYR HD1  H N N 411 
TYR HD2  H N N 412 
TYR HE1  H N N 413 
TYR HE2  H N N 414 
TYR HH   H N N 415 
TYR HXT  H N N 416 
VAL N    N N N 417 
VAL CA   C N S 418 
VAL C    C N N 419 
VAL O    O N N 420 
VAL CB   C N N 421 
VAL CG1  C N N 422 
VAL CG2  C N N 423 
VAL OXT  O N N 424 
VAL H    H N N 425 
VAL H2   H N N 426 
VAL HA   H N N 427 
VAL HB   H N N 428 
VAL HG11 H N N 429 
VAL HG12 H N N 430 
VAL HG13 H N N 431 
VAL HG21 H N N 432 
VAL HG22 H N N 433 
VAL HG23 H N N 434 
VAL HXT  H N N 435 
# 
loop_
_chem_comp_bond.comp_id 
_chem_comp_bond.atom_id_1 
_chem_comp_bond.atom_id_2 
_chem_comp_bond.value_order 
_chem_comp_bond.pdbx_aromatic_flag 
_chem_comp_bond.pdbx_stereo_config 
_chem_comp_bond.pdbx_ordinal 
ALA N   CA   sing N N 1   
ALA N   H    sing N N 2   
ALA N   H2   sing N N 3   
ALA CA  C    sing N N 4   
ALA CA  CB   sing N N 5   
ALA CA  HA   sing N N 6   
ALA C   O    doub N N 7   
ALA C   OXT  sing N N 8   
ALA CB  HB1  sing N N 9   
ALA CB  HB2  sing N N 10  
ALA CB  HB3  sing N N 11  
ALA OXT HXT  sing N N 12  
ARG N   CA   sing N N 13  
ARG N   H    sing N N 14  
ARG N   H2   sing N N 15  
ARG CA  C    sing N N 16  
ARG CA  CB   sing N N 17  
ARG CA  HA   sing N N 18  
ARG C   O    doub N N 19  
ARG C   OXT  sing N N 20  
ARG CB  CG   sing N N 21  
ARG CB  HB2  sing N N 22  
ARG CB  HB3  sing N N 23  
ARG CG  CD   sing N N 24  
ARG CG  HG2  sing N N 25  
ARG CG  HG3  sing N N 26  
ARG CD  NE   sing N N 27  
ARG CD  HD2  sing N N 28  
ARG CD  HD3  sing N N 29  
ARG NE  CZ   sing N N 30  
ARG NE  HE   sing N N 31  
ARG CZ  NH1  sing N N 32  
ARG CZ  NH2  doub N N 33  
ARG NH1 HH11 sing N N 34  
ARG NH1 HH12 sing N N 35  
ARG NH2 HH21 sing N N 36  
ARG NH2 HH22 sing N N 37  
ARG OXT HXT  sing N N 38  
ASN N   CA   sing N N 39  
ASN N   H    sing N N 40  
ASN N   H2   sing N N 41  
ASN CA  C    sing N N 42  
ASN CA  CB   sing N N 43  
ASN CA  HA   sing N N 44  
ASN C   O    doub N N 45  
ASN C   OXT  sing N N 46  
ASN CB  CG   sing N N 47  
ASN CB  HB2  sing N N 48  
ASN CB  HB3  sing N N 49  
ASN CG  OD1  doub N N 50  
ASN CG  ND2  sing N N 51  
ASN ND2 HD21 sing N N 52  
ASN ND2 HD22 sing N N 53  
ASN OXT HXT  sing N N 54  
ASP N   CA   sing N N 55  
ASP N   H    sing N N 56  
ASP N   H2   sing N N 57  
ASP CA  C    sing N N 58  
ASP CA  CB   sing N N 59  
ASP CA  HA   sing N N 60  
ASP C   O    doub N N 61  
ASP C   OXT  sing N N 62  
ASP CB  CG   sing N N 63  
ASP CB  HB2  sing N N 64  
ASP CB  HB3  sing N N 65  
ASP CG  OD1  doub N N 66  
ASP CG  OD2  sing N N 67  
ASP OD2 HD2  sing N N 68  
ASP OXT HXT  sing N N 69  
FOE N   CA   sing N N 70  
FOE N   H    sing N N 71  
FOE N   H2   sing N N 72  
FOE CA  C    sing N N 73  
FOE CA  CB   sing N N 74  
FOE CA  HA   sing N N 75  
FOE C   O    doub N N 76  
FOE C   OXT  sing N N 77  
FOE CB  SG   sing N N 78  
FOE CB  HB2  sing N N 79  
FOE CB  HB3  sing N N 80  
FOE SG  C1   sing N N 81  
FOE C1  C2   sing N N 82  
FOE C1  H11A sing N N 83  
FOE C1  H12A sing N N 84  
FOE C2  O3   doub N N 85  
FOE C2  N4   sing N N 86  
FOE N4  C6   sing N N 87  
FOE N4  C10  sing N N 88  
FOE C5  C6   sing N N 89  
FOE C5  H51  sing N N 90  
FOE C5  H52  sing N N 91  
FOE C5  H53  sing N N 92  
FOE C6  C7   sing N N 93  
FOE C6  H6   sing N N 94  
FOE C7  H71  sing N N 95  
FOE C7  H72  sing N N 96  
FOE C7  H73  sing N N 97  
FOE C8  C9   doub Y N 98  
FOE C8  C13  sing Y N 99  
FOE C8  H8   sing N N 100 
FOE C9  C10  sing Y N 101 
FOE C9  H9   sing N N 102 
FOE C10 C11  doub Y N 103 
FOE C11 C12  sing Y N 104 
FOE C11 H11  sing N N 105 
FOE C12 C13  doub Y N 106 
FOE C12 H12  sing N N 107 
FOE C13 F14  sing N N 108 
FOE OXT HXT  sing N N 109 
GGL N   CA   sing N N 110 
GGL N   H    sing N N 111 
GGL N   H2   sing N N 112 
GGL CA  C    sing N N 113 
GGL CA  CB   sing N N 114 
GGL CA  HA   sing N N 115 
GGL C   O    doub N N 116 
GGL C   OXT  sing N N 117 
GGL CB  CG   sing N N 118 
GGL CB  HB2  sing N N 119 
GGL CB  HB3  sing N N 120 
GGL CG  CD   sing N N 121 
GGL CG  HG2  sing N N 122 
GGL CG  HG3  sing N N 123 
GGL CD  OE1  doub N N 124 
GGL CD  OE2  sing N N 125 
GGL OE2 HE2  sing N N 126 
GGL OXT HXT  sing N N 127 
GLN N   CA   sing N N 128 
GLN N   H    sing N N 129 
GLN N   H2   sing N N 130 
GLN CA  C    sing N N 131 
GLN CA  CB   sing N N 132 
GLN CA  HA   sing N N 133 
GLN C   O    doub N N 134 
GLN C   OXT  sing N N 135 
GLN CB  CG   sing N N 136 
GLN CB  HB2  sing N N 137 
GLN CB  HB3  sing N N 138 
GLN CG  CD   sing N N 139 
GLN CG  HG2  sing N N 140 
GLN CG  HG3  sing N N 141 
GLN CD  OE1  doub N N 142 
GLN CD  NE2  sing N N 143 
GLN NE2 HE21 sing N N 144 
GLN NE2 HE22 sing N N 145 
GLN OXT HXT  sing N N 146 
GLU N   CA   sing N N 147 
GLU N   H    sing N N 148 
GLU N   H2   sing N N 149 
GLU CA  C    sing N N 150 
GLU CA  CB   sing N N 151 
GLU CA  HA   sing N N 152 
GLU C   O    doub N N 153 
GLU C   OXT  sing N N 154 
GLU CB  CG   sing N N 155 
GLU CB  HB2  sing N N 156 
GLU CB  HB3  sing N N 157 
GLU CG  CD   sing N N 158 
GLU CG  HG2  sing N N 159 
GLU CG  HG3  sing N N 160 
GLU CD  OE1  doub N N 161 
GLU CD  OE2  sing N N 162 
GLU OE2 HE2  sing N N 163 
GLU OXT HXT  sing N N 164 
GLY N   CA   sing N N 165 
GLY N   H    sing N N 166 
GLY N   H2   sing N N 167 
GLY CA  C    sing N N 168 
GLY CA  HA2  sing N N 169 
GLY CA  HA3  sing N N 170 
GLY C   O    doub N N 171 
GLY C   OXT  sing N N 172 
GLY OXT HXT  sing N N 173 
HIS N   CA   sing N N 174 
HIS N   H    sing N N 175 
HIS N   H2   sing N N 176 
HIS CA  C    sing N N 177 
HIS CA  CB   sing N N 178 
HIS CA  HA   sing N N 179 
HIS C   O    doub N N 180 
HIS C   OXT  sing N N 181 
HIS CB  CG   sing N N 182 
HIS CB  HB2  sing N N 183 
HIS CB  HB3  sing N N 184 
HIS CG  ND1  sing Y N 185 
HIS CG  CD2  doub Y N 186 
HIS ND1 CE1  doub Y N 187 
HIS ND1 HD1  sing N N 188 
HIS CD2 NE2  sing Y N 189 
HIS CD2 HD2  sing N N 190 
HIS CE1 NE2  sing Y N 191 
HIS CE1 HE1  sing N N 192 
HIS NE2 HE2  sing N N 193 
HIS OXT HXT  sing N N 194 
HOH O   H1   sing N N 195 
HOH O   H2   sing N N 196 
ILE N   CA   sing N N 197 
ILE N   H    sing N N 198 
ILE N   H2   sing N N 199 
ILE CA  C    sing N N 200 
ILE CA  CB   sing N N 201 
ILE CA  HA   sing N N 202 
ILE C   O    doub N N 203 
ILE C   OXT  sing N N 204 
ILE CB  CG1  sing N N 205 
ILE CB  CG2  sing N N 206 
ILE CB  HB   sing N N 207 
ILE CG1 CD1  sing N N 208 
ILE CG1 HG12 sing N N 209 
ILE CG1 HG13 sing N N 210 
ILE CG2 HG21 sing N N 211 
ILE CG2 HG22 sing N N 212 
ILE CG2 HG23 sing N N 213 
ILE CD1 HD11 sing N N 214 
ILE CD1 HD12 sing N N 215 
ILE CD1 HD13 sing N N 216 
ILE OXT HXT  sing N N 217 
LEU N   CA   sing N N 218 
LEU N   H    sing N N 219 
LEU N   H2   sing N N 220 
LEU CA  C    sing N N 221 
LEU CA  CB   sing N N 222 
LEU CA  HA   sing N N 223 
LEU C   O    doub N N 224 
LEU C   OXT  sing N N 225 
LEU CB  CG   sing N N 226 
LEU CB  HB2  sing N N 227 
LEU CB  HB3  sing N N 228 
LEU CG  CD1  sing N N 229 
LEU CG  CD2  sing N N 230 
LEU CG  HG   sing N N 231 
LEU CD1 HD11 sing N N 232 
LEU CD1 HD12 sing N N 233 
LEU CD1 HD13 sing N N 234 
LEU CD2 HD21 sing N N 235 
LEU CD2 HD22 sing N N 236 
LEU CD2 HD23 sing N N 237 
LEU OXT HXT  sing N N 238 
LYS N   CA   sing N N 239 
LYS N   H    sing N N 240 
LYS N   H2   sing N N 241 
LYS CA  C    sing N N 242 
LYS CA  CB   sing N N 243 
LYS CA  HA   sing N N 244 
LYS C   O    doub N N 245 
LYS C   OXT  sing N N 246 
LYS CB  CG   sing N N 247 
LYS CB  HB2  sing N N 248 
LYS CB  HB3  sing N N 249 
LYS CG  CD   sing N N 250 
LYS CG  HG2  sing N N 251 
LYS CG  HG3  sing N N 252 
LYS CD  CE   sing N N 253 
LYS CD  HD2  sing N N 254 
LYS CD  HD3  sing N N 255 
LYS CE  NZ   sing N N 256 
LYS CE  HE2  sing N N 257 
LYS CE  HE3  sing N N 258 
LYS NZ  HZ1  sing N N 259 
LYS NZ  HZ2  sing N N 260 
LYS NZ  HZ3  sing N N 261 
LYS OXT HXT  sing N N 262 
MET N   CA   sing N N 263 
MET N   H    sing N N 264 
MET N   H2   sing N N 265 
MET CA  C    sing N N 266 
MET CA  CB   sing N N 267 
MET CA  HA   sing N N 268 
MET C   O    doub N N 269 
MET C   OXT  sing N N 270 
MET CB  CG   sing N N 271 
MET CB  HB2  sing N N 272 
MET CB  HB3  sing N N 273 
MET CG  SD   sing N N 274 
MET CG  HG2  sing N N 275 
MET CG  HG3  sing N N 276 
MET SD  CE   sing N N 277 
MET CE  HE1  sing N N 278 
MET CE  HE2  sing N N 279 
MET CE  HE3  sing N N 280 
MET OXT HXT  sing N N 281 
PHE N   CA   sing N N 282 
PHE N   H    sing N N 283 
PHE N   H2   sing N N 284 
PHE CA  C    sing N N 285 
PHE CA  CB   sing N N 286 
PHE CA  HA   sing N N 287 
PHE C   O    doub N N 288 
PHE C   OXT  sing N N 289 
PHE CB  CG   sing N N 290 
PHE CB  HB2  sing N N 291 
PHE CB  HB3  sing N N 292 
PHE CG  CD1  doub Y N 293 
PHE CG  CD2  sing Y N 294 
PHE CD1 CE1  sing Y N 295 
PHE CD1 HD1  sing N N 296 
PHE CD2 CE2  doub Y N 297 
PHE CD2 HD2  sing N N 298 
PHE CE1 CZ   doub Y N 299 
PHE CE1 HE1  sing N N 300 
PHE CE2 CZ   sing Y N 301 
PHE CE2 HE2  sing N N 302 
PHE CZ  HZ   sing N N 303 
PHE OXT HXT  sing N N 304 
PRO N   CA   sing N N 305 
PRO N   CD   sing N N 306 
PRO N   H    sing N N 307 
PRO CA  C    sing N N 308 
PRO CA  CB   sing N N 309 
PRO CA  HA   sing N N 310 
PRO C   O    doub N N 311 
PRO C   OXT  sing N N 312 
PRO CB  CG   sing N N 313 
PRO CB  HB2  sing N N 314 
PRO CB  HB3  sing N N 315 
PRO CG  CD   sing N N 316 
PRO CG  HG2  sing N N 317 
PRO CG  HG3  sing N N 318 
PRO CD  HD2  sing N N 319 
PRO CD  HD3  sing N N 320 
PRO OXT HXT  sing N N 321 
SER N   CA   sing N N 322 
SER N   H    sing N N 323 
SER N   H2   sing N N 324 
SER CA  C    sing N N 325 
SER CA  CB   sing N N 326 
SER CA  HA   sing N N 327 
SER C   O    doub N N 328 
SER C   OXT  sing N N 329 
SER CB  OG   sing N N 330 
SER CB  HB2  sing N N 331 
SER CB  HB3  sing N N 332 
SER OG  HG   sing N N 333 
SER OXT HXT  sing N N 334 
THR N   CA   sing N N 335 
THR N   H    sing N N 336 
THR N   H2   sing N N 337 
THR CA  C    sing N N 338 
THR CA  CB   sing N N 339 
THR CA  HA   sing N N 340 
THR C   O    doub N N 341 
THR C   OXT  sing N N 342 
THR CB  OG1  sing N N 343 
THR CB  CG2  sing N N 344 
THR CB  HB   sing N N 345 
THR OG1 HG1  sing N N 346 
THR CG2 HG21 sing N N 347 
THR CG2 HG22 sing N N 348 
THR CG2 HG23 sing N N 349 
THR OXT HXT  sing N N 350 
TRP N   CA   sing N N 351 
TRP N   H    sing N N 352 
TRP N   H2   sing N N 353 
TRP CA  C    sing N N 354 
TRP CA  CB   sing N N 355 
TRP CA  HA   sing N N 356 
TRP C   O    doub N N 357 
TRP C   OXT  sing N N 358 
TRP CB  CG   sing N N 359 
TRP CB  HB2  sing N N 360 
TRP CB  HB3  sing N N 361 
TRP CG  CD1  doub Y N 362 
TRP CG  CD2  sing Y N 363 
TRP CD1 NE1  sing Y N 364 
TRP CD1 HD1  sing N N 365 
TRP CD2 CE2  doub Y N 366 
TRP CD2 CE3  sing Y N 367 
TRP NE1 CE2  sing Y N 368 
TRP NE1 HE1  sing N N 369 
TRP CE2 CZ2  sing Y N 370 
TRP CE3 CZ3  doub Y N 371 
TRP CE3 HE3  sing N N 372 
TRP CZ2 CH2  doub Y N 373 
TRP CZ2 HZ2  sing N N 374 
TRP CZ3 CH2  sing Y N 375 
TRP CZ3 HZ3  sing N N 376 
TRP CH2 HH2  sing N N 377 
TRP OXT HXT  sing N N 378 
TYR N   CA   sing N N 379 
TYR N   H    sing N N 380 
TYR N   H2   sing N N 381 
TYR CA  C    sing N N 382 
TYR CA  CB   sing N N 383 
TYR CA  HA   sing N N 384 
TYR C   O    doub N N 385 
TYR C   OXT  sing N N 386 
TYR CB  CG   sing N N 387 
TYR CB  HB2  sing N N 388 
TYR CB  HB3  sing N N 389 
TYR CG  CD1  doub Y N 390 
TYR CG  CD2  sing Y N 391 
TYR CD1 CE1  sing Y N 392 
TYR CD1 HD1  sing N N 393 
TYR CD2 CE2  doub Y N 394 
TYR CD2 HD2  sing N N 395 
TYR CE1 CZ   doub Y N 396 
TYR CE1 HE1  sing N N 397 
TYR CE2 CZ   sing Y N 398 
TYR CE2 HE2  sing N N 399 
TYR CZ  OH   sing N N 400 
TYR OH  HH   sing N N 401 
TYR OXT HXT  sing N N 402 
VAL N   CA   sing N N 403 
VAL N   H    sing N N 404 
VAL N   H2   sing N N 405 
VAL CA  C    sing N N 406 
VAL CA  CB   sing N N 407 
VAL CA  HA   sing N N 408 
VAL C   O    doub N N 409 
VAL C   OXT  sing N N 410 
VAL CB  CG1  sing N N 411 
VAL CB  CG2  sing N N 412 
VAL CB  HB   sing N N 413 
VAL CG1 HG11 sing N N 414 
VAL CG1 HG12 sing N N 415 
VAL CG1 HG13 sing N N 416 
VAL CG2 HG21 sing N N 417 
VAL CG2 HG22 sing N N 418 
VAL CG2 HG23 sing N N 419 
VAL OXT HXT  sing N N 420 
# 
_atom_sites.entry_id                    1BX9 
_atom_sites.fract_transf_matrix[1][1]   0.01052640 
_atom_sites.fract_transf_matrix[1][2]   -0.00649700 
_atom_sites.fract_transf_matrix[1][3]   0.01158674 
_atom_sites.fract_transf_matrix[2][1]   0.00770201 
_atom_sites.fract_transf_matrix[2][2]   0.00777436 
_atom_sites.fract_transf_matrix[2][3]   -0.00263787 
_atom_sites.fract_transf_matrix[3][1]   -0.00425502 
_atom_sites.fract_transf_matrix[3][2]   0.00682568 
_atom_sites.fract_transf_matrix[3][3]   0.00769297 
_atom_sites.fract_transf_vector[1]      0.344107 
_atom_sites.fract_transf_vector[2]      0.249801 
_atom_sites.fract_transf_vector[3]      0.159204 
# 
loop_
_atom_type.symbol 
C 
F 
N 
O 
S 
# 
loop_
_atom_site.group_PDB 
_atom_site.id 
_atom_site.type_symbol 
_atom_site.label_atom_id 
_atom_site.label_alt_id 
_atom_site.label_comp_id 
_atom_site.label_asym_id 
_atom_site.label_entity_id 
_atom_site.label_seq_id 
_atom_site.pdbx_PDB_ins_code 
_atom_site.Cartn_x 
_atom_site.Cartn_y 
_atom_site.Cartn_z 
_atom_site.occupancy 
_atom_site.B_iso_or_equiv 
_atom_site.pdbx_formal_charge 
_atom_site.auth_seq_id 
_atom_site.auth_comp_id 
_atom_site.auth_asym_id 
_atom_site.auth_atom_id 
_atom_site.pdbx_PDB_model_num 
ATOM   1    N N   . GLY A 1 2   ? -22.840 2.984   2.413   1.00 42.99 ? 1   GLY A N   1 
ATOM   2    C CA  . GLY A 1 2   ? -22.410 4.311   1.874   1.00 41.70 ? 1   GLY A CA  1 
ATOM   3    C C   . GLY A 1 2   ? -20.912 4.492   1.993   1.00 37.37 ? 1   GLY A C   1 
ATOM   4    O O   . GLY A 1 2   ? -20.438 5.170   2.906   1.00 41.19 ? 1   GLY A O   1 
ATOM   5    N N   . ILE A 1 3   ? -20.171 3.911   1.053   1.00 31.06 ? 2   ILE A N   1 
ATOM   6    C CA  . ILE A 1 3   ? -18.735 3.983   1.071   1.00 29.22 ? 2   ILE A CA  1 
ATOM   7    C C   . ILE A 1 3   ? -18.239 5.144   0.199   1.00 29.35 ? 2   ILE A C   1 
ATOM   8    O O   . ILE A 1 3   ? -18.488 5.191   -1.007  1.00 29.31 ? 2   ILE A O   1 
ATOM   9    C CB  . ILE A 1 3   ? -18.104 2.663   0.591   1.00 27.42 ? 2   ILE A CB  1 
ATOM   10   C CG1 . ILE A 1 3   ? -18.632 1.493   1.418   1.00 20.82 ? 2   ILE A CG1 1 
ATOM   11   C CG2 . ILE A 1 3   ? -16.598 2.730   0.731   1.00 32.87 ? 2   ILE A CG2 1 
ATOM   12   C CD1 . ILE A 1 3   ? -18.067 0.172   0.998   1.00 20.98 ? 2   ILE A CD1 1 
ATOM   13   N N   . LYS A 1 4   ? -17.518 6.069   0.829   1.00 29.16 ? 3   LYS A N   1 
ATOM   14   C CA  . LYS A 1 4   ? -16.959 7.216   0.157   1.00 26.52 ? 3   LYS A CA  1 
ATOM   15   C C   . LYS A 1 4   ? -15.515 7.358   0.623   1.00 28.73 ? 3   LYS A C   1 
ATOM   16   O O   . LYS A 1 4   ? -15.247 7.532   1.814   1.00 29.93 ? 3   LYS A O   1 
ATOM   17   C CB  . LYS A 1 4   ? -17.740 8.488   0.499   1.00 20.53 ? 3   LYS A CB  1 
ATOM   18   C CG  . LYS A 1 4   ? -19.186 8.483   0.027   1.00 32.18 ? 3   LYS A CG  1 
ATOM   19   C CD  . LYS A 1 4   ? -19.936 9.727   0.478   1.00 34.33 ? 3   LYS A CD  1 
ATOM   20   C CE  . LYS A 1 4   ? -19.374 10.979  -0.183  1.00 40.09 ? 3   LYS A CE  1 
ATOM   21   N NZ  . LYS A 1 4   ? -19.935 12.243  0.382   1.00 36.75 ? 3   LYS A NZ  1 
ATOM   22   N N   . VAL A 1 5   ? -14.591 7.229   -0.327  1.00 28.62 ? 4   VAL A N   1 
ATOM   23   C CA  . VAL A 1 5   ? -13.175 7.360   -0.071  1.00 21.31 ? 4   VAL A CA  1 
ATOM   24   C C   . VAL A 1 5   ? -12.797 8.781   -0.458  1.00 18.43 ? 4   VAL A C   1 
ATOM   25   O O   . VAL A 1 5   ? -13.076 9.226   -1.570  1.00 18.07 ? 4   VAL A O   1 
ATOM   26   C CB  . VAL A 1 5   ? -12.334 6.400   -0.942  1.00 21.67 ? 4   VAL A CB  1 
ATOM   27   C CG1 . VAL A 1 5   ? -10.877 6.443   -0.501  1.00 24.45 ? 4   VAL A CG1 1 
ATOM   28   C CG2 . VAL A 1 5   ? -12.894 4.982   -0.876  1.00 18.73 ? 4   VAL A CG2 1 
ATOM   29   N N   . PHE A 1 6   ? -12.199 9.505   0.475   1.00 17.40 ? 5   PHE A N   1 
ATOM   30   C CA  . PHE A 1 6   ? -11.790 10.861  0.220   1.00 17.70 ? 5   PHE A CA  1 
ATOM   31   C C   . PHE A 1 6   ? -10.282 10.861  0.025   1.00 16.77 ? 5   PHE A C   1 
ATOM   32   O O   . PHE A 1 6   ? -9.523  10.652  0.970   1.00 23.17 ? 5   PHE A O   1 
ATOM   33   C CB  . PHE A 1 6   ? -12.191 11.749  1.398   1.00 11.36 ? 5   PHE A CB  1 
ATOM   34   C CG  . PHE A 1 6   ? -13.670 11.757  1.669   1.00 12.74 ? 5   PHE A CG  1 
ATOM   35   C CD1 . PHE A 1 6   ? -14.268 10.708  2.359   1.00 14.16 ? 5   PHE A CD1 1 
ATOM   36   C CD2 . PHE A 1 6   ? -14.471 12.792  1.202   1.00 13.02 ? 5   PHE A CD2 1 
ATOM   37   C CE1 . PHE A 1 6   ? -15.645 10.690  2.575   1.00 12.20 ? 5   PHE A CE1 1 
ATOM   38   C CE2 . PHE A 1 6   ? -15.845 12.784  1.410   1.00 10.05 ? 5   PHE A CE2 1 
ATOM   39   C CZ  . PHE A 1 6   ? -16.433 11.731  2.098   1.00 10.60 ? 5   PHE A CZ  1 
ATOM   40   N N   . GLY A 1 7   ? -9.847  11.060  -1.210  1.00 13.05 ? 6   GLY A N   1 
ATOM   41   C CA  . GLY A 1 7   ? -8.427  11.083  -1.466  1.00 13.75 ? 6   GLY A CA  1 
ATOM   42   C C   . GLY A 1 7   ? -8.081  11.517  -2.867  1.00 18.90 ? 6   GLY A C   1 
ATOM   43   O O   . GLY A 1 7   ? -8.913  12.066  -3.591  1.00 20.79 ? 6   GLY A O   1 
ATOM   44   N N   . HIS A 1 8   ? -6.829  11.261  -3.233  1.00 23.71 ? 7   HIS A N   1 
ATOM   45   C CA  . HIS A 1 8   ? -6.290  11.582  -4.529  1.00 25.92 ? 7   HIS A CA  1 
ATOM   46   C C   . HIS A 1 8   ? -5.870  10.259  -5.176  1.00 25.57 ? 7   HIS A C   1 
ATOM   47   O O   . HIS A 1 8   ? -5.045  9.524   -4.636  1.00 25.18 ? 7   HIS A O   1 
ATOM   48   C CB  . HIS A 1 8   ? -5.091  12.505  -4.345  1.00 31.60 ? 7   HIS A CB  1 
ATOM   49   C CG  . HIS A 1 8   ? -4.575  13.084  -5.619  1.00 44.79 ? 7   HIS A CG  1 
ATOM   50   N ND1 . HIS A 1 8   ? -4.633  14.432  -5.897  1.00 50.18 ? 7   HIS A ND1 1 
ATOM   51   C CD2 . HIS A 1 8   ? -3.986  12.500  -6.690  1.00 49.19 ? 7   HIS A CD2 1 
ATOM   52   C CE1 . HIS A 1 8   ? -4.096  14.654  -7.085  1.00 55.25 ? 7   HIS A CE1 1 
ATOM   53   N NE2 . HIS A 1 8   ? -3.696  13.499  -7.586  1.00 54.41 ? 7   HIS A NE2 1 
ATOM   54   N N   . PRO A 1 9   ? -6.424  9.951   -6.356  1.00 25.08 ? 8   PRO A N   1 
ATOM   55   C CA  . PRO A 1 9   ? -6.152  8.725   -7.115  1.00 23.68 ? 8   PRO A CA  1 
ATOM   56   C C   . PRO A 1 9   ? -4.704  8.392   -7.480  1.00 26.55 ? 8   PRO A C   1 
ATOM   57   O O   . PRO A 1 9   ? -4.427  7.283   -7.926  1.00 32.25 ? 8   PRO A O   1 
ATOM   58   C CB  . PRO A 1 9   ? -7.035  8.891   -8.350  1.00 24.13 ? 8   PRO A CB  1 
ATOM   59   C CG  . PRO A 1 9   ? -7.129  10.385  -8.504  1.00 19.36 ? 8   PRO A CG  1 
ATOM   60   C CD  . PRO A 1 9   ? -7.360  10.814  -7.090  1.00 22.22 ? 8   PRO A CD  1 
ATOM   61   N N   . ALA A 1 10  ? -3.782  9.330   -7.291  1.00 27.06 ? 9   ALA A N   1 
ATOM   62   C CA  . ALA A 1 10  ? -2.382  9.080   -7.603  1.00 23.97 ? 9   ALA A CA  1 
ATOM   63   C C   . ALA A 1 10  ? -1.627  8.751   -6.310  1.00 24.70 ? 9   ALA A C   1 
ATOM   64   O O   . ALA A 1 10  ? -0.481  8.295   -6.349  1.00 21.58 ? 9   ALA A O   1 
ATOM   65   C CB  . ALA A 1 10  ? -1.767  10.300  -8.269  1.00 30.59 ? 9   ALA A CB  1 
ATOM   66   N N   . SER A 1 11  ? -2.281  8.980   -5.172  1.00 21.30 ? 10  SER A N   1 
ATOM   67   C CA  . SER A 1 11  ? -1.698  8.750   -3.875  1.00 17.50 ? 10  SER A CA  1 
ATOM   68   C C   . SER A 1 11  ? -1.568  7.254   -3.616  1.00 14.72 ? 10  SER A C   1 
ATOM   69   O O   . SER A 1 11  ? -2.499  6.485   -3.834  1.00 17.89 ? 10  SER A O   1 
ATOM   70   C CB  . SER A 1 11  ? -2.566  9.413   -2.805  1.00 17.77 ? 10  SER A CB  1 
ATOM   71   O OG  . SER A 1 11  ? -2.193  8.997   -1.505  1.00 28.02 ? 10  SER A OG  1 
ATOM   72   N N   . ILE A 1 12  ? -0.394  6.872   -3.128  1.00 12.40 ? 11  ILE A N   1 
ATOM   73   C CA  . ILE A 1 12  ? -0.059  5.511   -2.807  1.00 11.33 ? 11  ILE A CA  1 
ATOM   74   C C   . ILE A 1 12  ? -0.950  5.045   -1.654  1.00 13.13 ? 11  ILE A C   1 
ATOM   75   O O   . ILE A 1 12  ? -1.474  3.931   -1.676  1.00 13.75 ? 11  ILE A O   1 
ATOM   76   C CB  . ILE A 1 12  ? 1.443   5.412   -2.392  1.00 12.50 ? 11  ILE A CB  1 
ATOM   77   C CG1 . ILE A 1 12  ? 2.339   5.550   -3.631  1.00 14.32 ? 11  ILE A CG1 1 
ATOM   78   C CG2 . ILE A 1 12  ? 1.724   4.117   -1.641  1.00 10.69 ? 11  ILE A CG2 1 
ATOM   79   C CD1 . ILE A 1 12  ? 3.837   5.514   -3.341  1.00 8.52  ? 11  ILE A CD1 1 
ATOM   80   N N   . ALA A 1 13  ? -1.152  5.925   -0.676  1.00 15.04 ? 12  ALA A N   1 
ATOM   81   C CA  . ALA A 1 13  ? -1.954  5.620   0.494   1.00 15.28 ? 12  ALA A CA  1 
ATOM   82   C C   . ALA A 1 13  ? -3.419  5.411   0.112   1.00 19.35 ? 12  ALA A C   1 
ATOM   83   O O   . ALA A 1 13  ? -4.090  4.591   0.729   1.00 23.67 ? 12  ALA A O   1 
ATOM   84   C CB  . ALA A 1 13  ? -1.825  6.734   1.533   1.00 6.74  ? 12  ALA A CB  1 
ATOM   85   N N   . THR A 1 14  ? -3.912  6.151   -0.887  1.00 24.10 ? 13  THR A N   1 
ATOM   86   C CA  . THR A 1 14  ? -5.302  6.041   -1.331  1.00 17.18 ? 13  THR A CA  1 
ATOM   87   C C   . THR A 1 14  ? -5.474  4.800   -2.203  1.00 18.35 ? 13  THR A C   1 
ATOM   88   O O   . THR A 1 14  ? -6.488  4.110   -2.094  1.00 21.40 ? 13  THR A O   1 
ATOM   89   C CB  . THR A 1 14  ? -5.751  7.267   -2.137  1.00 19.88 ? 13  THR A CB  1 
ATOM   90   O OG1 . THR A 1 14  ? -5.424  8.457   -1.413  1.00 23.22 ? 13  THR A OG1 1 
ATOM   91   C CG2 . THR A 1 14  ? -7.257  7.226   -2.372  1.00 17.30 ? 13  THR A CG2 1 
ATOM   92   N N   . ARG A 1 15  ? -4.502  4.517   -3.071  1.00 16.06 ? 14  ARG A N   1 
ATOM   93   C CA  . ARG A 1 15  ? -4.577  3.353   -3.928  1.00 11.57 ? 14  ARG A CA  1 
ATOM   94   C C   . ARG A 1 15  ? -4.619  2.101   -3.061  1.00 12.46 ? 14  ARG A C   1 
ATOM   95   O O   . ARG A 1 15  ? -5.294  1.135   -3.389  1.00 21.19 ? 14  ARG A O   1 
ATOM   96   C CB  . ARG A 1 15  ? -3.382  3.303   -4.879  1.00 15.36 ? 14  ARG A CB  1 
ATOM   97   C CG  . ARG A 1 15  ? -3.431  4.332   -5.998  1.00 16.08 ? 14  ARG A CG  1 
ATOM   98   C CD  . ARG A 1 15  ? -2.450  4.006   -7.118  1.00 18.89 ? 14  ARG A CD  1 
ATOM   99   N NE  . ARG A 1 15  ? -2.572  4.937   -8.242  1.00 26.04 ? 14  ARG A NE  1 
ATOM   100  C CZ  . ARG A 1 15  ? -1.800  4.932   -9.331  1.00 34.52 ? 14  ARG A CZ  1 
ATOM   101  N NH1 . ARG A 1 15  ? -0.819  4.038   -9.477  1.00 29.76 ? 14  ARG A NH1 1 
ATOM   102  N NH2 . ARG A 1 15  ? -2.011  5.831   -10.287 1.00 34.42 ? 14  ARG A NH2 1 
ATOM   103  N N   . ARG A 1 16  ? -3.952  2.148   -1.916  1.00 18.29 ? 15  ARG A N   1 
ATOM   104  C CA  . ARG A 1 16  ? -3.912  1.024   -0.997  1.00 15.98 ? 15  ARG A CA  1 
ATOM   105  C C   . ARG A 1 16  ? -5.327  0.689   -0.530  1.00 12.76 ? 15  ARG A C   1 
ATOM   106  O O   . ARG A 1 16  ? -5.645  -0.480  -0.325  1.00 10.01 ? 15  ARG A O   1 
ATOM   107  C CB  . ARG A 1 16  ? -3.019  1.385   0.193   1.00 15.49 ? 15  ARG A CB  1 
ATOM   108  C CG  . ARG A 1 16  ? -2.915  0.318   1.254   1.00 18.97 ? 15  ARG A CG  1 
ATOM   109  C CD  . ARG A 1 16  ? -1.526  0.290   1.866   1.00 15.55 ? 15  ARG A CD  1 
ATOM   110  N NE  . ARG A 1 16  ? -1.178  1.560   2.480   1.00 20.07 ? 15  ARG A NE  1 
ATOM   111  C CZ  . ARG A 1 16  ? -0.015  2.177   2.319   1.00 16.88 ? 15  ARG A CZ  1 
ATOM   112  N NH1 . ARG A 1 16  ? 0.929   1.645   1.555   1.00 17.11 ? 15  ARG A NH1 1 
ATOM   113  N NH2 . ARG A 1 16  ? 0.201   3.330   2.936   1.00 14.96 ? 15  ARG A NH2 1 
ATOM   114  N N   . VAL A 1 17  ? -6.170  1.713   -0.390  1.00 16.95 ? 16  VAL A N   1 
ATOM   115  C CA  . VAL A 1 17  ? -7.552  1.561   0.059   1.00 17.13 ? 16  VAL A CA  1 
ATOM   116  C C   . VAL A 1 17  ? -8.486  1.150   -1.100  1.00 18.52 ? 16  VAL A C   1 
ATOM   117  O O   . VAL A 1 17  ? -9.518  0.522   -0.868  1.00 25.65 ? 16  VAL A O   1 
ATOM   118  C CB  . VAL A 1 17  ? -8.084  2.873   0.671   1.00 17.04 ? 16  VAL A CB  1 
ATOM   119  C CG1 . VAL A 1 17  ? -9.554  2.727   1.041   1.00 18.41 ? 16  VAL A CG1 1 
ATOM   120  C CG2 . VAL A 1 17  ? -7.263  3.263   1.899   1.00 13.48 ? 16  VAL A CG2 1 
ATOM   121  N N   . LEU A 1 18  ? -8.137  1.502   -2.335  1.00 19.08 ? 17  LEU A N   1 
ATOM   122  C CA  . LEU A 1 18  ? -8.973  1.180   -3.482  1.00 14.61 ? 17  LEU A CA  1 
ATOM   123  C C   . LEU A 1 18  ? -8.843  -0.291  -3.827  1.00 10.21 ? 17  LEU A C   1 
ATOM   124  O O   . LEU A 1 18  ? -9.822  -0.933  -4.190  1.00 14.38 ? 17  LEU A O   1 
ATOM   125  C CB  . LEU A 1 18  ? -8.575  2.044   -4.678  1.00 14.15 ? 17  LEU A CB  1 
ATOM   126  C CG  . LEU A 1 18  ? -9.305  3.377   -4.905  1.00 17.31 ? 17  LEU A CG  1 
ATOM   127  C CD1 . LEU A 1 18  ? -9.892  3.940   -3.636  1.00 9.27  ? 17  LEU A CD1 1 
ATOM   128  C CD2 . LEU A 1 18  ? -8.349  4.368   -5.539  1.00 18.83 ? 17  LEU A CD2 1 
ATOM   129  N N   . ILE A 1 19  ? -7.633  -0.822  -3.721  1.00 5.84  ? 18  ILE A N   1 
ATOM   130  C CA  . ILE A 1 19  ? -7.392  -2.210  -4.022  1.00 6.30  ? 18  ILE A CA  1 
ATOM   131  C C   . ILE A 1 19  ? -8.160  -3.096  -3.015  1.00 9.33  ? 18  ILE A C   1 
ATOM   132  O O   . ILE A 1 19  ? -8.871  -4.005  -3.426  1.00 13.65 ? 18  ILE A O   1 
ATOM   133  C CB  . ILE A 1 19  ? -5.868  -2.545  -4.006  1.00 5.03  ? 18  ILE A CB  1 
ATOM   134  C CG1 . ILE A 1 19  ? -5.124  -1.688  -5.036  1.00 8.97  ? 18  ILE A CG1 1 
ATOM   135  C CG2 . ILE A 1 19  ? -5.638  -4.010  -4.350  1.00 7.57  ? 18  ILE A CG2 1 
ATOM   136  C CD1 . ILE A 1 19  ? -3.619  -1.926  -5.079  1.00 5.01  ? 18  ILE A CD1 1 
ATOM   137  N N   . ALA A 1 20  ? -8.058  -2.806  -1.716  1.00 8.66  ? 19  ALA A N   1 
ATOM   138  C CA  . ALA A 1 20  ? -8.733  -3.591  -0.682  1.00 9.73  ? 19  ALA A CA  1 
ATOM   139  C C   . ALA A 1 20  ? -10.245 -3.602  -0.927  1.00 11.18 ? 19  ALA A C   1 
ATOM   140  O O   . ALA A 1 20  ? -10.904 -4.619  -0.712  1.00 6.46  ? 19  ALA A O   1 
ATOM   141  C CB  . ALA A 1 20  ? -8.425  -3.028  0.701   1.00 9.22  ? 19  ALA A CB  1 
ATOM   142  N N   . LEU A 1 21  ? -10.772 -2.461  -1.372  1.00 14.08 ? 20  LEU A N   1 
ATOM   143  C CA  . LEU A 1 21  ? -12.188 -2.274  -1.676  1.00 13.32 ? 20  LEU A CA  1 
ATOM   144  C C   . LEU A 1 21  ? -12.599 -3.191  -2.851  1.00 20.27 ? 20  LEU A C   1 
ATOM   145  O O   . LEU A 1 21  ? -13.644 -3.850  -2.798  1.00 19.51 ? 20  LEU A O   1 
ATOM   146  C CB  . LEU A 1 21  ? -12.418 -0.811  -2.060  1.00 6.59  ? 20  LEU A CB  1 
ATOM   147  C CG  . LEU A 1 21  ? -13.301 0.147   -1.264  1.00 2.00  ? 20  LEU A CG  1 
ATOM   148  C CD1 . LEU A 1 21  ? -13.830 -0.468  0.004   1.00 2.32  ? 20  LEU A CD1 1 
ATOM   149  C CD2 . LEU A 1 21  ? -12.506 1.389   -0.967  1.00 2.00  ? 20  LEU A CD2 1 
ATOM   150  N N   . HIS A 1 22  ? -11.787 -3.209  -3.908  1.00 19.34 ? 21  HIS A N   1 
ATOM   151  C CA  . HIS A 1 22  ? -12.049 -4.017  -5.089  1.00 24.82 ? 21  HIS A CA  1 
ATOM   152  C C   . HIS A 1 22  ? -11.891 -5.493  -4.769  1.00 26.30 ? 21  HIS A C   1 
ATOM   153  O O   . HIS A 1 22  ? -12.566 -6.335  -5.362  1.00 28.43 ? 21  HIS A O   1 
ATOM   154  C CB  . HIS A 1 22  ? -11.076 -3.652  -6.208  1.00 25.42 ? 21  HIS A CB  1 
ATOM   155  C CG  . HIS A 1 22  ? -11.399 -2.361  -6.887  1.00 28.27 ? 21  HIS A CG  1 
ATOM   156  N ND1 . HIS A 1 22  ? -10.427 -1.495  -7.340  1.00 26.33 ? 21  HIS A ND1 1 
ATOM   157  C CD2 . HIS A 1 22  ? -12.586 -1.793  -7.203  1.00 28.18 ? 21  HIS A CD2 1 
ATOM   158  C CE1 . HIS A 1 22  ? -11.002 -0.450  -7.907  1.00 28.09 ? 21  HIS A CE1 1 
ATOM   159  N NE2 . HIS A 1 22  ? -12.312 -0.607  -7.836  1.00 30.21 ? 21  HIS A NE2 1 
ATOM   160  N N   . GLU A 1 23  ? -10.975 -5.788  -3.850  1.00 29.27 ? 22  GLU A N   1 
ATOM   161  C CA  . GLU A 1 23  ? -10.651 -7.136  -3.417  1.00 25.02 ? 22  GLU A CA  1 
ATOM   162  C C   . GLU A 1 23  ? -11.862 -7.763  -2.702  1.00 26.78 ? 22  GLU A C   1 
ATOM   163  O O   . GLU A 1 23  ? -12.002 -8.987  -2.661  1.00 29.56 ? 22  GLU A O   1 
ATOM   164  C CB  . GLU A 1 23  ? -9.450  -7.048  -2.478  1.00 21.07 ? 22  GLU A CB  1 
ATOM   165  C CG  . GLU A 1 23  ? -8.666  -8.321  -2.327  1.00 21.86 ? 22  GLU A CG  1 
ATOM   166  C CD  . GLU A 1 23  ? -7.860  -8.661  -3.551  1.00 17.77 ? 22  GLU A CD  1 
ATOM   167  O OE1 . GLU A 1 23  ? -7.173  -7.766  -4.072  1.00 18.20 ? 22  GLU A OE1 1 
ATOM   168  O OE2 . GLU A 1 23  ? -7.901  -9.831  -3.988  1.00 21.93 ? 22  GLU A OE2 1 
ATOM   169  N N   . LYS A 1 24  ? -12.722 -6.915  -2.144  1.00 27.58 ? 23  LYS A N   1 
ATOM   170  C CA  . LYS A 1 24  ? -13.911 -7.348  -1.441  1.00 26.08 ? 23  LYS A CA  1 
ATOM   171  C C   . LYS A 1 24  ? -15.133 -7.016  -2.293  1.00 29.08 ? 23  LYS A C   1 
ATOM   172  O O   . LYS A 1 24  ? -16.238 -6.912  -1.766  1.00 30.04 ? 23  LYS A O   1 
ATOM   173  C CB  . LYS A 1 24  ? -14.002 -6.614  -0.103  1.00 24.63 ? 23  LYS A CB  1 
ATOM   174  C CG  . LYS A 1 24  ? -13.773 -7.475  1.121   1.00 22.58 ? 23  LYS A CG  1 
ATOM   175  C CD  . LYS A 1 24  ? -12.413 -8.114  1.104   1.00 15.95 ? 23  LYS A CD  1 
ATOM   176  C CE  . LYS A 1 24  ? -12.098 -8.733  2.453   1.00 23.74 ? 23  LYS A CE  1 
ATOM   177  N NZ  . LYS A 1 24  ? -12.846 -9.984  2.740   1.00 12.36 ? 23  LYS A NZ  1 
ATOM   178  N N   . ASN A 1 25  ? -14.909 -6.813  -3.596  1.00 36.58 ? 24  ASN A N   1 
ATOM   179  C CA  . ASN A 1 25  ? -15.935 -6.475  -4.605  1.00 33.45 ? 24  ASN A CA  1 
ATOM   180  C C   . ASN A 1 25  ? -16.913 -5.449  -4.068  1.00 30.73 ? 24  ASN A C   1 
ATOM   181  O O   . ASN A 1 25  ? -18.111 -5.528  -4.339  1.00 38.51 ? 24  ASN A O   1 
ATOM   182  C CB  . ASN A 1 25  ? -16.701 -7.723  -5.046  1.00 37.80 ? 24  ASN A CB  1 
ATOM   183  C CG  . ASN A 1 25  ? -15.842 -8.678  -5.829  1.00 40.86 ? 24  ASN A CG  1 
ATOM   184  O OD1 . ASN A 1 25  ? -15.868 -9.887  -5.593  1.00 45.95 ? 24  ASN A OD1 1 
ATOM   185  N ND2 . ASN A 1 25  ? -15.062 -8.144  -6.767  1.00 43.61 ? 24  ASN A ND2 1 
ATOM   186  N N   . LEU A 1 26  ? -16.397 -4.470  -3.338  1.00 26.42 ? 25  LEU A N   1 
ATOM   187  C CA  . LEU A 1 26  ? -17.229 -3.459  -2.763  1.00 28.68 ? 25  LEU A CA  1 
ATOM   188  C C   . LEU A 1 26  ? -17.428 -2.309  -3.739  1.00 29.21 ? 25  LEU A C   1 
ATOM   189  O O   . LEU A 1 26  ? -16.657 -2.134  -4.688  1.00 31.52 ? 25  LEU A O   1 
ATOM   190  C CB  . LEU A 1 26  ? -16.604 -2.986  -1.455  1.00 23.88 ? 25  LEU A CB  1 
ATOM   191  C CG  . LEU A 1 26  ? -16.850 -4.012  -0.349  1.00 21.57 ? 25  LEU A CG  1 
ATOM   192  C CD1 . LEU A 1 26  ? -15.756 -3.981  0.688   1.00 27.37 ? 25  LEU A CD1 1 
ATOM   193  C CD2 . LEU A 1 26  ? -18.196 -3.741  0.280   1.00 14.18 ? 25  LEU A CD2 1 
ATOM   194  N N   . ASP A 1 27  ? -18.510 -1.566  -3.521  1.00 30.74 ? 26  ASP A N   1 
ATOM   195  C CA  . ASP A 1 27  ? -18.844 -0.434  -4.344  1.00 33.61 ? 26  ASP A CA  1 
ATOM   196  C C   . ASP A 1 27  ? -18.575 0.802   -3.504  1.00 28.45 ? 26  ASP A C   1 
ATOM   197  O O   . ASP A 1 27  ? -18.899 0.834   -2.317  1.00 30.69 ? 26  ASP A O   1 
ATOM   198  C CB  . ASP A 1 27  ? -20.317 -0.495  -4.746  1.00 45.76 ? 26  ASP A CB  1 
ATOM   199  C CG  . ASP A 1 27  ? -20.595 0.220   -6.055  1.00 55.32 ? 26  ASP A CG  1 
ATOM   200  O OD1 . ASP A 1 27  ? -20.268 -0.355  -7.119  1.00 59.39 ? 26  ASP A OD1 1 
ATOM   201  O OD2 . ASP A 1 27  ? -21.138 1.349   -6.018  1.00 59.22 ? 26  ASP A OD2 1 
ATOM   202  N N   . PHE A 1 28  ? -17.999 1.823   -4.129  1.00 23.88 ? 27  PHE A N   1 
ATOM   203  C CA  . PHE A 1 28  ? -17.660 3.034   -3.431  1.00 21.14 ? 27  PHE A CA  1 
ATOM   204  C C   . PHE A 1 28  ? -17.625 4.192   -4.411  1.00 21.88 ? 27  PHE A C   1 
ATOM   205  O O   . PHE A 1 28  ? -17.688 4.000   -5.622  1.00 29.29 ? 27  PHE A O   1 
ATOM   206  C CB  . PHE A 1 28  ? -16.279 2.873   -2.786  1.00 20.68 ? 27  PHE A CB  1 
ATOM   207  C CG  . PHE A 1 28  ? -15.171 2.628   -3.778  1.00 11.13 ? 27  PHE A CG  1 
ATOM   208  C CD1 . PHE A 1 28  ? -14.887 1.344   -4.218  1.00 7.44  ? 27  PHE A CD1 1 
ATOM   209  C CD2 . PHE A 1 28  ? -14.441 3.688   -4.299  1.00 9.25  ? 27  PHE A CD2 1 
ATOM   210  C CE1 . PHE A 1 28  ? -13.899 1.126   -5.162  1.00 3.30  ? 27  PHE A CE1 1 
ATOM   211  C CE2 . PHE A 1 28  ? -13.454 3.475   -5.243  1.00 7.39  ? 27  PHE A CE2 1 
ATOM   212  C CZ  . PHE A 1 28  ? -13.185 2.190   -5.674  1.00 5.13  ? 27  PHE A CZ  1 
ATOM   213  N N   . GLU A 1 29  ? -17.429 5.386   -3.865  1.00 23.27 ? 28  GLU A N   1 
ATOM   214  C CA  . GLU A 1 29  ? -17.348 6.588   -4.635  1.00 21.85 ? 28  GLU A CA  1 
ATOM   215  C C   . GLU A 1 29  ? -16.073 7.290   -4.204  1.00 24.52 ? 28  GLU A C   1 
ATOM   216  O O   . GLU A 1 29  ? -15.935 7.657   -3.039  1.00 28.62 ? 28  GLU A O   1 
ATOM   217  C CB  . GLU A 1 29  ? -18.556 7.468   -4.330  1.00 27.08 ? 28  GLU A CB  1 
ATOM   218  C CG  . GLU A 1 29  ? -18.549 8.816   -5.049  1.00 34.26 ? 28  GLU A CG  1 
ATOM   219  C CD  . GLU A 1 29  ? -19.756 9.678   -4.708  1.00 34.35 ? 28  GLU A CD  1 
ATOM   220  O OE1 . GLU A 1 29  ? -20.852 9.123   -4.475  1.00 29.63 ? 28  GLU A OE1 1 
ATOM   221  O OE2 . GLU A 1 29  ? -19.602 10.917  -4.676  1.00 39.71 ? 28  GLU A OE2 1 
ATOM   222  N N   . LEU A 1 30  ? -15.142 7.475   -5.136  1.00 28.04 ? 29  LEU A N   1 
ATOM   223  C CA  . LEU A 1 30  ? -13.884 8.135   -4.841  1.00 26.66 ? 29  LEU A CA  1 
ATOM   224  C C   . LEU A 1 30  ? -14.084 9.649   -4.916  1.00 27.72 ? 29  LEU A C   1 
ATOM   225  O O   . LEU A 1 30  ? -14.065 10.235  -5.996  1.00 28.52 ? 29  LEU A O   1 
ATOM   226  C CB  . LEU A 1 30  ? -12.790 7.684   -5.827  1.00 22.03 ? 29  LEU A CB  1 
ATOM   227  C CG  . LEU A 1 30  ? -11.391 8.320   -5.732  1.00 17.02 ? 29  LEU A CG  1 
ATOM   228  C CD1 . LEU A 1 30  ? -10.788 8.160   -4.356  1.00 13.10 ? 29  LEU A CD1 1 
ATOM   229  C CD2 . LEU A 1 30  ? -10.487 7.689   -6.753  1.00 20.35 ? 29  LEU A CD2 1 
ATOM   230  N N   . VAL A 1 31  ? -14.300 10.266  -3.758  1.00 28.66 ? 30  VAL A N   1 
ATOM   231  C CA  . VAL A 1 31  ? -14.477 11.685  -3.672  1.00 24.52 ? 30  VAL A CA  1 
ATOM   232  C C   . VAL A 1 31  ? -13.066 12.273  -3.693  1.00 28.84 ? 30  VAL A C   1 
ATOM   233  O O   . VAL A 1 31  ? -12.277 12.059  -2.772  1.00 30.68 ? 30  VAL A O   1 
ATOM   234  C CB  . VAL A 1 31  ? -15.188 12.079  -2.367  1.00 23.41 ? 30  VAL A CB  1 
ATOM   235  C CG1 . VAL A 1 31  ? -15.685 13.507  -2.455  1.00 23.65 ? 30  VAL A CG1 1 
ATOM   236  C CG2 . VAL A 1 31  ? -16.331 11.141  -2.085  1.00 18.64 ? 30  VAL A CG2 1 
ATOM   237  N N   . HIS A 1 32  ? -12.765 13.010  -4.759  1.00 33.56 ? 31  HIS A N   1 
ATOM   238  C CA  . HIS A 1 32  ? -11.463 13.608  -4.978  1.00 35.59 ? 31  HIS A CA  1 
ATOM   239  C C   . HIS A 1 32  ? -11.243 14.854  -4.109  1.00 33.36 ? 31  HIS A C   1 
ATOM   240  O O   . HIS A 1 32  ? -12.139 15.689  -3.934  1.00 38.16 ? 31  HIS A O   1 
ATOM   241  C CB  . HIS A 1 32  ? -11.330 13.963  -6.462  1.00 45.53 ? 31  HIS A CB  1 
ATOM   242  C CG  . HIS A 1 32  ? -9.916  14.150  -6.916  1.00 56.15 ? 31  HIS A CG  1 
ATOM   243  N ND1 . HIS A 1 32  ? -9.573  14.976  -7.965  1.00 60.38 ? 31  HIS A ND1 1 
ATOM   244  C CD2 . HIS A 1 32  ? -8.758  13.617  -6.462  1.00 61.88 ? 31  HIS A CD2 1 
ATOM   245  C CE1 . HIS A 1 32  ? -8.264  14.942  -8.138  1.00 62.00 ? 31  HIS A CE1 1 
ATOM   246  N NE2 . HIS A 1 32  ? -7.744  14.126  -7.239  1.00 61.61 ? 31  HIS A NE2 1 
ATOM   247  N N   . VAL A 1 33  ? -10.022 14.973  -3.589  1.00 25.99 ? 32  VAL A N   1 
ATOM   248  C CA  . VAL A 1 33  ? -9.611  16.086  -2.767  1.00 19.15 ? 32  VAL A CA  1 
ATOM   249  C C   . VAL A 1 33  ? -8.460  16.746  -3.514  1.00 18.85 ? 32  VAL A C   1 
ATOM   250  O O   . VAL A 1 33  ? -7.532  16.065  -3.937  1.00 23.18 ? 32  VAL A O   1 
ATOM   251  C CB  . VAL A 1 33  ? -9.158  15.592  -1.360  1.00 23.62 ? 32  VAL A CB  1 
ATOM   252  C CG1 . VAL A 1 33  ? -8.536  16.719  -0.547  1.00 22.27 ? 32  VAL A CG1 1 
ATOM   253  C CG2 . VAL A 1 33  ? -10.350 15.022  -0.606  1.00 23.28 ? 32  VAL A CG2 1 
ATOM   254  N N   . GLU A 1 34  ? -8.555  18.054  -3.748  1.00 26.13 ? 33  GLU A N   1 
ATOM   255  C CA  . GLU A 1 34  ? -7.514  18.782  -4.469  1.00 33.70 ? 33  GLU A CA  1 
ATOM   256  C C   . GLU A 1 34  ? -6.403  19.185  -3.510  1.00 33.47 ? 33  GLU A C   1 
ATOM   257  O O   . GLU A 1 34  ? -6.480  20.221  -2.845  1.00 38.75 ? 33  GLU A O   1 
ATOM   258  C CB  . GLU A 1 34  ? -8.096  20.023  -5.150  1.00 39.54 ? 33  GLU A CB  1 
ATOM   259  C CG  . GLU A 1 34  ? -8.893  19.727  -6.405  1.00 48.23 ? 33  GLU A CG  1 
ATOM   260  C CD  . GLU A 1 34  ? -8.091  18.958  -7.452  1.00 58.11 ? 33  GLU A CD  1 
ATOM   261  O OE1 . GLU A 1 34  ? -6.879  19.236  -7.622  1.00 58.48 ? 33  GLU A OE1 1 
ATOM   262  O OE2 . GLU A 1 34  ? -8.686  18.075  -8.109  1.00 61.42 ? 33  GLU A OE2 1 
ATOM   263  N N   . LEU A 1 35  ? -5.341  18.388  -3.500  1.00 34.90 ? 34  LEU A N   1 
ATOM   264  C CA  . LEU A 1 35  ? -4.208  18.610  -2.631  1.00 34.62 ? 34  LEU A CA  1 
ATOM   265  C C   . LEU A 1 35  ? -3.485  19.876  -3.050  1.00 36.59 ? 34  LEU A C   1 
ATOM   266  O O   . LEU A 1 35  ? -2.882  20.561  -2.224  1.00 36.36 ? 34  LEU A O   1 
ATOM   267  C CB  . LEU A 1 35  ? -3.260  17.410  -2.710  1.00 27.96 ? 34  LEU A CB  1 
ATOM   268  C CG  . LEU A 1 35  ? -3.910  16.049  -2.452  1.00 24.84 ? 34  LEU A CG  1 
ATOM   269  C CD1 . LEU A 1 35  ? -2.847  14.984  -2.312  1.00 25.77 ? 34  LEU A CD1 1 
ATOM   270  C CD2 . LEU A 1 35  ? -4.752  16.120  -1.188  1.00 22.81 ? 34  LEU A CD2 1 
ATOM   271  N N   . LYS A 1 36  ? -3.582  20.193  -4.338  1.00 42.79 ? 35  LYS A N   1 
ATOM   272  C CA  . LYS A 1 36  ? -2.929  21.346  -4.914  1.00 45.74 ? 35  LYS A CA  1 
ATOM   273  C C   . LYS A 1 36  ? -3.623  22.637  -4.470  1.00 44.40 ? 35  LYS A C   1 
ATOM   274  O O   . LYS A 1 36  ? -2.965  23.664  -4.294  1.00 43.85 ? 35  LYS A O   1 
ATOM   275  C CB  . LYS A 1 36  ? -2.922  21.194  -6.442  1.00 50.12 ? 35  LYS A CB  1 
ATOM   276  C CG  . LYS A 1 36  ? -2.258  19.886  -6.899  1.00 60.07 ? 35  LYS A CG  1 
ATOM   277  C CD  . LYS A 1 36  ? -2.111  19.768  -8.415  1.00 67.79 ? 35  LYS A CD  1 
ATOM   278  C CE  . LYS A 1 36  ? -1.340  18.497  -8.792  1.00 69.29 ? 35  LYS A CE  1 
ATOM   279  N NZ  . LYS A 1 36  ? -1.112  18.350  -10.264 1.00 65.90 ? 35  LYS A NZ  1 
ATOM   280  N N   . ASP A 1 37  ? -4.932  22.575  -4.236  1.00 43.42 ? 36  ASP A N   1 
ATOM   281  C CA  . ASP A 1 37  ? -5.678  23.739  -3.818  1.00 41.26 ? 36  ASP A CA  1 
ATOM   282  C C   . ASP A 1 37  ? -5.684  23.851  -2.290  1.00 39.17 ? 36  ASP A C   1 
ATOM   283  O O   . ASP A 1 37  ? -6.353  24.723  -1.732  1.00 40.50 ? 36  ASP A O   1 
ATOM   284  C CB  . ASP A 1 37  ? -7.106  23.655  -4.364  1.00 45.11 ? 36  ASP A CB  1 
ATOM   285  C CG  . ASP A 1 37  ? -7.165  23.774  -5.883  1.00 47.22 ? 36  ASP A CG  1 
ATOM   286  O OD1 . ASP A 1 37  ? -6.152  24.169  -6.505  1.00 45.77 ? 36  ASP A OD1 1 
ATOM   287  O OD2 . ASP A 1 37  ? -8.234  23.478  -6.455  1.00 49.78 ? 36  ASP A OD2 1 
ATOM   288  N N   . GLY A 1 38  ? -4.932  22.974  -1.627  1.00 38.19 ? 37  GLY A N   1 
ATOM   289  C CA  . GLY A 1 38  ? -4.836  22.987  -0.174  1.00 38.68 ? 37  GLY A CA  1 
ATOM   290  C C   . GLY A 1 38  ? -6.127  22.652  0.547   1.00 37.56 ? 37  GLY A C   1 
ATOM   291  O O   . GLY A 1 38  ? -6.319  23.008  1.713   1.00 38.53 ? 37  GLY A O   1 
ATOM   292  N N   . GLU A 1 39  ? -6.986  21.909  -0.141  1.00 35.73 ? 38  GLU A N   1 
ATOM   293  C CA  . GLU A 1 39  ? -8.275  21.519  0.368   1.00 36.56 ? 38  GLU A CA  1 
ATOM   294  C C   . GLU A 1 39  ? -8.159  20.718  1.673   1.00 32.58 ? 38  GLU A C   1 
ATOM   295  O O   . GLU A 1 39  ? -8.801  21.046  2.670   1.00 33.05 ? 38  GLU A O   1 
ATOM   296  C CB  . GLU A 1 39  ? -8.989  20.698  -0.702  1.00 40.79 ? 38  GLU A CB  1 
ATOM   297  C CG  . GLU A 1 39  ? -10.447 20.416  -0.384  1.00 55.85 ? 38  GLU A CG  1 
ATOM   298  C CD  . GLU A 1 39  ? -11.139 19.601  -1.458  1.00 60.10 ? 38  GLU A CD  1 
ATOM   299  O OE1 . GLU A 1 39  ? -10.687 19.623  -2.626  1.00 63.77 ? 38  GLU A OE1 1 
ATOM   300  O OE2 . GLU A 1 39  ? -12.146 18.941  -1.126  1.00 64.20 ? 38  GLU A OE2 1 
ATOM   301  N N   . HIS A 1 40  ? -7.315  19.693  1.663   1.00 27.67 ? 39  HIS A N   1 
ATOM   302  C CA  . HIS A 1 40  ? -7.119  18.807  2.794   1.00 24.46 ? 39  HIS A CA  1 
ATOM   303  C C   . HIS A 1 40  ? -6.644  19.524  4.061   1.00 21.74 ? 39  HIS A C   1 
ATOM   304  O O   . HIS A 1 40  ? -6.692  18.946  5.145   1.00 19.89 ? 39  HIS A O   1 
ATOM   305  C CB  . HIS A 1 40  ? -6.106  17.741  2.407   1.00 20.48 ? 39  HIS A CB  1 
ATOM   306  C CG  . HIS A 1 40  ? -4.809  18.305  1.937   1.00 21.46 ? 39  HIS A CG  1 
ATOM   307  N ND1 . HIS A 1 40  ? -4.715  19.136  0.842   1.00 22.66 ? 39  HIS A ND1 1 
ATOM   308  C CD2 . HIS A 1 40  ? -3.557  18.198  2.438   1.00 27.07 ? 39  HIS A CD2 1 
ATOM   309  C CE1 . HIS A 1 40  ? -3.462  19.521  0.691   1.00 22.41 ? 39  HIS A CE1 1 
ATOM   310  N NE2 . HIS A 1 40  ? -2.738  18.966  1.647   1.00 26.43 ? 39  HIS A NE2 1 
ATOM   311  N N   . LYS A 1 41  ? -6.182  20.765  3.945   1.00 25.66 ? 40  LYS A N   1 
ATOM   312  C CA  . LYS A 1 41  ? -5.691  21.461  5.109   1.00 23.97 ? 40  LYS A CA  1 
ATOM   313  C C   . LYS A 1 41  ? -6.696  22.503  5.580   1.00 28.96 ? 40  LYS A C   1 
ATOM   314  O O   . LYS A 1 41  ? -6.336  23.453  6.280   1.00 27.63 ? 40  LYS A O   1 
ATOM   315  C CB  . LYS A 1 41  ? -4.349  22.109  4.793   1.00 17.83 ? 40  LYS A CB  1 
ATOM   316  C CG  . LYS A 1 41  ? -3.246  21.129  4.416   1.00 23.72 ? 40  LYS A CG  1 
ATOM   317  C CD  . LYS A 1 41  ? -2.942  20.149  5.539   1.00 38.27 ? 40  LYS A CD  1 
ATOM   318  C CE  . LYS A 1 41  ? -1.738  19.263  5.207   1.00 40.83 ? 40  LYS A CE  1 
ATOM   319  N NZ  . LYS A 1 41  ? -1.427  18.257  6.278   1.00 41.27 ? 40  LYS A NZ  1 
ATOM   320  N N   . LYS A 1 42  ? -7.965  22.306  5.236   1.00 31.83 ? 41  LYS A N   1 
ATOM   321  C CA  . LYS A 1 42  ? -8.987  23.231  5.648   1.00 34.86 ? 41  LYS A CA  1 
ATOM   322  C C   . LYS A 1 42  ? -10.328 22.516  5.756   1.00 33.09 ? 41  LYS A C   1 
ATOM   323  O O   . LYS A 1 42  ? -10.585 21.528  5.061   1.00 33.20 ? 41  LYS A O   1 
ATOM   324  C CB  . LYS A 1 42  ? -9.072  24.413  4.666   1.00 43.97 ? 41  LYS A CB  1 
ATOM   325  C CG  . LYS A 1 42  ? -9.135  24.048  3.182   1.00 52.20 ? 41  LYS A CG  1 
ATOM   326  C CD  . LYS A 1 42  ? -9.058  25.307  2.321   1.00 60.73 ? 41  LYS A CD  1 
ATOM   327  C CE  . LYS A 1 42  ? -8.859  25.004  0.835   1.00 66.81 ? 41  LYS A CE  1 
ATOM   328  N NZ  . LYS A 1 42  ? -10.016 24.304  0.204   1.00 71.30 ? 41  LYS A NZ  1 
ATOM   329  N N   . GLU A 1 43  ? -11.172 23.042  6.641   1.00 31.59 ? 42  GLU A N   1 
ATOM   330  C CA  . GLU A 1 43  ? -12.500 22.526  6.893   1.00 31.31 ? 42  GLU A CA  1 
ATOM   331  C C   . GLU A 1 43  ? -13.240 22.433  5.554   1.00 30.46 ? 42  GLU A C   1 
ATOM   332  O O   . GLU A 1 43  ? -13.001 23.236  4.651   1.00 37.90 ? 42  GLU A O   1 
ATOM   333  C CB  . GLU A 1 43  ? -13.220 23.485  7.844   1.00 30.25 ? 42  GLU A CB  1 
ATOM   334  C CG  . GLU A 1 43  ? -14.172 22.806  8.806   1.00 36.82 ? 42  GLU A CG  1 
ATOM   335  C CD  . GLU A 1 43  ? -13.465 21.805  9.701   1.00 39.33 ? 42  GLU A CD  1 
ATOM   336  O OE1 . GLU A 1 43  ? -12.874 22.224  10.716  1.00 41.30 ? 42  GLU A OE1 1 
ATOM   337  O OE2 . GLU A 1 43  ? -13.488 20.599  9.380   1.00 37.32 ? 42  GLU A OE2 1 
ATOM   338  N N   . PRO A 1 44  ? -14.152 21.455  5.404   1.00 27.14 ? 43  PRO A N   1 
ATOM   339  C CA  . PRO A 1 44  ? -14.565 20.429  6.360   1.00 25.87 ? 43  PRO A CA  1 
ATOM   340  C C   . PRO A 1 44  ? -13.769 19.115  6.331   1.00 31.14 ? 43  PRO A C   1 
ATOM   341  O O   . PRO A 1 44  ? -14.147 18.159  7.017   1.00 34.11 ? 43  PRO A O   1 
ATOM   342  C CB  . PRO A 1 44  ? -16.006 20.189  5.960   1.00 21.50 ? 43  PRO A CB  1 
ATOM   343  C CG  . PRO A 1 44  ? -15.902 20.213  4.479   1.00 19.04 ? 43  PRO A CG  1 
ATOM   344  C CD  . PRO A 1 44  ? -15.015 21.410  4.210   1.00 23.03 ? 43  PRO A CD  1 
ATOM   345  N N   . PHE A 1 45  ? -12.691 19.048  5.545   1.00 29.35 ? 44  PHE A N   1 
ATOM   346  C CA  . PHE A 1 45  ? -11.902 17.827  5.487   1.00 24.56 ? 44  PHE A CA  1 
ATOM   347  C C   . PHE A 1 45  ? -11.202 17.617  6.831   1.00 25.36 ? 44  PHE A C   1 
ATOM   348  O O   . PHE A 1 45  ? -11.000 16.478  7.257   1.00 24.67 ? 44  PHE A O   1 
ATOM   349  C CB  . PHE A 1 45  ? -10.859 17.884  4.374   1.00 19.93 ? 44  PHE A CB  1 
ATOM   350  C CG  . PHE A 1 45  ? -10.118 16.582  4.177   1.00 23.65 ? 44  PHE A CG  1 
ATOM   351  C CD1 . PHE A 1 45  ? -10.661 15.565  3.391   1.00 19.56 ? 44  PHE A CD1 1 
ATOM   352  C CD2 . PHE A 1 45  ? -8.882  16.362  4.789   1.00 19.61 ? 44  PHE A CD2 1 
ATOM   353  C CE1 . PHE A 1 45  ? -9.980  14.350  3.219   1.00 14.96 ? 44  PHE A CE1 1 
ATOM   354  C CE2 . PHE A 1 45  ? -8.203  15.151  4.618   1.00 11.06 ? 44  PHE A CE2 1 
ATOM   355  C CZ  . PHE A 1 45  ? -8.754  14.148  3.833   1.00 4.18  ? 44  PHE A CZ  1 
ATOM   356  N N   . LEU A 1 46  ? -10.858 18.710  7.504   1.00 20.28 ? 45  LEU A N   1 
ATOM   357  C CA  . LEU A 1 46  ? -10.196 18.630  8.774   1.00 21.09 ? 45  LEU A CA  1 
ATOM   358  C C   . LEU A 1 46  ? -11.087 17.922  9.794   1.00 20.40 ? 45  LEU A C   1 
ATOM   359  O O   . LEU A 1 46  ? -10.617 17.530  10.860  1.00 21.29 ? 45  LEU A O   1 
ATOM   360  C CB  . LEU A 1 46  ? -9.824  20.027  9.262   1.00 22.34 ? 45  LEU A CB  1 
ATOM   361  C CG  . LEU A 1 46  ? -8.666  20.703  8.522   1.00 28.91 ? 45  LEU A CG  1 
ATOM   362  C CD1 . LEU A 1 46  ? -8.314  22.007  9.228   1.00 29.57 ? 45  LEU A CD1 1 
ATOM   363  C CD2 . LEU A 1 46  ? -7.446  19.786  8.467   1.00 23.36 ? 45  LEU A CD2 1 
ATOM   364  N N   . SER A 1 47  ? -12.371 17.776  9.483   1.00 22.87 ? 46  SER A N   1 
ATOM   365  C CA  . SER A 1 47  ? -13.284 17.086  10.376  1.00 21.65 ? 46  SER A CA  1 
ATOM   366  C C   . SER A 1 47  ? -13.308 15.606  9.991   1.00 21.42 ? 46  SER A C   1 
ATOM   367  O O   . SER A 1 47  ? -13.856 14.774  10.717  1.00 26.48 ? 46  SER A O   1 
ATOM   368  C CB  . SER A 1 47  ? -14.691 17.690  10.290  1.00 18.19 ? 46  SER A CB  1 
ATOM   369  O OG  . SER A 1 47  ? -14.754 18.955  10.933  1.00 12.77 ? 46  SER A OG  1 
ATOM   370  N N   . ARG A 1 48  ? -12.723 15.287  8.840   1.00 22.79 ? 47  ARG A N   1 
ATOM   371  C CA  . ARG A 1 48  ? -12.647 13.916  8.368   1.00 27.98 ? 47  ARG A CA  1 
ATOM   372  C C   . ARG A 1 48  ? -11.284 13.366  8.807   1.00 26.51 ? 47  ARG A C   1 
ATOM   373  O O   . ARG A 1 48  ? -11.166 12.197  9.200   1.00 28.26 ? 47  ARG A O   1 
ATOM   374  C CB  . ARG A 1 48  ? -12.765 13.863  6.842   1.00 28.94 ? 47  ARG A CB  1 
ATOM   375  C CG  . ARG A 1 48  ? -13.785 14.824  6.263   1.00 39.24 ? 47  ARG A CG  1 
ATOM   376  C CD  . ARG A 1 48  ? -14.295 14.326  4.931   1.00 46.26 ? 47  ARG A CD  1 
ATOM   377  N NE  . ARG A 1 48  ? -15.064 13.102  5.120   1.00 52.83 ? 47  ARG A NE  1 
ATOM   378  C CZ  . ARG A 1 48  ? -16.381 13.069  5.290   1.00 52.33 ? 47  ARG A CZ  1 
ATOM   379  N NH1 . ARG A 1 48  ? -17.083 14.199  5.282   1.00 50.44 ? 47  ARG A NH1 1 
ATOM   380  N NH2 . ARG A 1 48  ? -16.988 11.909  5.501   1.00 45.63 ? 47  ARG A NH2 1 
ATOM   381  N N   . ASN A 1 49  ? -10.270 14.227  8.750   1.00 17.09 ? 48  ASN A N   1 
ATOM   382  C CA  . ASN A 1 49  ? -8.939  13.869  9.146   1.00 14.48 ? 48  ASN A CA  1 
ATOM   383  C C   . ASN A 1 49  ? -8.266  15.143  9.660   1.00 15.57 ? 48  ASN A C   1 
ATOM   384  O O   . ASN A 1 49  ? -7.790  15.951  8.872   1.00 22.73 ? 48  ASN A O   1 
ATOM   385  C CB  . ASN A 1 49  ? -8.194  13.304  7.942   1.00 11.76 ? 48  ASN A CB  1 
ATOM   386  C CG  . ASN A 1 49  ? -6.902  12.609  8.323   1.00 15.49 ? 48  ASN A CG  1 
ATOM   387  O OD1 . ASN A 1 49  ? -6.335  11.848  7.532   1.00 13.73 ? 48  ASN A OD1 1 
ATOM   388  N ND2 . ASN A 1 49  ? -6.424  12.866  9.534   1.00 14.46 ? 48  ASN A ND2 1 
ATOM   389  N N   . PRO A 1 50  ? -8.204  15.324  10.995  1.00 13.76 ? 49  PRO A N   1 
ATOM   390  C CA  . PRO A 1 50  ? -7.591  16.501  11.614  1.00 10.32 ? 49  PRO A CA  1 
ATOM   391  C C   . PRO A 1 50  ? -6.099  16.667  11.365  1.00 19.10 ? 49  PRO A C   1 
ATOM   392  O O   . PRO A 1 50  ? -5.536  17.732  11.648  1.00 26.94 ? 49  PRO A O   1 
ATOM   393  C CB  . PRO A 1 50  ? -7.908  16.313  13.097  1.00 7.38  ? 49  PRO A CB  1 
ATOM   394  C CG  . PRO A 1 50  ? -7.971  14.849  13.262  1.00 10.91 ? 49  PRO A CG  1 
ATOM   395  C CD  . PRO A 1 50  ? -8.723  14.411  12.030  1.00 17.91 ? 49  PRO A CD  1 
ATOM   396  N N   . PHE A 1 51  ? -5.462  15.632  10.822  1.00 16.33 ? 50  PHE A N   1 
ATOM   397  C CA  . PHE A 1 51  ? -4.049  15.688  10.541  1.00 9.04  ? 50  PHE A CA  1 
ATOM   398  C C   . PHE A 1 51  ? -3.835  16.143  9.105   1.00 13.55 ? 50  PHE A C   1 
ATOM   399  O O   . PHE A 1 51  ? -2.696  16.290  8.664   1.00 23.60 ? 50  PHE A O   1 
ATOM   400  C CB  . PHE A 1 51  ? -3.421  14.325  10.806  1.00 7.19  ? 50  PHE A CB  1 
ATOM   401  C CG  . PHE A 1 51  ? -3.451  13.926  12.264  1.00 13.43 ? 50  PHE A CG  1 
ATOM   402  C CD1 . PHE A 1 51  ? -2.585  14.521  13.181  1.00 11.98 ? 50  PHE A CD1 1 
ATOM   403  C CD2 . PHE A 1 51  ? -4.363  12.982  12.726  1.00 9.01  ? 50  PHE A CD2 1 
ATOM   404  C CE1 . PHE A 1 51  ? -2.630  14.184  14.530  1.00 2.00  ? 50  PHE A CE1 1 
ATOM   405  C CE2 . PHE A 1 51  ? -4.408  12.645  14.076  1.00 7.75  ? 50  PHE A CE2 1 
ATOM   406  C CZ  . PHE A 1 51  ? -3.538  13.251  14.974  1.00 2.00  ? 50  PHE A CZ  1 
ATOM   407  N N   . GLY A 1 52  ? -4.937  16.377  8.390   1.00 13.92 ? 51  GLY A N   1 
ATOM   408  C CA  . GLY A 1 52  ? -4.891  16.860  7.016   1.00 15.09 ? 51  GLY A CA  1 
ATOM   409  C C   . GLY A 1 52  ? -4.154  16.042  5.974   1.00 20.26 ? 51  GLY A C   1 
ATOM   410  O O   . GLY A 1 52  ? -3.228  16.533  5.319   1.00 22.23 ? 51  GLY A O   1 
ATOM   411  N N   . GLN A 1 53  ? -4.577  14.798  5.792   1.00 16.69 ? 52  GLN A N   1 
ATOM   412  C CA  . GLN A 1 53  ? -3.958  13.933  4.821   1.00 14.77 ? 52  GLN A CA  1 
ATOM   413  C C   . GLN A 1 53  ? -5.019  13.033  4.227   1.00 13.06 ? 52  GLN A C   1 
ATOM   414  O O   . GLN A 1 53  ? -6.080  12.821  4.811   1.00 16.93 ? 52  GLN A O   1 
ATOM   415  C CB  . GLN A 1 53  ? -2.909  13.036  5.458   1.00 8.19  ? 52  GLN A CB  1 
ATOM   416  C CG  . GLN A 1 53  ? -1.752  13.716  6.086   1.00 6.47  ? 52  GLN A CG  1 
ATOM   417  C CD  . GLN A 1 53  ? -0.877  12.713  6.770   1.00 10.16 ? 52  GLN A CD  1 
ATOM   418  O OE1 . GLN A 1 53  ? -1.367  11.813  7.452   1.00 10.40 ? 52  GLN A OE1 1 
ATOM   419  N NE2 . GLN A 1 53  ? 0.424   12.833  6.575   1.00 14.40 ? 52  GLN A NE2 1 
ATOM   420  N N   . VAL A 1 54  ? -4.677  12.452  3.088   1.00 11.23 ? 53  VAL A N   1 
ATOM   421  C CA  . VAL A 1 54  ? -5.540  11.547  2.404   1.00 12.32 ? 53  VAL A CA  1 
ATOM   422  C C   . VAL A 1 54  ? -4.869  10.171  2.506   1.00 9.27  ? 53  VAL A C   1 
ATOM   423  O O   . VAL A 1 54  ? -3.647  10.074  2.514   1.00 8.38  ? 53  VAL A O   1 
ATOM   424  C CB  . VAL A 1 54  ? -5.752  12.002  0.932   1.00 10.89 ? 53  VAL A CB  1 
ATOM   425  C CG1 . VAL A 1 54  ? -6.284  13.423  0.918   1.00 10.24 ? 53  VAL A CG1 1 
ATOM   426  C CG2 . VAL A 1 54  ? -4.451  11.940  0.149   1.00 8.16  ? 53  VAL A CG2 1 
ATOM   427  N N   . PRO A 1 55  ? -5.658  9.085   2.528   1.00 8.90  ? 54  PRO A N   1 
ATOM   428  C CA  . PRO A 1 55  ? -7.118  9.058   2.456   1.00 10.58 ? 54  PRO A CA  1 
ATOM   429  C C   . PRO A 1 55  ? -7.913  9.180   3.743   1.00 14.21 ? 54  PRO A C   1 
ATOM   430  O O   . PRO A 1 55  ? -7.408  8.996   4.853   1.00 18.05 ? 54  PRO A O   1 
ATOM   431  C CB  . PRO A 1 55  ? -7.379  7.700   1.827   1.00 9.45  ? 54  PRO A CB  1 
ATOM   432  C CG  . PRO A 1 55  ? -6.369  6.851   2.495   1.00 9.21  ? 54  PRO A CG  1 
ATOM   433  C CD  . PRO A 1 55  ? -5.114  7.717   2.463   1.00 8.65  ? 54  PRO A CD  1 
ATOM   434  N N   . ALA A 1 56  ? -9.182  9.508   3.546   1.00 14.91 ? 55  ALA A N   1 
ATOM   435  C CA  . ALA A 1 56  ? -10.172 9.593   4.586   1.00 18.32 ? 55  ALA A CA  1 
ATOM   436  C C   . ALA A 1 56  ? -11.248 8.620   4.062   1.00 17.30 ? 55  ALA A C   1 
ATOM   437  O O   . ALA A 1 56  ? -11.387 8.456   2.851   1.00 17.60 ? 55  ALA A O   1 
ATOM   438  C CB  . ALA A 1 56  ? -10.709 11.015  4.715   1.00 17.24 ? 55  ALA A CB  1 
ATOM   439  N N   . PHE A 1 57  ? -11.991 7.967   4.945   1.00 19.49 ? 56  PHE A N   1 
ATOM   440  C CA  . PHE A 1 57  ? -12.956 6.970   4.511   1.00 17.98 ? 56  PHE A CA  1 
ATOM   441  C C   . PHE A 1 57  ? -14.294 7.147   5.242   1.00 19.40 ? 56  PHE A C   1 
ATOM   442  O O   . PHE A 1 57  ? -14.384 7.852   6.248   1.00 18.37 ? 56  PHE A O   1 
ATOM   443  C CB  . PHE A 1 57  ? -12.293 5.613   4.789   1.00 16.25 ? 56  PHE A CB  1 
ATOM   444  C CG  . PHE A 1 57  ? -13.201 4.423   4.674   1.00 11.92 ? 56  PHE A CG  1 
ATOM   445  C CD1 . PHE A 1 57  ? -13.984 4.025   5.752   1.00 6.97  ? 56  PHE A CD1 1 
ATOM   446  C CD2 . PHE A 1 57  ? -13.216 3.656   3.515   1.00 9.51  ? 56  PHE A CD2 1 
ATOM   447  C CE1 . PHE A 1 57  ? -14.757 2.884   5.678   1.00 9.86  ? 56  PHE A CE1 1 
ATOM   448  C CE2 . PHE A 1 57  ? -13.990 2.510   3.434   1.00 10.18 ? 56  PHE A CE2 1 
ATOM   449  C CZ  . PHE A 1 57  ? -14.761 2.122   4.518   1.00 8.01  ? 56  PHE A CZ  1 
ATOM   450  N N   . GLU A 1 58  ? -15.344 6.540   4.695   1.00 21.22 ? 57  GLU A N   1 
ATOM   451  C CA  . GLU A 1 58  ? -16.645 6.621   5.301   1.00 24.34 ? 57  GLU A CA  1 
ATOM   452  C C   . GLU A 1 58  ? -17.512 5.453   4.838   1.00 24.00 ? 57  GLU A C   1 
ATOM   453  O O   . GLU A 1 58  ? -17.833 5.327   3.660   1.00 15.24 ? 57  GLU A O   1 
ATOM   454  C CB  . GLU A 1 58  ? -17.326 7.936   4.938   1.00 31.11 ? 57  GLU A CB  1 
ATOM   455  C CG  . GLU A 1 58  ? -18.723 8.046   5.521   1.00 44.59 ? 57  GLU A CG  1 
ATOM   456  C CD  . GLU A 1 58  ? -19.559 9.128   4.869   1.00 47.52 ? 57  GLU A CD  1 
ATOM   457  O OE1 . GLU A 1 58  ? -19.379 10.308  5.231   1.00 46.97 ? 57  GLU A OE1 1 
ATOM   458  O OE2 . GLU A 1 58  ? -20.406 8.791   4.007   1.00 51.10 ? 57  GLU A OE2 1 
ATOM   459  N N   . ASP A 1 59  ? -17.845 4.580   5.781   1.00 27.74 ? 58  ASP A N   1 
ATOM   460  C CA  . ASP A 1 59  ? -18.702 3.442   5.538   1.00 27.92 ? 58  ASP A CA  1 
ATOM   461  C C   . ASP A 1 59  ? -20.010 3.837   6.219   1.00 32.16 ? 58  ASP A C   1 
ATOM   462  O O   . ASP A 1 59  ? -20.243 3.514   7.388   1.00 35.14 ? 58  ASP A O   1 
ATOM   463  C CB  . ASP A 1 59  ? -18.099 2.195   6.194   1.00 27.01 ? 58  ASP A CB  1 
ATOM   464  C CG  . ASP A 1 59  ? -18.879 0.920   5.895   1.00 26.32 ? 58  ASP A CG  1 
ATOM   465  O OD1 . ASP A 1 59  ? -20.097 0.862   6.153   1.00 42.62 ? 58  ASP A OD1 1 
ATOM   466  O OD2 . ASP A 1 59  ? -18.260 -0.053  5.431   1.00 35.51 ? 58  ASP A OD2 1 
ATOM   467  N N   . GLY A 1 60  ? -20.820 4.609   5.504   1.00 34.51 ? 59  GLY A N   1 
ATOM   468  C CA  . GLY A 1 60  ? -22.073 5.076   6.060   1.00 39.05 ? 59  GLY A CA  1 
ATOM   469  C C   . GLY A 1 60  ? -21.833 6.159   7.099   1.00 40.27 ? 59  GLY A C   1 
ATOM   470  O O   . GLY A 1 60  ? -21.538 7.313   6.765   1.00 40.94 ? 59  GLY A O   1 
ATOM   471  N N   . ASP A 1 61  ? -21.938 5.781   8.368   1.00 41.18 ? 60  ASP A N   1 
ATOM   472  C CA  . ASP A 1 61  ? -21.740 6.710   9.449   1.00 45.21 ? 60  ASP A CA  1 
ATOM   473  C C   . ASP A 1 61  ? -20.348 6.535   10.048  1.00 43.01 ? 60  ASP A C   1 
ATOM   474  O O   . ASP A 1 61  ? -19.808 7.478   10.629  1.00 45.84 ? 60  ASP A O   1 
ATOM   475  C CB  . ASP A 1 61  ? -22.816 6.507   10.525  1.00 54.45 ? 60  ASP A CB  1 
ATOM   476  C CG  . ASP A 1 61  ? -24.148 7.164   10.163  1.00 58.62 ? 60  ASP A CG  1 
ATOM   477  O OD1 . ASP A 1 61  ? -24.658 6.929   9.042   1.00 55.95 ? 60  ASP A OD1 1 
ATOM   478  O OD2 . ASP A 1 61  ? -24.686 7.917   11.009  1.00 59.85 ? 60  ASP A OD2 1 
ATOM   479  N N   . LEU A 1 62  ? -19.770 5.342   9.923   1.00 38.42 ? 61  LEU A N   1 
ATOM   480  C CA  . LEU A 1 62  ? -18.450 5.096   10.466  1.00 34.95 ? 61  LEU A CA  1 
ATOM   481  C C   . LEU A 1 62  ? -17.433 5.834   9.613   1.00 32.22 ? 61  LEU A C   1 
ATOM   482  O O   . LEU A 1 62  ? -17.395 5.679   8.392   1.00 30.20 ? 61  LEU A O   1 
ATOM   483  C CB  . LEU A 1 62  ? -18.150 3.600   10.482  1.00 43.19 ? 61  LEU A CB  1 
ATOM   484  C CG  . LEU A 1 62  ? -16.864 3.160   11.192  1.00 52.54 ? 61  LEU A CG  1 
ATOM   485  C CD1 . LEU A 1 62  ? -16.616 3.973   12.465  1.00 56.55 ? 61  LEU A CD1 1 
ATOM   486  C CD2 . LEU A 1 62  ? -16.950 1.670   11.510  1.00 53.29 ? 61  LEU A CD2 1 
ATOM   487  N N   . LYS A 1 63  ? -16.621 6.653   10.273  1.00 31.85 ? 62  LYS A N   1 
ATOM   488  C CA  . LYS A 1 63  ? -15.614 7.441   9.608   1.00 30.01 ? 62  LYS A CA  1 
ATOM   489  C C   . LYS A 1 63  ? -14.246 6.966   10.075  1.00 32.19 ? 62  LYS A C   1 
ATOM   490  O O   . LYS A 1 63  ? -14.065 6.627   11.247  1.00 37.11 ? 62  LYS A O   1 
ATOM   491  C CB  . LYS A 1 63  ? -15.797 8.916   9.955   1.00 29.96 ? 62  LYS A CB  1 
ATOM   492  C CG  . LYS A 1 63  ? -17.252 9.342   10.099  1.00 35.37 ? 62  LYS A CG  1 
ATOM   493  C CD  . LYS A 1 63  ? -17.410 10.846  10.074  1.00 32.88 ? 62  LYS A CD  1 
ATOM   494  C CE  . LYS A 1 63  ? -17.238 11.358  8.665   1.00 36.73 ? 62  LYS A CE  1 
ATOM   495  N NZ  . LYS A 1 63  ? -18.204 10.678  7.759   1.00 39.43 ? 62  LYS A NZ  1 
ATOM   496  N N   . LEU A 1 64  ? -13.288 6.951   9.150   1.00 32.62 ? 63  LEU A N   1 
ATOM   497  C CA  . LEU A 1 64  ? -11.930 6.523   9.434   1.00 25.78 ? 63  LEU A CA  1 
ATOM   498  C C   . LEU A 1 64  ? -10.941 7.303   8.562   1.00 22.69 ? 63  LEU A C   1 
ATOM   499  O O   . LEU A 1 64  ? -11.316 8.052   7.665   1.00 23.69 ? 63  LEU A O   1 
ATOM   500  C CB  . LEU A 1 64  ? -11.749 5.027   9.114   1.00 24.25 ? 63  LEU A CB  1 
ATOM   501  C CG  . LEU A 1 64  ? -12.475 3.869   9.800   1.00 19.36 ? 63  LEU A CG  1 
ATOM   502  C CD1 . LEU A 1 64  ? -13.915 3.797   9.359   1.00 13.90 ? 63  LEU A CD1 1 
ATOM   503  C CD2 . LEU A 1 64  ? -11.768 2.584   9.425   1.00 17.19 ? 63  LEU A CD2 1 
ATOM   504  N N   . PHE A 1 65  ? -9.666  7.133   8.882   1.00 23.60 ? 64  PHE A N   1 
ATOM   505  C CA  . PHE A 1 65  ? -8.576  7.695   8.140   1.00 21.95 ? 64  PHE A CA  1 
ATOM   506  C C   . PHE A 1 65  ? -7.370  6.837   8.479   1.00 20.02 ? 64  PHE A C   1 
ATOM   507  O O   . PHE A 1 65  ? -7.493  5.917   9.286   1.00 24.26 ? 64  PHE A O   1 
ATOM   508  C CB  . PHE A 1 65  ? -8.360  9.197   8.411   1.00 20.11 ? 64  PHE A CB  1 
ATOM   509  C CG  . PHE A 1 65  ? -7.977  9.546   9.814   1.00 17.06 ? 64  PHE A CG  1 
ATOM   510  C CD1 . PHE A 1 65  ? -6.635  9.643   10.177  1.00 21.85 ? 64  PHE A CD1 1 
ATOM   511  C CD2 . PHE A 1 65  ? -8.944  9.916   10.736  1.00 11.15 ? 64  PHE A CD2 1 
ATOM   512  C CE1 . PHE A 1 65  ? -6.265  10.117  11.436  1.00 18.50 ? 64  PHE A CE1 1 
ATOM   513  C CE2 . PHE A 1 65  ? -8.588  10.389  11.990  1.00 11.72 ? 64  PHE A CE2 1 
ATOM   514  C CZ  . PHE A 1 65  ? -7.246  10.492  12.342  1.00 16.73 ? 64  PHE A CZ  1 
ATOM   515  N N   . GLU A 1 66  ? -6.240  7.074   7.816   1.00 22.91 ? 65  GLU A N   1 
ATOM   516  C CA  . GLU A 1 66  ? -5.039  6.268   8.007   1.00 23.17 ? 65  GLU A CA  1 
ATOM   517  C C   . GLU A 1 66  ? -5.338  4.992   7.191   1.00 18.79 ? 65  GLU A C   1 
ATOM   518  O O   . GLU A 1 66  ? -6.140  4.160   7.607   1.00 21.11 ? 65  GLU A O   1 
ATOM   519  C CB  . GLU A 1 66  ? -4.837  5.985   9.513   1.00 23.22 ? 65  GLU A CB  1 
ATOM   520  C CG  . GLU A 1 66  ? -3.398  5.995   10.017  1.00 17.92 ? 65  GLU A CG  1 
ATOM   521  C CD  . GLU A 1 66  ? -2.753  7.365   10.106  1.00 16.85 ? 65  GLU A CD  1 
ATOM   522  O OE1 . GLU A 1 66  ? -3.360  8.304   10.657  1.00 32.49 ? 65  GLU A OE1 1 
ATOM   523  O OE2 . GLU A 1 66  ? -1.604  7.499   9.653   1.00 16.15 ? 65  GLU A OE2 1 
ATOM   524  N N   . SER A 1 67  ? -4.695  4.862   6.027   1.00 17.70 ? 66  SER A N   1 
ATOM   525  C CA  . SER A 1 67  ? -4.937  3.770   5.072   1.00 11.40 ? 66  SER A CA  1 
ATOM   526  C C   . SER A 1 67  ? -4.907  2.350   5.622   1.00 12.31 ? 66  SER A C   1 
ATOM   527  O O   . SER A 1 67  ? -5.730  1.545   5.205   1.00 21.43 ? 66  SER A O   1 
ATOM   528  C CB  . SER A 1 67  ? -3.987  3.869   3.875   1.00 6.72  ? 66  SER A CB  1 
ATOM   529  O OG  . SER A 1 67  ? -2.631  3.805   4.261   1.00 11.73 ? 66  SER A OG  1 
ATOM   530  N N   . ARG A 1 68  ? -3.982  2.007   6.515   1.00 11.62 ? 67  ARG A N   1 
ATOM   531  C CA  . ARG A 1 68  ? -3.925  0.643   7.009   1.00 4.61  ? 67  ARG A CA  1 
ATOM   532  C C   . ARG A 1 68  ? -5.005  0.384   8.064   1.00 12.82 ? 67  ARG A C   1 
ATOM   533  O O   . ARG A 1 68  ? -5.369  -0.769  8.312   1.00 13.28 ? 67  ARG A O   1 
ATOM   534  C CB  . ARG A 1 68  ? -2.545  0.348   7.563   1.00 9.62  ? 67  ARG A CB  1 
ATOM   535  C CG  . ARG A 1 68  ? -1.435  0.581   6.566   1.00 7.79  ? 67  ARG A CG  1 
ATOM   536  C CD  . ARG A 1 68  ? -0.092  0.470   7.251   1.00 8.51  ? 67  ARG A CD  1 
ATOM   537  N NE  . ARG A 1 68  ? 1.009   0.882   6.390   1.00 6.58  ? 67  ARG A NE  1 
ATOM   538  C CZ  . ARG A 1 68  ? 1.223   2.130   5.984   1.00 7.15  ? 67  ARG A CZ  1 
ATOM   539  N NH1 . ARG A 1 68  ? 0.405   3.109   6.356   1.00 10.94 ? 67  ARG A NH1 1 
ATOM   540  N NH2 . ARG A 1 68  ? 2.266   2.401   5.217   1.00 10.65 ? 67  ARG A NH2 1 
ATOM   541  N N   . ALA A 1 69  ? -5.508  1.435   8.704   1.00 11.16 ? 68  ALA A N   1 
ATOM   542  C CA  . ALA A 1 69  ? -6.560  1.263   9.679   1.00 5.80  ? 68  ALA A CA  1 
ATOM   543  C C   . ALA A 1 69  ? -7.868  0.975   8.918   1.00 14.82 ? 68  ALA A C   1 
ATOM   544  O O   . ALA A 1 69  ? -8.752  0.280   9.418   1.00 20.64 ? 68  ALA A O   1 
ATOM   545  C CB  . ALA A 1 69  ? -6.708  2.512   10.505  1.00 5.74  ? 68  ALA A CB  1 
ATOM   546  N N   . ILE A 1 70  ? -7.963  1.482   7.690   1.00 16.48 ? 69  ILE A N   1 
ATOM   547  C CA  . ILE A 1 70  ? -9.140  1.316   6.858   1.00 13.84 ? 69  ILE A CA  1 
ATOM   548  C C   . ILE A 1 70  ? -9.129  -0.068  6.229   1.00 12.93 ? 69  ILE A C   1 
ATOM   549  O O   . ILE A 1 70  ? -10.167 -0.733  6.170   1.00 17.36 ? 69  ILE A O   1 
ATOM   550  C CB  . ILE A 1 70  ? -9.194  2.387   5.726   1.00 14.53 ? 69  ILE A CB  1 
ATOM   551  C CG1 . ILE A 1 70  ? -9.265  3.798   6.326   1.00 8.59  ? 69  ILE A CG1 1 
ATOM   552  C CG2 . ILE A 1 70  ? -10.370 2.114   4.786   1.00 7.28  ? 69  ILE A CG2 1 
ATOM   553  C CD1 . ILE A 1 70  ? -8.974  4.904   5.341   1.00 8.67  ? 69  ILE A CD1 1 
ATOM   554  N N   . THR A 1 71  ? -7.963  -0.507  5.765   1.00 10.81 ? 70  THR A N   1 
ATOM   555  C CA  . THR A 1 71  ? -7.870  -1.797  5.128   1.00 11.56 ? 70  THR A CA  1 
ATOM   556  C C   . THR A 1 71  ? -8.269  -2.869  6.126   1.00 10.05 ? 70  THR A C   1 
ATOM   557  O O   . THR A 1 71  ? -9.075  -3.724  5.809   1.00 14.94 ? 70  THR A O   1 
ATOM   558  C CB  . THR A 1 71  ? -6.452  -2.076  4.536   1.00 15.43 ? 70  THR A CB  1 
ATOM   559  O OG1 . THR A 1 71  ? -5.437  -1.801  5.518   1.00 18.28 ? 70  THR A OG1 1 
ATOM   560  C CG2 . THR A 1 71  ? -6.202  -1.216  3.299   1.00 6.88  ? 70  THR A CG2 1 
ATOM   561  N N   . GLN A 1 72  ? -7.765  -2.768  7.352   1.00 20.15 ? 71  GLN A N   1 
ATOM   562  C CA  . GLN A 1 72  ? -8.043  -3.735  8.408   1.00 19.47 ? 71  GLN A CA  1 
ATOM   563  C C   . GLN A 1 72  ? -9.514  -3.724  8.749   1.00 19.55 ? 71  GLN A C   1 
ATOM   564  O O   . GLN A 1 72  ? -10.069 -4.760  9.102   1.00 22.84 ? 71  GLN A O   1 
ATOM   565  C CB  . GLN A 1 72  ? -7.223  -3.409  9.651   1.00 16.63 ? 71  GLN A CB  1 
ATOM   566  C CG  . GLN A 1 72  ? -5.744  -3.638  9.458   1.00 23.81 ? 71  GLN A CG  1 
ATOM   567  C CD  . GLN A 1 72  ? -4.938  -3.223  10.658  1.00 29.21 ? 71  GLN A CD  1 
ATOM   568  O OE1 . GLN A 1 72  ? -4.909  -2.047  11.024  1.00 30.64 ? 71  GLN A OE1 1 
ATOM   569  N NE2 . GLN A 1 72  ? -4.278  -4.187  11.286  1.00 34.79 ? 71  GLN A NE2 1 
ATOM   570  N N   . TYR A 1 73  ? -10.129 -2.546  8.675   1.00 21.59 ? 72  TYR A N   1 
ATOM   571  C CA  . TYR A 1 73  ? -11.538 -2.392  8.954   1.00 17.35 ? 72  TYR A CA  1 
ATOM   572  C C   . TYR A 1 73  ? -12.297 -3.200  7.921   1.00 19.08 ? 72  TYR A C   1 
ATOM   573  O O   . TYR A 1 73  ? -13.140 -4.025  8.268   1.00 23.28 ? 72  TYR A O   1 
ATOM   574  C CB  . TYR A 1 73  ? -11.944 -0.919  8.856   1.00 20.09 ? 72  TYR A CB  1 
ATOM   575  C CG  . TYR A 1 73  ? -13.433 -0.705  8.727   1.00 22.99 ? 72  TYR A CG  1 
ATOM   576  C CD1 . TYR A 1 73  ? -14.270 -0.831  9.831   1.00 26.11 ? 72  TYR A CD1 1 
ATOM   577  C CD2 . TYR A 1 73  ? -14.015 -0.437  7.482   1.00 30.84 ? 72  TYR A CD2 1 
ATOM   578  C CE1 . TYR A 1 73  ? -15.648 -0.707  9.704   1.00 33.08 ? 72  TYR A CE1 1 
ATOM   579  C CE2 . TYR A 1 73  ? -15.392 -0.309  7.344   1.00 27.97 ? 72  TYR A CE2 1 
ATOM   580  C CZ  . TYR A 1 73  ? -16.205 -0.450  8.459   1.00 30.60 ? 72  TYR A CZ  1 
ATOM   581  O OH  . TYR A 1 73  ? -17.574 -0.372  8.337   1.00 33.65 ? 72  TYR A OH  1 
ATOM   582  N N   . ILE A 1 74  ? -11.974 -2.965  6.650   1.00 15.30 ? 73  ILE A N   1 
ATOM   583  C CA  . ILE A 1 74  ? -12.608 -3.645  5.543   1.00 17.04 ? 73  ILE A CA  1 
ATOM   584  C C   . ILE A 1 74  ? -12.386 -5.165  5.659   1.00 18.72 ? 73  ILE A C   1 
ATOM   585  O O   . ILE A 1 74  ? -13.325 -5.947  5.502   1.00 21.65 ? 73  ILE A O   1 
ATOM   586  C CB  . ILE A 1 74  ? -12.036 -3.143  4.185   1.00 15.07 ? 73  ILE A CB  1 
ATOM   587  C CG1 . ILE A 1 74  ? -12.287 -1.649  4.019   1.00 6.85  ? 73  ILE A CG1 1 
ATOM   588  C CG2 . ILE A 1 74  ? -12.692 -3.864  3.016   1.00 14.79 ? 73  ILE A CG2 1 
ATOM   589  C CD1 . ILE A 1 74  ? -11.592 -1.113  2.815   1.00 4.19  ? 73  ILE A CD1 1 
ATOM   590  N N   . ALA A 1 75  ? -11.152 -5.564  5.974   1.00 20.02 ? 74  ALA A N   1 
ATOM   591  C CA  . ALA A 1 75  ? -10.757 -6.957  6.086   1.00 16.30 ? 74  ALA A CA  1 
ATOM   592  C C   . ALA A 1 75  ? -11.663 -7.714  7.049   1.00 18.73 ? 74  ALA A C   1 
ATOM   593  O O   . ALA A 1 75  ? -12.050 -8.848  6.767   1.00 16.30 ? 74  ALA A O   1 
ATOM   594  C CB  . ALA A 1 75  ? -9.318  -7.057  6.537   1.00 15.58 ? 74  ALA A CB  1 
ATOM   595  N N   . HIS A 1 76  ? -11.997 -7.098  8.179   1.00 18.66 ? 75  HIS A N   1 
ATOM   596  C CA  . HIS A 1 76  ? -12.843 -7.744  9.156   1.00 22.27 ? 75  HIS A CA  1 
ATOM   597  C C   . HIS A 1 76  ? -14.316 -7.482  8.846   1.00 25.13 ? 75  HIS A C   1 
ATOM   598  O O   . HIS A 1 76  ? -15.068 -8.428  8.617   1.00 28.62 ? 75  HIS A O   1 
ATOM   599  C CB  . HIS A 1 76  ? -12.497 -7.251  10.560  1.00 22.03 ? 75  HIS A CB  1 
ATOM   600  C CG  . HIS A 1 76  ? -11.154 -7.702  11.040  1.00 23.08 ? 75  HIS A CG  1 
ATOM   601  N ND1 . HIS A 1 76  ? -9.995  -7.005  10.773  1.00 26.73 ? 75  HIS A ND1 1 
ATOM   602  C CD2 . HIS A 1 76  ? -10.784 -8.795  11.750  1.00 16.88 ? 75  HIS A CD2 1 
ATOM   603  C CE1 . HIS A 1 76  ? -8.966  -7.652  11.294  1.00 23.95 ? 75  HIS A CE1 1 
ATOM   604  N NE2 . HIS A 1 76  ? -9.418  -8.740  11.893  1.00 19.87 ? 75  HIS A NE2 1 
ATOM   605  N N   . ARG A 1 77  ? -14.712 -6.210  8.809   1.00 23.77 ? 76  ARG A N   1 
ATOM   606  C CA  . ARG A 1 77  ? -16.094 -5.803  8.548   1.00 23.30 ? 76  ARG A CA  1 
ATOM   607  C C   . ARG A 1 77  ? -16.693 -6.494  7.318   1.00 21.03 ? 76  ARG A C   1 
ATOM   608  O O   . ARG A 1 77  ? -17.907 -6.635  7.234   1.00 27.43 ? 76  ARG A O   1 
ATOM   609  C CB  . ARG A 1 77  ? -16.163 -4.288  8.375   1.00 22.50 ? 76  ARG A CB  1 
ATOM   610  C CG  . ARG A 1 77  ? -17.457 -3.764  7.783   1.00 21.81 ? 76  ARG A CG  1 
ATOM   611  C CD  . ARG A 1 77  ? -18.660 -3.997  8.691   1.00 33.40 ? 76  ARG A CD  1 
ATOM   612  N NE  . ARG A 1 77  ? -19.880 -3.403  8.137   1.00 34.72 ? 76  ARG A NE  1 
ATOM   613  C CZ  . ARG A 1 77  ? -20.814 -4.079  7.472   1.00 32.10 ? 76  ARG A CZ  1 
ATOM   614  N NH1 . ARG A 1 77  ? -20.689 -5.387  7.276   1.00 26.75 ? 76  ARG A NH1 1 
ATOM   615  N NH2 . ARG A 1 77  ? -21.852 -3.435  6.960   1.00 31.28 ? 76  ARG A NH2 1 
ATOM   616  N N   . TYR A 1 78  ? -15.865 -6.924  6.371   1.00 20.83 ? 77  TYR A N   1 
ATOM   617  C CA  . TYR A 1 78  ? -16.374 -7.583  5.180   1.00 22.07 ? 77  TYR A CA  1 
ATOM   618  C C   . TYR A 1 78  ? -15.599 -8.872  4.956   1.00 20.20 ? 77  TYR A C   1 
ATOM   619  O O   . TYR A 1 78  ? -15.263 -9.217  3.828   1.00 23.85 ? 77  TYR A O   1 
ATOM   620  C CB  . TYR A 1 78  ? -16.228 -6.646  3.974   1.00 24.24 ? 77  TYR A CB  1 
ATOM   621  C CG  . TYR A 1 78  ? -17.119 -5.426  4.054   1.00 25.42 ? 77  TYR A CG  1 
ATOM   622  C CD1 . TYR A 1 78  ? -18.494 -5.534  3.847   1.00 23.44 ? 77  TYR A CD1 1 
ATOM   623  C CD2 . TYR A 1 78  ? -16.596 -4.171  4.375   1.00 21.58 ? 77  TYR A CD2 1 
ATOM   624  C CE1 . TYR A 1 78  ? -19.328 -4.433  3.965   1.00 20.49 ? 77  TYR A CE1 1 
ATOM   625  C CE2 . TYR A 1 78  ? -17.426 -3.058  4.494   1.00 21.71 ? 77  TYR A CE2 1 
ATOM   626  C CZ  . TYR A 1 78  ? -18.794 -3.201  4.288   1.00 22.20 ? 77  TYR A CZ  1 
ATOM   627  O OH  . TYR A 1 78  ? -19.639 -2.126  4.419   1.00 27.45 ? 77  TYR A OH  1 
ATOM   628  N N   . GLU A 1 79  ? -15.395 -9.618  6.033   1.00 24.93 ? 78  GLU A N   1 
ATOM   629  C CA  . GLU A 1 79  ? -14.643 -10.851 6.009   1.00 31.08 ? 78  GLU A CA  1 
ATOM   630  C C   . GLU A 1 79  ? -15.301 -11.910 5.130   1.00 31.86 ? 78  GLU A C   1 
ATOM   631  O O   . GLU A 1 79  ? -14.671 -12.444 4.217   1.00 30.69 ? 78  GLU A O   1 
ATOM   632  C CB  . GLU A 1 79  ? -14.501 -11.369 7.437   1.00 37.43 ? 78  GLU A CB  1 
ATOM   633  C CG  . GLU A 1 79  ? -13.516 -12.515 7.594   1.00 47.50 ? 78  GLU A CG  1 
ATOM   634  C CD  . GLU A 1 79  ? -13.077 -12.718 9.035   1.00 54.48 ? 78  GLU A CD  1 
ATOM   635  O OE1 . GLU A 1 79  ? -13.839 -12.338 9.957   1.00 55.67 ? 78  GLU A OE1 1 
ATOM   636  O OE2 . GLU A 1 79  ? -11.963 -13.249 9.243   1.00 60.05 ? 78  GLU A OE2 1 
ATOM   637  N N   . ASN A 1 80  ? -16.566 -12.203 5.403   1.00 37.37 ? 79  ASN A N   1 
ATOM   638  C CA  . ASN A 1 80  ? -17.313 -13.228 4.685   1.00 44.19 ? 79  ASN A CA  1 
ATOM   639  C C   . ASN A 1 80  ? -17.746 -12.722 3.301   1.00 42.00 ? 79  ASN A C   1 
ATOM   640  O O   . ASN A 1 80  ? -18.827 -13.079 2.824   1.00 44.33 ? 79  ASN A O   1 
ATOM   641  C CB  . ASN A 1 80  ? -18.545 -13.622 5.520   1.00 51.65 ? 79  ASN A CB  1 
ATOM   642  C CG  . ASN A 1 80  ? -18.248 -13.697 7.023   1.00 58.00 ? 79  ASN A CG  1 
ATOM   643  O OD1 . ASN A 1 80  ? -17.581 -14.623 7.494   1.00 59.92 ? 79  ASN A OD1 1 
ATOM   644  N ND2 . ASN A 1 80  ? -18.745 -12.716 7.776   1.00 58.11 ? 79  ASN A ND2 1 
ATOM   645  N N   . GLN A 1 81  ? -16.874 -11.973 2.627   1.00 40.21 ? 80  GLN A N   1 
ATOM   646  C CA  . GLN A 1 81  ? -17.177 -11.400 1.320   1.00 35.19 ? 80  GLN A CA  1 
ATOM   647  C C   . GLN A 1 81  ? -15.870 -11.166 0.567   1.00 37.46 ? 80  GLN A C   1 
ATOM   648  O O   . GLN A 1 81  ? -14.896 -10.678 1.141   1.00 42.16 ? 80  GLN A O   1 
ATOM   649  C CB  . GLN A 1 81  ? -17.900 -10.074 1.536   1.00 31.15 ? 80  GLN A CB  1 
ATOM   650  C CG  . GLN A 1 81  ? -18.284 -9.316  0.297   1.00 30.54 ? 80  GLN A CG  1 
ATOM   651  C CD  . GLN A 1 81  ? -18.873 -7.963  0.641   1.00 36.30 ? 80  GLN A CD  1 
ATOM   652  O OE1 . GLN A 1 81  ? -19.829 -7.864  1.413   1.00 37.96 ? 80  GLN A OE1 1 
ATOM   653  N NE2 . GLN A 1 81  ? -18.286 -6.908  0.098   1.00 37.57 ? 80  GLN A NE2 1 
ATOM   654  N N   . GLY A 1 82  ? -15.863 -11.498 -0.724  1.00 36.66 ? 81  GLY A N   1 
ATOM   655  C CA  . GLY A 1 82  ? -14.675 -11.319 -1.549  1.00 37.55 ? 81  GLY A CA  1 
ATOM   656  C C   . GLY A 1 82  ? -13.496 -12.184 -1.132  1.00 37.08 ? 81  GLY A C   1 
ATOM   657  O O   . GLY A 1 82  ? -13.684 -13.292 -0.617  1.00 41.80 ? 81  GLY A O   1 
ATOM   658  N N   . THR A 1 83  ? -12.280 -11.698 -1.379  1.00 32.10 ? 82  THR A N   1 
ATOM   659  C CA  . THR A 1 83  ? -11.084 -12.424 -1.004  1.00 24.89 ? 82  THR A CA  1 
ATOM   660  C C   . THR A 1 83  ? -10.831 -12.204 0.506   1.00 25.22 ? 82  THR A C   1 
ATOM   661  O O   . THR A 1 83  ? -11.156 -11.151 1.071   1.00 17.37 ? 82  THR A O   1 
ATOM   662  C CB  . THR A 1 83  ? -9.862  -11.966 -1.846  1.00 25.93 ? 82  THR A CB  1 
ATOM   663  O OG1 . THR A 1 83  ? -10.147 -12.149 -3.240  1.00 30.55 ? 82  THR A OG1 1 
ATOM   664  C CG2 . THR A 1 83  ? -8.620  -12.785 -1.500  1.00 24.45 ? 82  THR A CG2 1 
ATOM   665  N N   . ASN A 1 84  ? -10.322 -13.234 1.172   1.00 23.63 ? 83  ASN A N   1 
ATOM   666  C CA  . ASN A 1 84  ? -10.030 -13.148 2.582   1.00 25.05 ? 83  ASN A CA  1 
ATOM   667  C C   . ASN A 1 84  ? -8.649  -12.527 2.682   1.00 23.20 ? 83  ASN A C   1 
ATOM   668  O O   . ASN A 1 84  ? -7.659  -13.130 2.266   1.00 24.32 ? 83  ASN A O   1 
ATOM   669  C CB  . ASN A 1 84  ? -10.044 -14.550 3.201   1.00 31.03 ? 83  ASN A CB  1 
ATOM   670  C CG  . ASN A 1 84  ? -9.957  -14.534 4.723   1.00 30.81 ? 83  ASN A CG  1 
ATOM   671  O OD1 . ASN A 1 84  ? -9.231  -15.330 5.309   1.00 37.35 ? 83  ASN A OD1 1 
ATOM   672  N ND2 . ASN A 1 84  ? -10.726 -13.658 5.364   1.00 28.58 ? 83  ASN A ND2 1 
ATOM   673  N N   . LEU A 1 85  ? -8.596  -11.304 3.198   1.00 21.05 ? 84  LEU A N   1 
ATOM   674  C CA  . LEU A 1 85  ? -7.353  -10.583 3.328   1.00 17.75 ? 84  LEU A CA  1 
ATOM   675  C C   . LEU A 1 85  ? -6.792  -10.794 4.724   1.00 19.01 ? 84  LEU A C   1 
ATOM   676  O O   . LEU A 1 85  ? -6.036  -9.968  5.235   1.00 20.62 ? 84  LEU A O   1 
ATOM   677  C CB  . LEU A 1 85  ? -7.587  -9.097  3.062   1.00 10.31 ? 84  LEU A CB  1 
ATOM   678  C CG  . LEU A 1 85  ? -8.107  -8.754  1.667   1.00 7.04  ? 84  LEU A CG  1 
ATOM   679  C CD1 . LEU A 1 85  ? -8.334  -7.257  1.574   1.00 7.16  ? 84  LEU A CD1 1 
ATOM   680  C CD2 . LEU A 1 85  ? -7.136  -9.245  0.599   1.00 2.00  ? 84  LEU A CD2 1 
ATOM   681  N N   . LEU A 1 86  ? -7.155  -11.918 5.328   1.00 20.23 ? 85  LEU A N   1 
ATOM   682  C CA  . LEU A 1 86  ? -6.692  -12.244 6.641   1.00 18.82 ? 85  LEU A CA  1 
ATOM   683  C C   . LEU A 1 86  ? -6.126  -13.648 6.618   1.00 15.31 ? 85  LEU A C   1 
ATOM   684  O O   . LEU A 1 86  ? -6.120  -14.303 5.576   1.00 15.05 ? 85  LEU A O   1 
ATOM   685  C CB  . LEU A 1 86  ? -7.850  -12.130 7.623   1.00 22.61 ? 85  LEU A CB  1 
ATOM   686  C CG  . LEU A 1 86  ? -8.316  -10.688 7.803   1.00 17.07 ? 85  LEU A CG  1 
ATOM   687  C CD1 . LEU A 1 86  ? -9.558  -10.655 8.664   1.00 18.11 ? 85  LEU A CD1 1 
ATOM   688  C CD2 . LEU A 1 86  ? -7.195  -9.878  8.422   1.00 12.22 ? 85  LEU A CD2 1 
ATOM   689  N N   . GLN A 1 87  ? -5.622  -14.095 7.765   1.00 19.77 ? 86  GLN A N   1 
ATOM   690  C CA  . GLN A 1 87  ? -5.042  -15.408 7.873   1.00 20.48 ? 86  GLN A CA  1 
ATOM   691  C C   . GLN A 1 87  ? -6.124  -16.441 7.683   1.00 20.32 ? 86  GLN A C   1 
ATOM   692  O O   . GLN A 1 87  ? -7.270  -16.233 8.080   1.00 22.05 ? 86  GLN A O   1 
ATOM   693  C CB  . GLN A 1 87  ? -4.359  -15.594 9.232   1.00 23.27 ? 86  GLN A CB  1 
ATOM   694  C CG  . GLN A 1 87  ? -2.997  -14.894 9.358   1.00 29.29 ? 86  GLN A CG  1 
ATOM   695  C CD  . GLN A 1 87  ? -1.931  -15.428 8.387   1.00 29.08 ? 86  GLN A CD  1 
ATOM   696  O OE1 . GLN A 1 87  ? -2.246  -16.056 7.372   1.00 35.92 ? 86  GLN A OE1 1 
ATOM   697  N NE2 . GLN A 1 87  ? -0.665  -15.166 8.700   1.00 15.84 ? 86  GLN A NE2 1 
ATOM   698  N N   . THR A 1 88  ? -5.738  -17.556 7.069   1.00 27.23 ? 87  THR A N   1 
ATOM   699  C CA  . THR A 1 88  ? -6.631  -18.652 6.787   1.00 30.77 ? 87  THR A CA  1 
ATOM   700  C C   . THR A 1 88  ? -7.257  -19.170 8.091   1.00 32.04 ? 87  THR A C   1 
ATOM   701  O O   . THR A 1 88  ? -8.479  -19.186 8.207   1.00 36.30 ? 87  THR A O   1 
ATOM   702  C CB  . THR A 1 88  ? -5.909  -19.782 6.005   1.00 30.39 ? 87  THR A CB  1 
ATOM   703  O OG1 . THR A 1 88  ? -6.860  -20.776 5.617   1.00 42.92 ? 87  THR A OG1 1 
ATOM   704  C CG2 . THR A 1 88  ? -4.815  -20.436 6.845   1.00 34.35 ? 87  THR A CG2 1 
ATOM   705  N N   . ASP A 1 89  ? -6.439  -19.570 9.068   1.00 34.54 ? 88  ASP A N   1 
ATOM   706  C CA  . ASP A 1 89  ? -6.957  -20.061 10.340  1.00 36.57 ? 88  ASP A CA  1 
ATOM   707  C C   . ASP A 1 89  ? -6.868  -18.919 11.352  1.00 36.06 ? 88  ASP A C   1 
ATOM   708  O O   . ASP A 1 89  ? -5.791  -18.593 11.854  1.00 31.11 ? 88  ASP A O   1 
ATOM   709  C CB  . ASP A 1 89  ? -6.152  -21.269 10.833  1.00 40.76 ? 88  ASP A CB  1 
ATOM   710  C CG  . ASP A 1 89  ? -6.882  -22.058 11.918  1.00 42.35 ? 88  ASP A CG  1 
ATOM   711  O OD1 . ASP A 1 89  ? -7.197  -21.483 12.981  1.00 40.10 ? 88  ASP A OD1 1 
ATOM   712  O OD2 . ASP A 1 89  ? -7.148  -23.259 11.704  1.00 48.84 ? 88  ASP A OD2 1 
ATOM   713  N N   . SER A 1 90  ? -8.027  -18.370 11.694  1.00 36.59 ? 89  SER A N   1 
ATOM   714  C CA  . SER A 1 90  ? -8.133  -17.250 12.601  1.00 42.42 ? 89  SER A CA  1 
ATOM   715  C C   . SER A 1 90  ? -7.781  -17.617 14.053  1.00 44.28 ? 89  SER A C   1 
ATOM   716  O O   . SER A 1 90  ? -7.538  -16.722 14.869  1.00 44.61 ? 89  SER A O   1 
ATOM   717  C CB  . SER A 1 90  ? -9.559  -16.697 12.524  1.00 45.77 ? 89  SER A CB  1 
ATOM   718  O OG  . SER A 1 90  ? -9.719  -15.557 13.352  1.00 59.22 ? 89  SER A OG  1 
ATOM   719  N N   . LYS A 1 91  ? -7.747  -18.906 14.381  1.00 44.65 ? 90  LYS A N   1 
ATOM   720  C CA  . LYS A 1 91  ? -7.457  -19.334 15.741  1.00 42.51 ? 90  LYS A CA  1 
ATOM   721  C C   . LYS A 1 91  ? -5.971  -19.642 15.925  1.00 42.07 ? 90  LYS A C   1 
ATOM   722  O O   . LYS A 1 91  ? -5.519  -19.884 17.048  1.00 44.76 ? 90  LYS A O   1 
ATOM   723  C CB  . LYS A 1 91  ? -8.317  -20.553 16.069  1.00 40.98 ? 90  LYS A CB  1 
ATOM   724  C CG  . LYS A 1 91  ? -9.784  -20.197 16.179  1.00 48.65 ? 90  LYS A CG  1 
ATOM   725  C CD  . LYS A 1 91  ? -10.692 -21.393 16.018  1.00 54.55 ? 90  LYS A CD  1 
ATOM   726  C CE  . LYS A 1 91  ? -12.143 -20.935 16.029  1.00 56.50 ? 90  LYS A CE  1 
ATOM   727  N NZ  . LYS A 1 91  ? -13.092 -22.055 15.785  1.00 65.90 ? 90  LYS A NZ  1 
ATOM   728  N N   . ASN A 1 92  ? -5.207  -19.566 14.837  1.00 36.01 ? 91  ASN A N   1 
ATOM   729  C CA  . ASN A 1 92  ? -3.787  -19.847 14.861  1.00 30.06 ? 91  ASN A CA  1 
ATOM   730  C C   . ASN A 1 92  ? -3.029  -18.580 15.286  1.00 30.20 ? 91  ASN A C   1 
ATOM   731  O O   . ASN A 1 92  ? -2.838  -17.667 14.485  1.00 34.60 ? 91  ASN A O   1 
ATOM   732  C CB  . ASN A 1 92  ? -3.382  -20.300 13.463  1.00 25.21 ? 91  ASN A CB  1 
ATOM   733  C CG  . ASN A 1 92  ? -2.053  -20.988 13.439  1.00 30.23 ? 91  ASN A CG  1 
ATOM   734  O OD1 . ASN A 1 92  ? -1.057  -20.454 13.921  1.00 36.63 ? 91  ASN A OD1 1 
ATOM   735  N ND2 . ASN A 1 92  ? -2.017  -22.181 12.859  1.00 30.77 ? 91  ASN A ND2 1 
ATOM   736  N N   . ILE A 1 93  ? -2.584  -18.543 16.542  1.00 31.85 ? 92  ILE A N   1 
ATOM   737  C CA  . ILE A 1 93  ? -1.861  -17.397 17.097  1.00 29.56 ? 92  ILE A CA  1 
ATOM   738  C C   . ILE A 1 93  ? -0.516  -17.219 16.372  1.00 28.68 ? 92  ILE A C   1 
ATOM   739  O O   . ILE A 1 93  ? -0.013  -16.104 16.259  1.00 30.24 ? 92  ILE A O   1 
ATOM   740  C CB  . ILE A 1 93  ? -1.631  -17.550 18.644  1.00 29.97 ? 92  ILE A CB  1 
ATOM   741  C CG1 . ILE A 1 93  ? -1.012  -16.279 19.236  1.00 31.53 ? 92  ILE A CG1 1 
ATOM   742  C CG2 . ILE A 1 93  ? -0.750  -18.754 18.954  1.00 20.91 ? 92  ILE A CG2 1 
ATOM   743  C CD1 . ILE A 1 93  ? -1.986  -15.123 19.391  1.00 34.47 ? 92  ILE A CD1 1 
ATOM   744  N N   . SER A 1 94  ? 0.047   -18.314 15.870  1.00 24.77 ? 93  SER A N   1 
ATOM   745  C CA  . SER A 1 94  ? 1.304   -18.274 15.164  1.00 28.04 ? 93  SER A CA  1 
ATOM   746  C C   . SER A 1 94  ? 1.118   -17.503 13.854  1.00 27.12 ? 93  SER A C   1 
ATOM   747  O O   . SER A 1 94  ? 2.005   -16.765 13.443  1.00 24.93 ? 93  SER A O   1 
ATOM   748  C CB  . SER A 1 94  ? 1.784   -19.702 14.878  1.00 34.69 ? 93  SER A CB  1 
ATOM   749  O OG  . SER A 1 94  ? 2.930   -19.721 14.040  1.00 35.04 ? 93  SER A OG  1 
ATOM   750  N N   . GLN A 1 95  ? -0.023  -17.689 13.193  1.00 26.92 ? 94  GLN A N   1 
ATOM   751  C CA  . GLN A 1 95  ? -0.296  -16.999 11.950  1.00 25.51 ? 94  GLN A CA  1 
ATOM   752  C C   . GLN A 1 95  ? -0.655  -15.545 12.256  1.00 26.04 ? 94  GLN A C   1 
ATOM   753  O O   . GLN A 1 95  ? -0.502  -14.679 11.404  1.00 31.60 ? 94  GLN A O   1 
ATOM   754  C CB  . GLN A 1 95  ? -1.454  -17.661 11.203  1.00 32.81 ? 94  GLN A CB  1 
ATOM   755  C CG  . GLN A 1 95  ? -1.132  -19.011 10.586  1.00 36.33 ? 94  GLN A CG  1 
ATOM   756  C CD  . GLN A 1 95  ? -2.254  -19.530 9.695   1.00 41.41 ? 94  GLN A CD  1 
ATOM   757  O OE1 . GLN A 1 95  ? -2.000  -20.088 8.629   1.00 49.71 ? 94  GLN A OE1 1 
ATOM   758  N NE2 . GLN A 1 95  ? -3.497  -19.343 10.127  1.00 40.14 ? 94  GLN A NE2 1 
ATOM   759  N N   . TYR A 1 96  ? -1.167  -15.281 13.453  1.00 24.15 ? 95  TYR A N   1 
ATOM   760  C CA  . TYR A 1 96  ? -1.518  -13.933 13.833  1.00 21.81 ? 95  TYR A CA  1 
ATOM   761  C C   . TYR A 1 96  ? -0.232  -13.124 14.017  1.00 23.08 ? 95  TYR A C   1 
ATOM   762  O O   . TYR A 1 96  ? -0.101  -12.028 13.476  1.00 28.97 ? 95  TYR A O   1 
ATOM   763  C CB  . TYR A 1 96  ? -2.315  -13.925 15.144  1.00 21.53 ? 95  TYR A CB  1 
ATOM   764  C CG  . TYR A 1 96  ? -2.555  -12.527 15.678  1.00 20.91 ? 95  TYR A CG  1 
ATOM   765  C CD1 . TYR A 1 96  ? -3.534  -11.711 15.110  1.00 22.75 ? 95  TYR A CD1 1 
ATOM   766  C CD2 . TYR A 1 96  ? -1.743  -11.983 16.683  1.00 17.31 ? 95  TYR A CD2 1 
ATOM   767  C CE1 . TYR A 1 96  ? -3.696  -10.391 15.513  1.00 22.43 ? 95  TYR A CE1 1 
ATOM   768  C CE2 . TYR A 1 96  ? -1.896  -10.654 17.092  1.00 16.58 ? 95  TYR A CE2 1 
ATOM   769  C CZ  . TYR A 1 96  ? -2.876  -9.866  16.495  1.00 19.23 ? 95  TYR A CZ  1 
ATOM   770  O OH  . TYR A 1 96  ? -3.035  -8.548  16.838  1.00 20.63 ? 95  TYR A OH  1 
ATOM   771  N N   . ALA A 1 97  ? 0.707   -13.677 14.785  1.00 21.32 ? 96  ALA A N   1 
ATOM   772  C CA  . ALA A 1 97  ? 1.978   -13.042 15.094  1.00 22.23 ? 96  ALA A CA  1 
ATOM   773  C C   . ALA A 1 97  ? 2.805   -12.797 13.831  1.00 22.67 ? 96  ALA A C   1 
ATOM   774  O O   . ALA A 1 97  ? 3.537   -11.809 13.758  1.00 24.30 ? 96  ALA A O   1 
ATOM   775  C CB  . ALA A 1 97  ? 2.774   -13.913 16.071  1.00 24.74 ? 96  ALA A CB  1 
ATOM   776  N N   . ILE A 1 98  ? 2.704   -13.707 12.863  1.00 19.85 ? 97  ILE A N   1 
ATOM   777  C CA  . ILE A 1 98  ? 3.443   -13.627 11.620  1.00 20.48 ? 97  ILE A CA  1 
ATOM   778  C C   . ILE A 1 98  ? 2.965   -12.445 10.787  1.00 20.45 ? 97  ILE A C   1 
ATOM   779  O O   . ILE A 1 98  ? 3.780   -11.773 10.145  1.00 26.21 ? 97  ILE A O   1 
ATOM   780  C CB  . ILE A 1 98  ? 3.292   -14.923 10.782  1.00 26.58 ? 97  ILE A CB  1 
ATOM   781  C CG1 . ILE A 1 98  ? 4.106   -16.056 11.404  1.00 30.50 ? 97  ILE A CG1 1 
ATOM   782  C CG2 . ILE A 1 98  ? 3.772   -14.695 9.357   1.00 29.00 ? 97  ILE A CG2 1 
ATOM   783  C CD1 . ILE A 1 98  ? 3.911   -17.391 10.710  1.00 38.61 ? 97  ILE A CD1 1 
ATOM   784  N N   . MET A 1 99  ? 1.657   -12.202 10.775  1.00 13.54 ? 98  MET A N   1 
ATOM   785  C CA  . MET A 1 99  ? 1.118   -11.118 10.000  1.00 10.63 ? 98  MET A CA  1 
ATOM   786  C C   . MET A 1 99  ? 1.295   -9.786  10.725  1.00 10.73 ? 98  MET A C   1 
ATOM   787  O O   . MET A 1 99  ? 1.394   -8.745  10.074  1.00 7.27  ? 98  MET A O   1 
ATOM   788  C CB  . MET A 1 99  ? -0.353  -11.347 9.684   1.00 10.85 ? 98  MET A CB  1 
ATOM   789  C CG  . MET A 1 99  ? -0.822  -10.420 8.583   1.00 19.12 ? 98  MET A CG  1 
ATOM   790  S SD  . MET A 1 99  ? -2.526  -10.582 8.193   1.00 21.00 ? 98  MET A SD  1 
ATOM   791  C CE  . MET A 1 99  ? -3.199  -10.851 9.878   1.00 25.54 ? 98  MET A CE  1 
ATOM   792  N N   . ALA A 1 100 ? 1.306   -9.809  12.057  1.00 7.78  ? 99  ALA A N   1 
ATOM   793  C CA  . ALA A 1 100 ? 1.490   -8.599  12.833  1.00 12.32 ? 99  ALA A CA  1 
ATOM   794  C C   . ALA A 1 100 ? 2.877   -8.034  12.516  1.00 17.13 ? 99  ALA A C   1 
ATOM   795  O O   . ALA A 1 100 ? 3.006   -6.849  12.182  1.00 23.04 ? 99  ALA A O   1 
ATOM   796  C CB  . ALA A 1 100 ? 1.359   -8.878  14.343  1.00 8.53  ? 99  ALA A CB  1 
ATOM   797  N N   . ILE A 1 101 ? 3.907   -8.877  12.620  1.00 18.21 ? 100 ILE A N   1 
ATOM   798  C CA  . ILE A 1 101 ? 5.279   -8.455  12.341  1.00 15.68 ? 100 ILE A CA  1 
ATOM   799  C C   . ILE A 1 101 ? 5.309   -7.938  10.907  1.00 11.72 ? 100 ILE A C   1 
ATOM   800  O O   . ILE A 1 101 ? 5.751   -6.826  10.665  1.00 18.41 ? 100 ILE A O   1 
ATOM   801  C CB  . ILE A 1 101 ? 6.308   -9.624  12.473  1.00 16.42 ? 100 ILE A CB  1 
ATOM   802  C CG1 . ILE A 1 101 ? 6.355   -10.163 13.905  1.00 19.45 ? 100 ILE A CG1 1 
ATOM   803  C CG2 . ILE A 1 101 ? 7.693   -9.164  12.092  1.00 5.87  ? 100 ILE A CG2 1 
ATOM   804  C CD1 . ILE A 1 101 ? 7.251   -11.402 14.048  1.00 14.12 ? 100 ILE A CD1 1 
ATOM   805  N N   . GLY A 1 102 ? 4.774   -8.727  9.980   1.00 9.92  ? 101 GLY A N   1 
ATOM   806  C CA  . GLY A 1 102 ? 4.747   -8.352  8.576   1.00 3.91  ? 101 GLY A CA  1 
ATOM   807  C C   . GLY A 1 102 ? 4.121   -7.007  8.246   1.00 4.71  ? 101 GLY A C   1 
ATOM   808  O O   . GLY A 1 102 ? 4.590   -6.326  7.343   1.00 13.83 ? 101 GLY A O   1 
ATOM   809  N N   . MET A 1 103 ? 3.076   -6.617  8.968   1.00 5.25  ? 102 MET A N   1 
ATOM   810  C CA  . MET A 1 103 ? 2.400   -5.351  8.730   1.00 2.00  ? 102 MET A CA  1 
ATOM   811  C C   . MET A 1 103 ? 3.155   -4.217  9.427   1.00 4.06  ? 102 MET A C   1 
ATOM   812  O O   . MET A 1 103 ? 3.038   -3.055  9.058   1.00 10.82 ? 102 MET A O   1 
ATOM   813  C CB  . MET A 1 103 ? 0.967   -5.418  9.254   1.00 2.66  ? 102 MET A CB  1 
ATOM   814  C CG  . MET A 1 103 ? 0.035   -6.307  8.444   1.00 4.92  ? 102 MET A CG  1 
ATOM   815  S SD  . MET A 1 103 ? -1.677  -5.868  8.769   1.00 15.50 ? 102 MET A SD  1 
ATOM   816  C CE  . MET A 1 103 ? -1.738  -6.197  10.530  1.00 12.81 ? 102 MET A CE  1 
ATOM   817  N N   . GLN A 1 104 ? 3.923   -4.559  10.445  1.00 5.24  ? 103 GLN A N   1 
ATOM   818  C CA  . GLN A 1 104 ? 4.699   -3.595  11.170  1.00 2.00  ? 103 GLN A CA  1 
ATOM   819  C C   . GLN A 1 104 ? 5.977   -3.298  10.357  1.00 2.56  ? 103 GLN A C   1 
ATOM   820  O O   . GLN A 1 104 ? 6.428   -2.161  10.279  1.00 5.36  ? 103 GLN A O   1 
ATOM   821  C CB  . GLN A 1 104 ? 5.018   -4.217  12.533  1.00 3.60  ? 103 GLN A CB  1 
ATOM   822  C CG  . GLN A 1 104 ? 4.783   -3.326  13.738  1.00 2.00  ? 103 GLN A CG  1 
ATOM   823  C CD  . GLN A 1 104 ? 3.455   -2.627  13.712  1.00 9.07  ? 103 GLN A CD  1 
ATOM   824  O OE1 . GLN A 1 104 ? 3.358   -1.455  14.059  1.00 7.84  ? 103 GLN A OE1 1 
ATOM   825  N NE2 . GLN A 1 104 ? 2.418   -3.338  13.301  1.00 14.59 ? 103 GLN A NE2 1 
ATOM   826  N N   . VAL A 1 105 ? 6.503   -4.322  9.691   1.00 5.35  ? 104 VAL A N   1 
ATOM   827  C CA  . VAL A 1 105 ? 7.718   -4.251  8.891   1.00 5.23  ? 104 VAL A CA  1 
ATOM   828  C C   . VAL A 1 105 ? 7.544   -3.398  7.636   1.00 12.12 ? 104 VAL A C   1 
ATOM   829  O O   . VAL A 1 105 ? 8.379   -2.548  7.362   1.00 19.17 ? 104 VAL A O   1 
ATOM   830  C CB  . VAL A 1 105 ? 8.176   -5.664  8.450   1.00 2.00  ? 104 VAL A CB  1 
ATOM   831  C CG1 . VAL A 1 105 ? 9.254   -5.570  7.394   1.00 3.68  ? 104 VAL A CG1 1 
ATOM   832  C CG2 . VAL A 1 105 ? 8.692   -6.443  9.648   1.00 4.88  ? 104 VAL A CG2 1 
ATOM   833  N N   . GLU A 1 106 ? 6.486   -3.629  6.861   1.00 14.23 ? 105 GLU A N   1 
ATOM   834  C CA  . GLU A 1 106 ? 6.292   -2.878  5.634   1.00 12.85 ? 105 GLU A CA  1 
ATOM   835  C C   . GLU A 1 106 ? 6.066   -1.409  5.935   1.00 10.23 ? 105 GLU A C   1 
ATOM   836  O O   . GLU A 1 106 ? 6.497   -0.547  5.182   1.00 14.95 ? 105 GLU A O   1 
ATOM   837  C CB  . GLU A 1 106 ? 5.108   -3.435  4.825   1.00 13.06 ? 105 GLU A CB  1 
ATOM   838  C CG  . GLU A 1 106 ? 3.708   -2.938  5.204   1.00 20.74 ? 105 GLU A CG  1 
ATOM   839  C CD  . GLU A 1 106 ? 3.302   -1.619  4.538   1.00 19.83 ? 105 GLU A CD  1 
ATOM   840  O OE1 . GLU A 1 106 ? 3.935   -1.211  3.546   1.00 15.23 ? 105 GLU A OE1 1 
ATOM   841  O OE2 . GLU A 1 106 ? 2.331   -0.995  5.013   1.00 19.18 ? 105 GLU A OE2 1 
ATOM   842  N N   . ASP A 1 107 ? 5.417   -1.127  7.051   1.00 7.31  ? 106 ASP A N   1 
ATOM   843  C CA  . ASP A 1 107 ? 5.099   0.216   7.408   1.00 2.00  ? 106 ASP A CA  1 
ATOM   844  C C   . ASP A 1 107 ? 6.312   0.969   7.914   1.00 5.06  ? 106 ASP A C   1 
ATOM   845  O O   . ASP A 1 107 ? 6.405   2.172   7.707   1.00 14.66 ? 106 ASP A O   1 
ATOM   846  C CB  . ASP A 1 107 ? 4.002   0.182   8.466   1.00 5.34  ? 106 ASP A CB  1 
ATOM   847  C CG  . ASP A 1 107 ? 3.582   1.550   8.928   1.00 2.00  ? 106 ASP A CG  1 
ATOM   848  O OD1 . ASP A 1 107 ? 3.776   2.538   8.196   1.00 8.71  ? 106 ASP A OD1 1 
ATOM   849  O OD2 . ASP A 1 107 ? 3.040   1.628   10.039  1.00 7.37  ? 106 ASP A OD2 1 
ATOM   850  N N   . HIS A 1 108 ? 7.258   0.280   8.541   1.00 11.42 ? 107 HIS A N   1 
ATOM   851  C CA  . HIS A 1 108 ? 8.409   0.965   9.101   1.00 8.09  ? 107 HIS A CA  1 
ATOM   852  C C   . HIS A 1 108 ? 9.641   0.837   8.237   1.00 7.38  ? 107 HIS A C   1 
ATOM   853  O O   . HIS A 1 108 ? 10.396  1.796   8.105   1.00 14.09 ? 107 HIS A O   1 
ATOM   854  C CB  . HIS A 1 108 ? 8.737   0.415   10.486  1.00 6.51  ? 107 HIS A CB  1 
ATOM   855  C CG  . HIS A 1 108 ? 7.706   0.721   11.526  1.00 5.45  ? 107 HIS A CG  1 
ATOM   856  N ND1 . HIS A 1 108 ? 7.524   1.986   12.043  1.00 11.00 ? 107 HIS A ND1 1 
ATOM   857  C CD2 . HIS A 1 108 ? 6.820   -0.077  12.165  1.00 7.68  ? 107 HIS A CD2 1 
ATOM   858  C CE1 . HIS A 1 108 ? 6.572   1.953   12.958  1.00 10.74 ? 107 HIS A CE1 1 
ATOM   859  N NE2 . HIS A 1 108 ? 6.127   0.713   13.052  1.00 13.84 ? 107 HIS A NE2 1 
ATOM   860  N N   . GLN A 1 109 ? 9.838   -0.327  7.634   1.00 7.60  ? 108 GLN A N   1 
ATOM   861  C CA  . GLN A 1 109 ? 11.035  -0.572  6.865   1.00 7.48  ? 108 GLN A CA  1 
ATOM   862  C C   . GLN A 1 109 ? 10.882  -0.363  5.371   1.00 5.07  ? 108 GLN A C   1 
ATOM   863  O O   . GLN A 1 109 ? 11.835  0.081   4.732   1.00 8.74  ? 108 GLN A O   1 
ATOM   864  C CB  . GLN A 1 109 ? 11.521  -2.001  7.107   1.00 13.07 ? 108 GLN A CB  1 
ATOM   865  C CG  . GLN A 1 109 ? 11.548  -2.447  8.568   1.00 16.68 ? 108 GLN A CG  1 
ATOM   866  C CD  . GLN A 1 109 ? 12.632  -1.793  9.411   1.00 13.14 ? 108 GLN A CD  1 
ATOM   867  O OE1 . GLN A 1 109 ? 12.691  -2.009  10.620  1.00 28.58 ? 108 GLN A OE1 1 
ATOM   868  N NE2 . GLN A 1 109 ? 13.488  -1.001  8.784   1.00 19.49 ? 108 GLN A NE2 1 
ATOM   869  N N   . PHE A 1 110 ? 9.721   -0.679  4.808   1.00 6.13  ? 109 PHE A N   1 
ATOM   870  C CA  . PHE A 1 110 ? 9.536   -0.594  3.372   1.00 7.61  ? 109 PHE A CA  1 
ATOM   871  C C   . PHE A 1 110 ? 8.928   0.722   2.885   1.00 13.95 ? 109 PHE A C   1 
ATOM   872  O O   . PHE A 1 110 ? 9.489   1.390   2.017   1.00 20.19 ? 109 PHE A O   1 
ATOM   873  C CB  . PHE A 1 110 ? 8.668   -1.766  2.909   1.00 5.42  ? 109 PHE A CB  1 
ATOM   874  C CG  . PHE A 1 110 ? 8.478   -1.822  1.420   1.00 11.64 ? 109 PHE A CG  1 
ATOM   875  C CD1 . PHE A 1 110 ? 9.380   -2.513  0.618   1.00 2.47  ? 109 PHE A CD1 1 
ATOM   876  C CD2 . PHE A 1 110 ? 7.412   -1.159  0.813   1.00 10.88 ? 109 PHE A CD2 1 
ATOM   877  C CE1 . PHE A 1 110 ? 9.228   -2.542  -0.763  1.00 7.64  ? 109 PHE A CE1 1 
ATOM   878  C CE2 . PHE A 1 110 ? 7.252   -1.181  -0.577  1.00 10.10 ? 109 PHE A CE2 1 
ATOM   879  C CZ  . PHE A 1 110 ? 8.163   -1.872  -1.363  1.00 9.49  ? 109 PHE A CZ  1 
ATOM   880  N N   . ASP A 1 111 ? 7.753   1.057   3.397   1.00 16.01 ? 110 ASP A N   1 
ATOM   881  C CA  . ASP A 1 111 ? 7.023   2.233   2.989   1.00 14.31 ? 110 ASP A CA  1 
ATOM   882  C C   . ASP A 1 111 ? 7.871   3.494   3.001   1.00 15.55 ? 110 ASP A C   1 
ATOM   883  O O   . ASP A 1 111 ? 7.880   4.235   2.023   1.00 22.13 ? 110 ASP A O   1 
ATOM   884  C CB  . ASP A 1 111 ? 5.798   2.420   3.885   1.00 18.13 ? 110 ASP A CB  1 
ATOM   885  C CG  . ASP A 1 111 ? 4.868   3.488   3.371   1.00 18.26 ? 110 ASP A CG  1 
ATOM   886  O OD1 . ASP A 1 111 ? 4.525   3.424   2.172   1.00 17.40 ? 110 ASP A OD1 1 
ATOM   887  O OD2 . ASP A 1 111 ? 4.495   4.388   4.157   1.00 15.39 ? 110 ASP A OD2 1 
ATOM   888  N N   . PRO A 1 112 ? 8.586   3.769   4.100   1.00 14.24 ? 111 PRO A N   1 
ATOM   889  C CA  . PRO A 1 112 ? 9.405   4.985   4.141   1.00 13.51 ? 111 PRO A CA  1 
ATOM   890  C C   . PRO A 1 112 ? 10.458  5.106   3.038   1.00 18.15 ? 111 PRO A C   1 
ATOM   891  O O   . PRO A 1 112 ? 10.738  6.200   2.556   1.00 22.45 ? 111 PRO A O   1 
ATOM   892  C CB  . PRO A 1 112 ? 10.058  4.897   5.515   1.00 9.41  ? 111 PRO A CB  1 
ATOM   893  C CG  . PRO A 1 112 ? 9.045   4.141   6.326   1.00 10.81 ? 111 PRO A CG  1 
ATOM   894  C CD  . PRO A 1 112 ? 8.676   3.046   5.380   1.00 13.35 ? 111 PRO A CD  1 
ATOM   895  N N   . VAL A 1 113 ? 11.009  3.974   2.617   1.00 18.28 ? 112 VAL A N   1 
ATOM   896  C CA  . VAL A 1 113 ? 12.040  3.959   1.614   1.00 12.91 ? 112 VAL A CA  1 
ATOM   897  C C   . VAL A 1 113 ? 11.451  4.055   0.209   1.00 12.11 ? 112 VAL A C   1 
ATOM   898  O O   . VAL A 1 113 ? 11.848  4.921   -0.564  1.00 11.53 ? 112 VAL A O   1 
ATOM   899  C CB  . VAL A 1 113 ? 12.897  2.687   1.744   1.00 11.36 ? 112 VAL A CB  1 
ATOM   900  C CG1 . VAL A 1 113 ? 14.017  2.689   0.722   1.00 12.93 ? 112 VAL A CG1 1 
ATOM   901  C CG2 . VAL A 1 113 ? 13.474  2.602   3.147   1.00 12.39 ? 112 VAL A CG2 1 
ATOM   902  N N   . ALA A 1 114 ? 10.496  3.184   -0.107  1.00 13.34 ? 113 ALA A N   1 
ATOM   903  C CA  . ALA A 1 114 ? 9.881   3.128   -1.419  1.00 11.90 ? 113 ALA A CA  1 
ATOM   904  C C   . ALA A 1 114 ? 9.118   4.409   -1.762  1.00 15.00 ? 113 ALA A C   1 
ATOM   905  O O   . ALA A 1 114 ? 8.848   4.666   -2.934  1.00 18.92 ? 113 ALA A O   1 
ATOM   906  C CB  . ALA A 1 114 ? 8.964   1.926   -1.519  1.00 13.44 ? 113 ALA A CB  1 
ATOM   907  N N   . SER A 1 115 ? 8.768   5.207   -0.762  1.00 17.53 ? 114 SER A N   1 
ATOM   908  C CA  . SER A 1 115 ? 8.050   6.438   -1.005  1.00 18.99 ? 114 SER A CA  1 
ATOM   909  C C   . SER A 1 115 ? 9.035   7.509   -1.443  1.00 22.51 ? 114 SER A C   1 
ATOM   910  O O   . SER A 1 115 ? 8.798   8.231   -2.407  1.00 31.96 ? 114 SER A O   1 
ATOM   911  C CB  . SER A 1 115 ? 7.327   6.886   0.261   1.00 19.00 ? 114 SER A CB  1 
ATOM   912  O OG  . SER A 1 115 ? 6.244   6.021   0.549   1.00 30.97 ? 114 SER A OG  1 
ATOM   913  N N   . LYS A 1 116 ? 10.138  7.614   -0.717  1.00 26.16 ? 115 LYS A N   1 
ATOM   914  C CA  . LYS A 1 116 ? 11.167  8.587   -1.001  1.00 25.01 ? 115 LYS A CA  1 
ATOM   915  C C   . LYS A 1 116 ? 11.761  8.294   -2.382  1.00 25.50 ? 115 LYS A C   1 
ATOM   916  O O   . LYS A 1 116 ? 12.123  9.207   -3.117  1.00 31.57 ? 115 LYS A O   1 
ATOM   917  C CB  . LYS A 1 116 ? 12.237  8.472   0.081   1.00 21.50 ? 115 LYS A CB  1 
ATOM   918  C CG  . LYS A 1 116 ? 13.144  9.667   0.240   1.00 30.69 ? 115 LYS A CG  1 
ATOM   919  C CD  . LYS A 1 116 ? 13.891  9.543   1.561   1.00 37.74 ? 115 LYS A CD  1 
ATOM   920  C CE  . LYS A 1 116 ? 14.812  10.721  1.840   1.00 42.64 ? 115 LYS A CE  1 
ATOM   921  N NZ  . LYS A 1 116 ? 15.581  10.495  3.105   1.00 44.82 ? 115 LYS A NZ  1 
ATOM   922  N N   . LEU A 1 117 ? 11.797  7.018   -2.746  1.00 24.41 ? 116 LEU A N   1 
ATOM   923  C CA  . LEU A 1 117 ? 12.356  6.573   -3.999  1.00 16.57 ? 116 LEU A CA  1 
ATOM   924  C C   . LEU A 1 117 ? 11.390  6.863   -5.141  1.00 16.75 ? 116 LEU A C   1 
ATOM   925  O O   . LEU A 1 117 ? 11.817  7.182   -6.241  1.00 24.76 ? 116 LEU A O   1 
ATOM   926  C CB  . LEU A 1 117 ? 12.637  5.075   -3.889  1.00 12.32 ? 116 LEU A CB  1 
ATOM   927  C CG  . LEU A 1 117 ? 13.948  4.474   -4.393  1.00 16.41 ? 116 LEU A CG  1 
ATOM   928  C CD1 . LEU A 1 117 ? 15.120  5.416   -4.222  1.00 10.09 ? 116 LEU A CD1 1 
ATOM   929  C CD2 . LEU A 1 117 ? 14.187  3.196   -3.629  1.00 14.97 ? 116 LEU A CD2 1 
ATOM   930  N N   . ALA A 1 118 ? 10.091  6.749   -4.891  1.00 19.98 ? 117 ALA A N   1 
ATOM   931  C CA  . ALA A 1 118 ? 9.104   6.987   -5.931  1.00 20.22 ? 117 ALA A CA  1 
ATOM   932  C C   . ALA A 1 118 ? 8.938   8.483   -6.127  1.00 20.68 ? 117 ALA A C   1 
ATOM   933  O O   . ALA A 1 118 ? 8.621   8.932   -7.225  1.00 24.17 ? 117 ALA A O   1 
ATOM   934  C CB  . ALA A 1 118 ? 7.762   6.342   -5.569  1.00 13.88 ? 117 ALA A CB  1 
ATOM   935  N N   . PHE A 1 119 ? 9.154   9.252   -5.066  1.00 20.92 ? 118 PHE A N   1 
ATOM   936  C CA  . PHE A 1 119 ? 9.020   10.672  -5.142  1.00 26.17 ? 118 PHE A CA  1 
ATOM   937  C C   . PHE A 1 119 ? 10.158  11.236  -5.987  1.00 32.56 ? 118 PHE A C   1 
ATOM   938  O O   . PHE A 1 119 ? 9.911   11.939  -6.970  1.00 38.98 ? 118 PHE A O   1 
ATOM   939  C CB  . PHE A 1 119 ? 9.044   11.294  -3.744  1.00 29.52 ? 118 PHE A CB  1 
ATOM   940  C CG  . PHE A 1 119 ? 9.247   12.791  -3.756  1.00 40.90 ? 118 PHE A CG  1 
ATOM   941  C CD1 . PHE A 1 119 ? 8.389   13.619  -4.482  1.00 43.95 ? 118 PHE A CD1 1 
ATOM   942  C CD2 . PHE A 1 119 ? 10.326  13.369  -3.081  1.00 43.22 ? 118 PHE A CD2 1 
ATOM   943  C CE1 . PHE A 1 119 ? 8.608   15.000  -4.539  1.00 46.03 ? 118 PHE A CE1 1 
ATOM   944  C CE2 . PHE A 1 119 ? 10.554  14.749  -3.130  1.00 36.16 ? 118 PHE A CE2 1 
ATOM   945  C CZ  . PHE A 1 119 ? 9.695   15.564  -3.859  1.00 39.50 ? 118 PHE A CZ  1 
ATOM   946  N N   . GLU A 1 120 ? 11.393  10.910  -5.606  1.00 31.55 ? 119 GLU A N   1 
ATOM   947  C CA  . GLU A 1 120 ? 12.591  11.379  -6.279  1.00 29.28 ? 119 GLU A CA  1 
ATOM   948  C C   . GLU A 1 120 ? 12.615  10.993  -7.753  1.00 33.72 ? 119 GLU A C   1 
ATOM   949  O O   . GLU A 1 120 ? 13.210  11.719  -8.550  1.00 36.87 ? 119 GLU A O   1 
ATOM   950  C CB  . GLU A 1 120 ? 13.839  10.787  -5.622  1.00 30.00 ? 119 GLU A CB  1 
ATOM   951  C CG  . GLU A 1 120 ? 14.122  11.281  -4.229  1.00 36.40 ? 119 GLU A CG  1 
ATOM   952  C CD  . GLU A 1 120 ? 14.451  12.749  -4.199  1.00 40.54 ? 119 GLU A CD  1 
ATOM   953  O OE1 . GLU A 1 120 ? 15.324  13.176  -4.985  1.00 40.57 ? 119 GLU A OE1 1 
ATOM   954  O OE2 . GLU A 1 120 ? 13.832  13.475  -3.394  1.00 47.22 ? 119 GLU A OE2 1 
ATOM   955  N N   . GLN A 1 121 ? 11.947  9.897   -8.122  1.00 32.40 ? 120 GLN A N   1 
ATOM   956  C CA  . GLN A 1 121 ? 11.993  9.404   -9.492  1.00 31.31 ? 120 GLN A CA  1 
ATOM   957  C C   . GLN A 1 121 ? 10.671  9.425   -10.270 1.00 29.51 ? 120 GLN A C   1 
ATOM   958  O O   . GLN A 1 121 ? 10.651  8.927   -11.397 1.00 36.06 ? 120 GLN A O   1 
ATOM   959  C CB  . GLN A 1 121 ? 12.528  7.970   -9.497  1.00 32.08 ? 120 GLN A CB  1 
ATOM   960  C CG  . GLN A 1 121 ? 13.935  7.803   -8.977  1.00 35.73 ? 120 GLN A CG  1 
ATOM   961  C CD  . GLN A 1 121 ? 14.460  6.412   -9.239  1.00 38.84 ? 120 GLN A CD  1 
ATOM   962  O OE1 . GLN A 1 121 ? 14.229  5.488   -8.458  1.00 41.89 ? 120 GLN A OE1 1 
ATOM   963  N NE2 . GLN A 1 121 ? 15.143  6.243   -10.363 1.00 40.21 ? 120 GLN A NE2 1 
ATOM   964  N N   . ILE A 1 122 ? 9.572   9.941   -9.728  1.00 26.58 ? 121 ILE A N   1 
ATOM   965  C CA  . ILE A 1 122 ? 8.347   9.930   -10.515 1.00 28.06 ? 121 ILE A CA  1 
ATOM   966  C C   . ILE A 1 122 ? 7.547   11.203  -10.323 1.00 30.28 ? 121 ILE A C   1 
ATOM   967  O O   . ILE A 1 122 ? 6.783   11.582  -11.206 1.00 37.69 ? 121 ILE A O   1 
ATOM   968  C CB  . ILE A 1 122 ? 7.420   8.722   -10.179 1.00 32.33 ? 121 ILE A CB  1 
ATOM   969  C CG1 . ILE A 1 122 ? 8.115   7.398   -10.501 1.00 34.64 ? 121 ILE A CG1 1 
ATOM   970  C CG2 . ILE A 1 122 ? 6.108   8.812   -10.976 1.00 21.58 ? 121 ILE A CG2 1 
ATOM   971  C CD1 . ILE A 1 122 ? 7.267   6.181   -10.232 1.00 35.12 ? 121 ILE A CD1 1 
ATOM   972  N N   . PHE A 1 123 ? 7.703   11.870  -9.188  1.00 31.32 ? 122 PHE A N   1 
ATOM   973  C CA  . PHE A 1 123 ? 6.928   13.061  -8.957  1.00 37.52 ? 122 PHE A CA  1 
ATOM   974  C C   . PHE A 1 123 ? 7.766   14.320  -9.167  1.00 37.15 ? 122 PHE A C   1 
ATOM   975  O O   . PHE A 1 123 ? 7.237   15.358  -9.577  1.00 40.16 ? 122 PHE A O   1 
ATOM   976  C CB  . PHE A 1 123 ? 6.304   12.972  -7.566  1.00 42.13 ? 122 PHE A CB  1 
ATOM   977  C CG  . PHE A 1 123 ? 5.338   11.827  -7.433  1.00 51.34 ? 122 PHE A CG  1 
ATOM   978  C CD1 . PHE A 1 123 ? 5.799   10.513  -7.398  1.00 57.27 ? 122 PHE A CD1 1 
ATOM   979  C CD2 . PHE A 1 123 ? 3.969   12.051  -7.413  1.00 59.20 ? 122 PHE A CD2 1 
ATOM   980  C CE1 . PHE A 1 123 ? 4.910   9.432   -7.352  1.00 57.35 ? 122 PHE A CE1 1 
ATOM   981  C CE2 . PHE A 1 123 ? 3.068   10.975  -7.368  1.00 62.32 ? 122 PHE A CE2 1 
ATOM   982  C CZ  . PHE A 1 123 ? 3.545   9.664   -7.338  1.00 58.31 ? 122 PHE A CZ  1 
ATOM   983  N N   . LYS A 1 124 ? 9.069   14.217  -8.937  1.00 34.94 ? 123 LYS A N   1 
ATOM   984  C CA  . LYS A 1 124 ? 9.974   15.330  -9.128  1.00 34.95 ? 123 LYS A CA  1 
ATOM   985  C C   . LYS A 1 124 ? 10.106  15.571  -10.633 1.00 38.24 ? 123 LYS A C   1 
ATOM   986  O O   . LYS A 1 124 ? 10.106  16.712  -11.095 1.00 42.08 ? 123 LYS A O   1 
ATOM   987  C CB  . LYS A 1 124 ? 11.339  14.982  -8.549  1.00 27.38 ? 123 LYS A CB  1 
ATOM   988  C CG  . LYS A 1 124 ? 11.702  15.713  -7.289  1.00 25.33 ? 123 LYS A CG  1 
ATOM   989  C CD  . LYS A 1 124 ? 13.016  15.166  -6.800  1.00 24.65 ? 123 LYS A CD  1 
ATOM   990  C CE  . LYS A 1 124 ? 13.748  16.144  -5.935  1.00 25.32 ? 123 LYS A CE  1 
ATOM   991  N NZ  . LYS A 1 124 ? 15.206  15.889  -6.098  1.00 29.06 ? 123 LYS A NZ  1 
ATOM   992  N N   . SER A 1 125 ? 10.197  14.481  -11.388 1.00 36.76 ? 124 SER A N   1 
ATOM   993  C CA  . SER A 1 125 ? 10.336  14.529  -12.821 1.00 37.48 ? 124 SER A CA  1 
ATOM   994  C C   . SER A 1 125 ? 9.103   15.186  -13.464 1.00 40.76 ? 124 SER A C   1 
ATOM   995  O O   . SER A 1 125 ? 9.174   15.652  -14.605 1.00 45.45 ? 124 SER A O   1 
ATOM   996  C CB  . SER A 1 125 ? 10.525  13.106  -13.347 1.00 33.39 ? 124 SER A CB  1 
ATOM   997  O OG  . SER A 1 125 ? 10.695  13.094  -14.751 1.00 30.87 ? 124 SER A OG  1 
ATOM   998  N N   . ILE A 1 126 ? 7.986   15.239  -12.738 1.00 38.25 ? 125 ILE A N   1 
ATOM   999  C CA  . ILE A 1 126 ? 6.763   15.835  -13.251 1.00 35.33 ? 125 ILE A CA  1 
ATOM   1000 C C   . ILE A 1 126 ? 6.955   17.348  -13.371 1.00 35.93 ? 125 ILE A C   1 
ATOM   1001 O O   . ILE A 1 126 ? 6.554   17.964  -14.361 1.00 31.74 ? 125 ILE A O   1 
ATOM   1002 C CB  . ILE A 1 126 ? 5.561   15.564  -12.312 1.00 35.76 ? 125 ILE A CB  1 
ATOM   1003 C CG1 . ILE A 1 126 ? 5.294   14.059  -12.205 1.00 31.94 ? 125 ILE A CG1 1 
ATOM   1004 C CG2 . ILE A 1 126 ? 4.318   16.310  -12.811 1.00 30.43 ? 125 ILE A CG2 1 
ATOM   1005 C CD1 . ILE A 1 126 ? 4.170   13.693  -11.242 1.00 26.47 ? 125 ILE A CD1 1 
ATOM   1006 N N   . TYR A 1 127 ? 7.571   17.934  -12.350 1.00 36.70 ? 126 TYR A N   1 
ATOM   1007 C CA  . TYR A 1 127 ? 7.808   19.350  -12.301 1.00 36.48 ? 126 TYR A CA  1 
ATOM   1008 C C   . TYR A 1 127 ? 9.209   19.649  -12.813 1.00 37.93 ? 126 TYR A C   1 
ATOM   1009 O O   . TYR A 1 127 ? 9.864   20.592  -12.361 1.00 35.56 ? 126 TYR A O   1 
ATOM   1010 C CB  . TYR A 1 127 ? 7.608   19.819  -10.861 1.00 40.35 ? 126 TYR A CB  1 
ATOM   1011 C CG  . TYR A 1 127 ? 6.216   19.499  -10.378 1.00 43.77 ? 126 TYR A CG  1 
ATOM   1012 C CD1 . TYR A 1 127 ? 5.151   20.345  -10.678 1.00 40.30 ? 126 TYR A CD1 1 
ATOM   1013 C CD2 . TYR A 1 127 ? 5.940   18.294  -9.730  1.00 42.25 ? 126 TYR A CD2 1 
ATOM   1014 C CE1 . TYR A 1 127 ? 3.847   19.998  -10.361 1.00 44.93 ? 126 TYR A CE1 1 
ATOM   1015 C CE2 . TYR A 1 127 ? 4.636   17.936  -9.409  1.00 45.78 ? 126 TYR A CE2 1 
ATOM   1016 C CZ  . TYR A 1 127 ? 3.591   18.793  -9.732  1.00 46.61 ? 126 TYR A CZ  1 
ATOM   1017 O OH  . TYR A 1 127 ? 2.285   18.443  -9.454  1.00 51.49 ? 126 TYR A OH  1 
ATOM   1018 N N   . GLY A 1 128 ? 9.653   18.831  -13.766 1.00 37.16 ? 127 GLY A N   1 
ATOM   1019 C CA  . GLY A 1 128 ? 10.961  18.992  -14.375 1.00 41.03 ? 127 GLY A CA  1 
ATOM   1020 C C   . GLY A 1 128 ? 12.164  19.011  -13.453 1.00 43.46 ? 127 GLY A C   1 
ATOM   1021 O O   . GLY A 1 128 ? 13.255  19.408  -13.867 1.00 46.43 ? 127 GLY A O   1 
ATOM   1022 N N   . LEU A 1 129 ? 11.977  18.570  -12.213 1.00 45.17 ? 128 LEU A N   1 
ATOM   1023 C CA  . LEU A 1 129 ? 13.053  18.541  -11.245 1.00 44.07 ? 128 LEU A CA  1 
ATOM   1024 C C   . LEU A 1 129 ? 13.933  17.311  -11.514 1.00 45.60 ? 128 LEU A C   1 
ATOM   1025 O O   . LEU A 1 129 ? 13.500  16.334  -12.139 1.00 44.34 ? 128 LEU A O   1 
ATOM   1026 C CB  . LEU A 1 129 ? 12.464  18.506  -9.827  1.00 43.74 ? 128 LEU A CB  1 
ATOM   1027 C CG  . LEU A 1 129 ? 11.486  19.636  -9.467  1.00 41.14 ? 128 LEU A CG  1 
ATOM   1028 C CD1 . LEU A 1 129 ? 10.756  19.327  -8.180  1.00 45.71 ? 128 LEU A CD1 1 
ATOM   1029 C CD2 . LEU A 1 129 ? 12.224  20.945  -9.350  1.00 45.75 ? 128 LEU A CD2 1 
ATOM   1030 N N   . THR A 1 130 ? 15.184  17.385  -11.071 1.00 48.24 ? 129 THR A N   1 
ATOM   1031 C CA  . THR A 1 130 ? 16.122  16.302  -11.258 1.00 49.70 ? 129 THR A CA  1 
ATOM   1032 C C   . THR A 1 130 ? 16.148  15.443  -9.991  1.00 44.92 ? 129 THR A C   1 
ATOM   1033 O O   . THR A 1 130 ? 16.032  15.947  -8.868  1.00 39.61 ? 129 THR A O   1 
ATOM   1034 C CB  . THR A 1 130 ? 17.560  16.825  -11.591 1.00 57.06 ? 129 THR A CB  1 
ATOM   1035 O OG1 . THR A 1 130 ? 18.072  17.613  -10.503 1.00 62.13 ? 129 THR A OG1 1 
ATOM   1036 C CG2 . THR A 1 130 ? 17.536  17.681  -12.850 1.00 58.77 ? 129 THR A CG2 1 
ATOM   1037 N N   . THR A 1 131 ? 16.302  14.139  -10.187 1.00 42.95 ? 130 THR A N   1 
ATOM   1038 C CA  . THR A 1 131 ? 16.344  13.205  -9.093  1.00 43.93 ? 130 THR A CA  1 
ATOM   1039 C C   . THR A 1 131 ? 17.733  13.302  -8.445  1.00 43.59 ? 130 THR A C   1 
ATOM   1040 O O   . THR A 1 131 ? 18.753  13.370  -9.138  1.00 45.18 ? 130 THR A O   1 
ATOM   1041 C CB  . THR A 1 131 ? 16.053  11.740  -9.576  1.00 43.48 ? 130 THR A CB  1 
ATOM   1042 O OG1 . THR A 1 131 ? 17.260  11.116  -10.025 1.00 44.99 ? 130 THR A OG1 1 
ATOM   1043 C CG2 . THR A 1 131 ? 15.066  11.738  -10.736 1.00 37.34 ? 130 THR A CG2 1 
ATOM   1044 N N   . ASP A 1 132 ? 17.759  13.383  -7.117  1.00 41.55 ? 131 ASP A N   1 
ATOM   1045 C CA  . ASP A 1 132 ? 18.998  13.462  -6.375  1.00 38.05 ? 131 ASP A CA  1 
ATOM   1046 C C   . ASP A 1 132 ? 19.593  12.064  -6.454  1.00 39.65 ? 131 ASP A C   1 
ATOM   1047 O O   . ASP A 1 132 ? 19.133  11.146  -5.777  1.00 43.83 ? 131 ASP A O   1 
ATOM   1048 C CB  . ASP A 1 132 ? 18.689  13.854  -4.926  1.00 38.54 ? 131 ASP A CB  1 
ATOM   1049 C CG  . ASP A 1 132 ? 19.930  14.213  -4.127  1.00 38.50 ? 131 ASP A CG  1 
ATOM   1050 O OD1 . ASP A 1 132 ? 20.934  13.481  -4.213  1.00 42.86 ? 131 ASP A OD1 1 
ATOM   1051 O OD2 . ASP A 1 132 ? 19.892  15.221  -3.385  1.00 37.01 ? 131 ASP A OD2 1 
ATOM   1052 N N   . GLU A 1 133 ? 20.615  11.908  -7.287  1.00 41.22 ? 132 GLU A N   1 
ATOM   1053 C CA  . GLU A 1 133 ? 21.243  10.623  -7.502  1.00 42.86 ? 132 GLU A CA  1 
ATOM   1054 C C   . GLU A 1 133 ? 21.840  10.068  -6.215  1.00 39.40 ? 132 GLU A C   1 
ATOM   1055 O O   . GLU A 1 133 ? 21.878  8.856   -6.027  1.00 42.55 ? 132 GLU A O   1 
ATOM   1056 C CB  . GLU A 1 133 ? 22.313  10.751  -8.587  1.00 50.77 ? 132 GLU A CB  1 
ATOM   1057 C CG  . GLU A 1 133 ? 21.761  11.205  -9.934  1.00 63.35 ? 132 GLU A CG  1 
ATOM   1058 C CD  . GLU A 1 133 ? 22.850  11.506  -10.950 1.00 74.37 ? 132 GLU A CD  1 
ATOM   1059 O OE1 . GLU A 1 133 ? 23.370  10.544  -11.564 1.00 77.34 ? 132 GLU A OE1 1 
ATOM   1060 O OE2 . GLU A 1 133 ? 23.181  12.704  -11.137 1.00 75.41 ? 132 GLU A OE2 1 
ATOM   1061 N N   . ALA A 1 134 ? 22.290  10.943  -5.325  1.00 37.02 ? 133 ALA A N   1 
ATOM   1062 C CA  . ALA A 1 134 ? 22.885  10.513  -4.085  1.00 32.10 ? 133 ALA A CA  1 
ATOM   1063 C C   . ALA A 1 134 ? 21.816  9.891   -3.197  1.00 33.55 ? 133 ALA A C   1 
ATOM   1064 O O   . ALA A 1 134 ? 22.027  8.822   -2.624  1.00 40.80 ? 133 ALA A O   1 
ATOM   1065 C CB  . ALA A 1 134 ? 23.533  11.677  -3.383  1.00 28.56 ? 133 ALA A CB  1 
ATOM   1066 N N   . VAL A 1 135 ? 20.672  10.560  -3.080  1.00 34.58 ? 134 VAL A N   1 
ATOM   1067 C CA  . VAL A 1 135 ? 19.584  10.078  -2.256  1.00 32.30 ? 134 VAL A CA  1 
ATOM   1068 C C   . VAL A 1 135 ? 19.058  8.761   -2.809  1.00 31.62 ? 134 VAL A C   1 
ATOM   1069 O O   . VAL A 1 135 ? 18.870  7.814   -2.059  1.00 34.31 ? 134 VAL A O   1 
ATOM   1070 C CB  . VAL A 1 135 ? 18.437  11.096  -2.189  1.00 30.77 ? 134 VAL A CB  1 
ATOM   1071 C CG1 . VAL A 1 135 ? 17.199  10.458  -1.562  1.00 31.63 ? 134 VAL A CG1 1 
ATOM   1072 C CG2 . VAL A 1 135 ? 18.876  12.309  -1.384  1.00 26.71 ? 134 VAL A CG2 1 
ATOM   1073 N N   . VAL A 1 136 ? 18.841  8.707   -4.118  1.00 30.03 ? 135 VAL A N   1 
ATOM   1074 C CA  . VAL A 1 136 ? 18.328  7.530   -4.783  1.00 30.69 ? 135 VAL A CA  1 
ATOM   1075 C C   . VAL A 1 136 ? 19.157  6.289   -4.425  1.00 31.71 ? 135 VAL A C   1 
ATOM   1076 O O   . VAL A 1 136 ? 18.603  5.292   -3.962  1.00 34.46 ? 135 VAL A O   1 
ATOM   1077 C CB  . VAL A 1 136 ? 18.303  7.727   -6.320  1.00 33.18 ? 135 VAL A CB  1 
ATOM   1078 C CG1 . VAL A 1 136 ? 18.058  6.402   -7.025  1.00 37.36 ? 135 VAL A CG1 1 
ATOM   1079 C CG2 . VAL A 1 136 ? 17.217  8.732   -6.706  1.00 35.37 ? 135 VAL A CG2 1 
ATOM   1080 N N   . ALA A 1 137 ? 20.471  6.358   -4.614  1.00 30.35 ? 136 ALA A N   1 
ATOM   1081 C CA  . ALA A 1 137 ? 21.356  5.235   -4.332  1.00 33.59 ? 136 ALA A CA  1 
ATOM   1082 C C   . ALA A 1 137 ? 21.342  4.880   -2.836  1.00 37.88 ? 136 ALA A C   1 
ATOM   1083 O O   . ALA A 1 137 ? 21.436  3.703   -2.471  1.00 38.99 ? 136 ALA A O   1 
ATOM   1084 C CB  . ALA A 1 137 ? 22.763  5.559   -4.780  1.00 37.55 ? 136 ALA A CB  1 
ATOM   1085 N N   . GLU A 1 138 ? 21.233  5.901   -1.984  1.00 34.52 ? 137 GLU A N   1 
ATOM   1086 C CA  . GLU A 1 138 ? 21.204  5.731   -0.542  1.00 30.15 ? 137 GLU A CA  1 
ATOM   1087 C C   . GLU A 1 138 ? 19.944  4.936   -0.137  1.00 26.20 ? 137 GLU A C   1 
ATOM   1088 O O   . GLU A 1 138 ? 20.038  3.929   0.566   1.00 28.24 ? 137 GLU A O   1 
ATOM   1089 C CB  . GLU A 1 138 ? 21.222  7.121   0.114   1.00 30.58 ? 137 GLU A CB  1 
ATOM   1090 C CG  . GLU A 1 138 ? 21.266  7.138   1.643   1.00 33.10 ? 137 GLU A CG  1 
ATOM   1091 C CD  . GLU A 1 138 ? 21.256  8.558   2.229   1.00 42.83 ? 137 GLU A CD  1 
ATOM   1092 O OE1 . GLU A 1 138 ? 21.298  9.545   1.457   1.00 48.65 ? 137 GLU A OE1 1 
ATOM   1093 O OE2 . GLU A 1 138 ? 21.208  8.690   3.473   1.00 40.20 ? 137 GLU A OE2 1 
ATOM   1094 N N   . GLU A 1 139 ? 18.778  5.362   -0.617  1.00 25.27 ? 138 GLU A N   1 
ATOM   1095 C CA  . GLU A 1 139 ? 17.527  4.705   -0.291  1.00 23.25 ? 138 GLU A CA  1 
ATOM   1096 C C   . GLU A 1 139 ? 17.437  3.345   -0.974  1.00 21.63 ? 138 GLU A C   1 
ATOM   1097 O O   . GLU A 1 139 ? 16.710  2.479   -0.507  1.00 26.47 ? 138 GLU A O   1 
ATOM   1098 C CB  . GLU A 1 139 ? 16.336  5.573   -0.701  1.00 20.54 ? 138 GLU A CB  1 
ATOM   1099 C CG  . GLU A 1 139 ? 16.261  6.928   -0.010  1.00 21.08 ? 138 GLU A CG  1 
ATOM   1100 C CD  . GLU A 1 139 ? 16.122  6.831   1.501   1.00 27.08 ? 138 GLU A CD  1 
ATOM   1101 O OE1 . GLU A 1 139 ? 15.295  6.029   1.983   1.00 38.20 ? 138 GLU A OE1 1 
ATOM   1102 O OE2 . GLU A 1 139 ? 16.822  7.578   2.217   1.00 31.64 ? 138 GLU A OE2 1 
ATOM   1103 N N   . GLU A 1 140 ? 18.153  3.150   -2.076  1.00 21.50 ? 139 GLU A N   1 
ATOM   1104 C CA  . GLU A 1 140 ? 18.112  1.875   -2.754  1.00 19.67 ? 139 GLU A CA  1 
ATOM   1105 C C   . GLU A 1 140 ? 18.902  0.850   -1.956  1.00 21.73 ? 139 GLU A C   1 
ATOM   1106 O O   . GLU A 1 140 ? 18.639  -0.349  -2.056  1.00 26.35 ? 139 GLU A O   1 
ATOM   1107 C CB  . GLU A 1 140 ? 18.684  1.972   -4.168  1.00 17.24 ? 139 GLU A CB  1 
ATOM   1108 C CG  . GLU A 1 140 ? 17.681  2.489   -5.191  1.00 26.29 ? 139 GLU A CG  1 
ATOM   1109 C CD  . GLU A 1 140 ? 18.035  2.155   -6.638  1.00 22.78 ? 139 GLU A CD  1 
ATOM   1110 O OE1 . GLU A 1 140 ? 18.974  1.366   -6.884  1.00 23.51 ? 139 GLU A OE1 1 
ATOM   1111 O OE2 . GLU A 1 140 ? 17.348  2.684   -7.538  1.00 27.72 ? 139 GLU A OE2 1 
ATOM   1112 N N   . ALA A 1 141 ? 19.861  1.316   -1.163  1.00 17.65 ? 140 ALA A N   1 
ATOM   1113 C CA  . ALA A 1 141 ? 20.682  0.428   -0.368  1.00 19.09 ? 140 ALA A CA  1 
ATOM   1114 C C   . ALA A 1 141 ? 19.834  -0.182  0.741   1.00 22.23 ? 140 ALA A C   1 
ATOM   1115 O O   . ALA A 1 141 ? 19.969  -1.364  1.060   1.00 26.96 ? 140 ALA A O   1 
ATOM   1116 C CB  . ALA A 1 141 ? 21.857  1.185   0.228   1.00 19.12 ? 140 ALA A CB  1 
ATOM   1117 N N   . LYS A 1 142 ? 18.943  0.623   1.308   1.00 23.18 ? 141 LYS A N   1 
ATOM   1118 C CA  . LYS A 1 142 ? 18.087  0.186   2.384   1.00 17.88 ? 141 LYS A CA  1 
ATOM   1119 C C   . LYS A 1 142 ? 17.006  -0.770  1.872   1.00 20.76 ? 141 LYS A C   1 
ATOM   1120 O O   . LYS A 1 142 ? 16.653  -1.722  2.566   1.00 21.83 ? 141 LYS A O   1 
ATOM   1121 C CB  . LYS A 1 142 ? 17.423  1.397   3.025   1.00 19.09 ? 141 LYS A CB  1 
ATOM   1122 C CG  . LYS A 1 142 ? 18.369  2.461   3.536   1.00 18.68 ? 141 LYS A CG  1 
ATOM   1123 C CD  . LYS A 1 142 ? 17.557  3.629   4.066   1.00 23.36 ? 141 LYS A CD  1 
ATOM   1124 C CE  . LYS A 1 142 ? 18.431  4.775   4.523   1.00 31.77 ? 141 LYS A CE  1 
ATOM   1125 N NZ  . LYS A 1 142 ? 17.589  5.874   5.080   1.00 44.12 ? 141 LYS A NZ  1 
ATOM   1126 N N   . LEU A 1 143 ? 16.485  -0.510  0.670   1.00 20.32 ? 142 LEU A N   1 
ATOM   1127 C CA  . LEU A 1 143 ? 15.415  -1.313  0.074   1.00 19.52 ? 142 LEU A CA  1 
ATOM   1128 C C   . LEU A 1 143 ? 15.894  -2.724  -0.288  1.00 20.15 ? 142 LEU A C   1 
ATOM   1129 O O   . LEU A 1 143 ? 15.122  -3.680  -0.215  1.00 16.85 ? 142 LEU A O   1 
ATOM   1130 C CB  . LEU A 1 143 ? 14.875  -0.592  -1.164  1.00 24.72 ? 142 LEU A CB  1 
ATOM   1131 C CG  . LEU A 1 143 ? 13.526  -1.033  -1.743  1.00 27.30 ? 142 LEU A CG  1 
ATOM   1132 C CD1 . LEU A 1 143 ? 12.429  -0.954  -0.691  1.00 20.17 ? 142 LEU A CD1 1 
ATOM   1133 C CD2 . LEU A 1 143 ? 13.180  -0.152  -2.924  1.00 28.74 ? 142 LEU A CD2 1 
ATOM   1134 N N   . ALA A 1 144 ? 17.152  -2.850  -0.705  1.00 23.54 ? 143 ALA A N   1 
ATOM   1135 C CA  . ALA A 1 144 ? 17.724  -4.135  -1.058  1.00 23.97 ? 143 ALA A CA  1 
ATOM   1136 C C   . ALA A 1 144 ? 17.846  -4.955  0.220   1.00 27.83 ? 143 ALA A C   1 
ATOM   1137 O O   . ALA A 1 144 ? 17.773  -6.182  0.195   1.00 31.95 ? 143 ALA A O   1 
ATOM   1138 C CB  . ALA A 1 144 ? 19.094  -3.952  -1.694  1.00 22.78 ? 143 ALA A CB  1 
ATOM   1139 N N   . LYS A 1 145 ? 18.050  -4.261  1.334   1.00 29.28 ? 144 LYS A N   1 
ATOM   1140 C CA  . LYS A 1 145 ? 18.165  -4.891  2.617   1.00 32.19 ? 144 LYS A CA  1 
ATOM   1141 C C   . LYS A 1 145 ? 16.798  -5.469  2.976   1.00 29.81 ? 144 LYS A C   1 
ATOM   1142 O O   . LYS A 1 145 ? 16.692  -6.625  3.391   1.00 34.56 ? 144 LYS A O   1 
ATOM   1143 C CB  . LYS A 1 145 ? 18.629  -3.848  3.648   1.00 38.88 ? 144 LYS A CB  1 
ATOM   1144 C CG  . LYS A 1 145 ? 18.284  -4.151  5.114   1.00 52.27 ? 144 LYS A CG  1 
ATOM   1145 C CD  . LYS A 1 145 ? 17.037  -3.381  5.593   1.00 57.59 ? 144 LYS A CD  1 
ATOM   1146 C CE  . LYS A 1 145 ? 17.263  -1.865  5.607   1.00 61.33 ? 144 LYS A CE  1 
ATOM   1147 N NZ  . LYS A 1 145 ? 16.013  -1.088  5.864   1.00 59.50 ? 144 LYS A NZ  1 
ATOM   1148 N N   . VAL A 1 146 ? 15.749  -4.683  2.761   1.00 25.10 ? 145 VAL A N   1 
ATOM   1149 C CA  . VAL A 1 146 ? 14.407  -5.113  3.075   1.00 19.57 ? 145 VAL A CA  1 
ATOM   1150 C C   . VAL A 1 146 ? 14.052  -6.300  2.197   1.00 17.04 ? 145 VAL A C   1 
ATOM   1151 O O   . VAL A 1 146 ? 13.559  -7.314  2.694   1.00 18.41 ? 145 VAL A O   1 
ATOM   1152 C CB  . VAL A 1 146 ? 13.370  -4.002  2.824   1.00 17.00 ? 145 VAL A CB  1 
ATOM   1153 C CG1 . VAL A 1 146 ? 12.015  -4.431  3.346   1.00 15.58 ? 145 VAL A CG1 1 
ATOM   1154 C CG2 . VAL A 1 146 ? 13.808  -2.709  3.484   1.00 17.56 ? 145 VAL A CG2 1 
ATOM   1155 N N   . LEU A 1 147 ? 14.369  -6.186  0.908   1.00 16.34 ? 146 LEU A N   1 
ATOM   1156 C CA  . LEU A 1 147 ? 14.061  -7.210  -0.076  1.00 19.20 ? 146 LEU A CA  1 
ATOM   1157 C C   . LEU A 1 147 ? 14.851  -8.511  0.140   1.00 20.27 ? 146 LEU A C   1 
ATOM   1158 O O   . LEU A 1 147 ? 14.404  -9.572  -0.292  1.00 20.84 ? 146 LEU A O   1 
ATOM   1159 C CB  . LEU A 1 147 ? 14.303  -6.648  -1.476  1.00 20.01 ? 146 LEU A CB  1 
ATOM   1160 C CG  . LEU A 1 147 ? 13.383  -5.487  -1.866  1.00 15.95 ? 146 LEU A CG  1 
ATOM   1161 C CD1 . LEU A 1 147 ? 13.674  -5.072  -3.299  1.00 12.34 ? 146 LEU A CD1 1 
ATOM   1162 C CD2 . LEU A 1 147 ? 11.922  -5.900  -1.703  1.00 16.39 ? 146 LEU A CD2 1 
ATOM   1163 N N   . ASP A 1 148 ? 16.019  -8.441  0.775   1.00 20.65 ? 147 ASP A N   1 
ATOM   1164 C CA  . ASP A 1 148 ? 16.791  -9.638  1.043   1.00 18.64 ? 147 ASP A CA  1 
ATOM   1165 C C   . ASP A 1 148 ? 16.063  -10.432 2.122   1.00 16.28 ? 147 ASP A C   1 
ATOM   1166 O O   . ASP A 1 148 ? 16.072  -11.656 2.103   1.00 24.80 ? 147 ASP A O   1 
ATOM   1167 C CB  . ASP A 1 148 ? 18.200  -9.282  1.517   1.00 24.81 ? 147 ASP A CB  1 
ATOM   1168 C CG  . ASP A 1 148 ? 19.126  -8.883  0.373   1.00 29.26 ? 147 ASP A CG  1 
ATOM   1169 O OD1 . ASP A 1 148 ? 18.822  -9.193  -0.798  1.00 33.27 ? 147 ASP A OD1 1 
ATOM   1170 O OD2 . ASP A 1 148 ? 20.174  -8.262  0.650   1.00 31.23 ? 147 ASP A OD2 1 
ATOM   1171 N N   . VAL A 1 149 ? 15.424  -9.725  3.049   1.00 14.94 ? 148 VAL A N   1 
ATOM   1172 C CA  . VAL A 1 149 ? 14.673  -10.339 4.125   1.00 13.18 ? 148 VAL A CA  1 
ATOM   1173 C C   . VAL A 1 149 ? 13.418  -10.999 3.545   1.00 18.75 ? 148 VAL A C   1 
ATOM   1174 O O   . VAL A 1 149 ? 13.020  -12.069 3.998   1.00 27.48 ? 148 VAL A O   1 
ATOM   1175 C CB  . VAL A 1 149 ? 14.238  -9.296  5.176   1.00 14.25 ? 148 VAL A CB  1 
ATOM   1176 C CG1 . VAL A 1 149 ? 13.404  -9.954  6.269   1.00 11.68 ? 148 VAL A CG1 1 
ATOM   1177 C CG2 . VAL A 1 149 ? 15.453  -8.608  5.782   1.00 15.92 ? 148 VAL A CG2 1 
ATOM   1178 N N   . TYR A 1 150 ? 12.780  -10.349 2.569   1.00 19.48 ? 149 TYR A N   1 
ATOM   1179 C CA  . TYR A 1 150 ? 11.578  -10.883 1.931   1.00 15.60 ? 149 TYR A CA  1 
ATOM   1180 C C   . TYR A 1 150 ? 11.962  -12.108 1.113   1.00 12.13 ? 149 TYR A C   1 
ATOM   1181 O O   . TYR A 1 150 ? 11.195  -13.055 1.016   1.00 15.64 ? 149 TYR A O   1 
ATOM   1182 C CB  . TYR A 1 150 ? 10.933  -9.849  0.990   1.00 18.91 ? 149 TYR A CB  1 
ATOM   1183 C CG  . TYR A 1 150 ? 10.274  -8.662  1.669   1.00 17.73 ? 149 TYR A CG  1 
ATOM   1184 C CD1 . TYR A 1 150 ? 10.402  -8.453  3.042   1.00 17.20 ? 149 TYR A CD1 1 
ATOM   1185 C CD2 . TYR A 1 150 ? 9.513   -7.752  0.937   1.00 15.36 ? 149 TYR A CD2 1 
ATOM   1186 C CE1 . TYR A 1 150 ? 9.788   -7.380  3.665   1.00 9.82  ? 149 TYR A CE1 1 
ATOM   1187 C CE2 . TYR A 1 150 ? 8.896   -6.673  1.554   1.00 10.08 ? 149 TYR A CE2 1 
ATOM   1188 C CZ  . TYR A 1 150 ? 9.035   -6.499  2.918   1.00 7.68  ? 149 TYR A CZ  1 
ATOM   1189 O OH  . TYR A 1 150 ? 8.380   -5.475  3.558   1.00 13.58 ? 149 TYR A OH  1 
ATOM   1190 N N   . GLU A 1 151 ? 13.143  -12.072 0.507   1.00 15.77 ? 150 GLU A N   1 
ATOM   1191 C CA  . GLU A 1 151 ? 13.627  -13.161 -0.301  1.00 17.52 ? 150 GLU A CA  1 
ATOM   1192 C C   . GLU A 1 151 ? 13.749  -14.410 0.567   1.00 18.36 ? 150 GLU A C   1 
ATOM   1193 O O   . GLU A 1 151 ? 13.563  -15.525 0.088   1.00 23.10 ? 150 GLU A O   1 
ATOM   1194 C CB  . GLU A 1 151 ? 14.980  -12.784 -0.900  1.00 21.66 ? 150 GLU A CB  1 
ATOM   1195 C CG  . GLU A 1 151 ? 15.572  -13.827 -1.844  1.00 31.28 ? 150 GLU A CG  1 
ATOM   1196 C CD  . GLU A 1 151 ? 14.737  -14.071 -3.095  1.00 32.60 ? 150 GLU A CD  1 
ATOM   1197 O OE1 . GLU A 1 151 ? 13.727  -13.368 -3.323  1.00 29.96 ? 150 GLU A OE1 1 
ATOM   1198 O OE2 . GLU A 1 151 ? 15.112  -14.980 -3.863  1.00 37.87 ? 150 GLU A OE2 1 
ATOM   1199 N N   . ALA A 1 152 ? 14.057  -14.213 1.843   1.00 17.23 ? 151 ALA A N   1 
ATOM   1200 C CA  . ALA A 1 152 ? 14.180  -15.295 2.784   1.00 18.46 ? 151 ALA A CA  1 
ATOM   1201 C C   . ALA A 1 152 ? 12.768  -15.826 3.099   1.00 21.57 ? 151 ALA A C   1 
ATOM   1202 O O   . ALA A 1 152 ? 12.519  -17.021 3.016   1.00 28.79 ? 151 ALA A O   1 
ATOM   1203 C CB  . ALA A 1 152 ? 14.864  -14.796 4.054   1.00 21.45 ? 151 ALA A CB  1 
ATOM   1204 N N   . ARG A 1 153 ? 11.855  -14.920 3.442   1.00 24.06 ? 152 ARG A N   1 
ATOM   1205 C CA  . ARG A 1 153 ? 10.460  -15.219 3.770   1.00 26.09 ? 152 ARG A CA  1 
ATOM   1206 C C   . ARG A 1 153 ? 9.777   -16.029 2.658   1.00 25.93 ? 152 ARG A C   1 
ATOM   1207 O O   . ARG A 1 153 ? 9.108   -17.024 2.923   1.00 25.14 ? 152 ARG A O   1 
ATOM   1208 C CB  . ARG A 1 153 ? 9.701   -13.895 3.919   1.00 38.47 ? 152 ARG A CB  1 
ATOM   1209 C CG  . ARG A 1 153 ? 9.202   -13.554 5.304   1.00 46.80 ? 152 ARG A CG  1 
ATOM   1210 C CD  . ARG A 1 153 ? 8.051   -14.443 5.720   1.00 55.34 ? 152 ARG A CD  1 
ATOM   1211 N NE  . ARG A 1 153 ? 7.462   -13.980 6.972   1.00 62.21 ? 152 ARG A NE  1 
ATOM   1212 C CZ  . ARG A 1 153 ? 7.988   -14.187 8.177   1.00 66.59 ? 152 ARG A CZ  1 
ATOM   1213 N NH1 . ARG A 1 153 ? 9.120   -14.870 8.308   1.00 67.73 ? 152 ARG A NH1 1 
ATOM   1214 N NH2 . ARG A 1 153 ? 7.403   -13.667 9.252   1.00 70.18 ? 152 ARG A NH2 1 
ATOM   1215 N N   . LEU A 1 154 ? 9.914   -15.545 1.427   1.00 24.25 ? 153 LEU A N   1 
ATOM   1216 C CA  . LEU A 1 154 ? 9.293   -16.124 0.261   1.00 25.41 ? 153 LEU A CA  1 
ATOM   1217 C C   . LEU A 1 154 ? 9.932   -17.437 -0.205  1.00 29.33 ? 153 LEU A C   1 
ATOM   1218 O O   . LEU A 1 154 ? 9.462   -18.028 -1.182  1.00 30.95 ? 153 LEU A O   1 
ATOM   1219 C CB  . LEU A 1 154 ? 9.295   -15.082 -0.858  1.00 22.07 ? 153 LEU A CB  1 
ATOM   1220 C CG  . LEU A 1 154 ? 8.575   -13.790 -0.453  1.00 20.18 ? 153 LEU A CG  1 
ATOM   1221 C CD1 . LEU A 1 154 ? 8.734   -12.727 -1.522  1.00 21.76 ? 153 LEU A CD1 1 
ATOM   1222 C CD2 . LEU A 1 154 ? 7.107   -14.066 -0.167  1.00 17.51 ? 153 LEU A CD2 1 
ATOM   1223 N N   . LYS A 1 155 ? 11.009  -17.882 0.440   1.00 31.28 ? 154 LYS A N   1 
ATOM   1224 C CA  . LYS A 1 155 ? 11.614  -19.156 0.071   1.00 32.44 ? 154 LYS A CA  1 
ATOM   1225 C C   . LYS A 1 155 ? 10.907  -20.249 0.875   1.00 37.20 ? 154 LYS A C   1 
ATOM   1226 O O   . LYS A 1 155 ? 10.965  -21.426 0.514   1.00 44.24 ? 154 LYS A O   1 
ATOM   1227 C CB  . LYS A 1 155 ? 13.111  -19.202 0.389   1.00 27.07 ? 154 LYS A CB  1 
ATOM   1228 C CG  . LYS A 1 155 ? 14.026  -18.684 -0.706  1.00 27.32 ? 154 LYS A CG  1 
ATOM   1229 C CD  . LYS A 1 155 ? 15.467  -19.034 -0.377  1.00 29.24 ? 154 LYS A CD  1 
ATOM   1230 C CE  . LYS A 1 155 ? 16.471  -18.148 -1.112  1.00 40.81 ? 154 LYS A CE  1 
ATOM   1231 N NZ  . LYS A 1 155 ? 16.538  -18.389 -2.580  1.00 48.51 ? 154 LYS A NZ  1 
ATOM   1232 N N   . GLU A 1 156 ? 10.241  -19.840 1.956   1.00 39.21 ? 155 GLU A N   1 
ATOM   1233 C CA  . GLU A 1 156 ? 9.523   -20.737 2.841   1.00 40.71 ? 155 GLU A CA  1 
ATOM   1234 C C   . GLU A 1 156 ? 8.020   -20.585 2.614   1.00 42.31 ? 155 GLU A C   1 
ATOM   1235 O O   . GLU A 1 156 ? 7.298   -21.583 2.522   1.00 43.33 ? 155 GLU A O   1 
ATOM   1236 C CB  . GLU A 1 156 ? 9.862   -20.403 4.292   1.00 47.13 ? 155 GLU A CB  1 
ATOM   1237 C CG  . GLU A 1 156 ? 11.357  -20.422 4.593   1.00 59.85 ? 155 GLU A CG  1 
ATOM   1238 C CD  . GLU A 1 156 ? 11.679  -20.088 6.039   1.00 64.80 ? 155 GLU A CD  1 
ATOM   1239 O OE1 . GLU A 1 156 ? 11.109  -19.110 6.582   1.00 66.20 ? 155 GLU A OE1 1 
ATOM   1240 O OE2 . GLU A 1 156 ? 12.515  -20.811 6.628   1.00 66.35 ? 155 GLU A OE2 1 
ATOM   1241 N N   . PHE A 1 157 ? 7.551   -19.337 2.570   1.00 37.94 ? 156 PHE A N   1 
ATOM   1242 C CA  . PHE A 1 157 ? 6.144   -19.041 2.354   1.00 28.98 ? 156 PHE A CA  1 
ATOM   1243 C C   . PHE A 1 157 ? 5.932   -18.690 0.876   1.00 25.78 ? 156 PHE A C   1 
ATOM   1244 O O   . PHE A 1 157 ? 6.878   -18.364 0.161   1.00 28.22 ? 156 PHE A O   1 
ATOM   1245 C CB  . PHE A 1 157 ? 5.714   -17.838 3.195   1.00 31.27 ? 156 PHE A CB  1 
ATOM   1246 C CG  . PHE A 1 157 ? 5.702   -18.075 4.680   1.00 33.33 ? 156 PHE A CG  1 
ATOM   1247 C CD1 . PHE A 1 157 ? 5.495   -19.347 5.207   1.00 30.96 ? 156 PHE A CD1 1 
ATOM   1248 C CD2 . PHE A 1 157 ? 5.862   -17.004 5.556   1.00 28.58 ? 156 PHE A CD2 1 
ATOM   1249 C CE1 . PHE A 1 157 ? 5.446   -19.545 6.579   1.00 26.22 ? 156 PHE A CE1 1 
ATOM   1250 C CE2 . PHE A 1 157 ? 5.814   -17.192 6.927   1.00 28.79 ? 156 PHE A CE2 1 
ATOM   1251 C CZ  . PHE A 1 157 ? 5.606   -18.463 7.442   1.00 27.63 ? 156 PHE A CZ  1 
ATOM   1252 N N   . LYS A 1 158 ? 4.682   -18.752 0.429   1.00 21.40 ? 157 LYS A N   1 
ATOM   1253 C CA  . LYS A 1 158 ? 4.342   -18.402 -0.927  1.00 25.00 ? 157 LYS A CA  1 
ATOM   1254 C C   . LYS A 1 158 ? 4.113   -16.879 -0.958  1.00 26.33 ? 157 LYS A C   1 
ATOM   1255 O O   . LYS A 1 158 ? 4.297   -16.227 -1.990  1.00 28.55 ? 157 LYS A O   1 
ATOM   1256 C CB  . LYS A 1 158 ? 3.083   -19.149 -1.352  1.00 29.65 ? 157 LYS A CB  1 
ATOM   1257 C CG  . LYS A 1 158 ? 2.582   -18.756 -2.722  1.00 36.18 ? 157 LYS A CG  1 
ATOM   1258 C CD  . LYS A 1 158 ? 1.323   -19.514 -3.100  1.00 46.10 ? 157 LYS A CD  1 
ATOM   1259 C CE  . LYS A 1 158 ? 0.705   -18.913 -4.353  1.00 50.36 ? 157 LYS A CE  1 
ATOM   1260 N NZ  . LYS A 1 158 ? 1.729   -18.700 -5.424  1.00 58.18 ? 157 LYS A NZ  1 
ATOM   1261 N N   . TYR A 1 159 ? 3.699   -16.336 0.186   1.00 23.86 ? 158 TYR A N   1 
ATOM   1262 C CA  . TYR A 1 159 ? 3.468   -14.922 0.367   1.00 23.07 ? 158 TYR A CA  1 
ATOM   1263 C C   . TYR A 1 159 ? 4.224   -14.502 1.628   1.00 25.33 ? 158 TYR A C   1 
ATOM   1264 O O   . TYR A 1 159 ? 4.782   -15.335 2.333   1.00 27.06 ? 158 TYR A O   1 
ATOM   1265 C CB  . TYR A 1 159 ? 1.971   -14.624 0.507   1.00 22.01 ? 158 TYR A CB  1 
ATOM   1266 C CG  . TYR A 1 159 ? 1.213   -14.832 -0.779  1.00 20.23 ? 158 TYR A CG  1 
ATOM   1267 C CD1 . TYR A 1 159 ? 1.284   -13.895 -1.813  1.00 19.87 ? 158 TYR A CD1 1 
ATOM   1268 C CD2 . TYR A 1 159 ? 0.498   -16.004 -1.000  1.00 20.06 ? 158 TYR A CD2 1 
ATOM   1269 C CE1 . TYR A 1 159 ? 0.671   -14.136 -3.043  1.00 24.47 ? 158 TYR A CE1 1 
ATOM   1270 C CE2 . TYR A 1 159 ? -0.120  -16.255 -2.219  1.00 25.19 ? 158 TYR A CE2 1 
ATOM   1271 C CZ  . TYR A 1 159 ? -0.029  -15.324 -3.240  1.00 27.73 ? 158 TYR A CZ  1 
ATOM   1272 O OH  . TYR A 1 159 ? -0.612  -15.603 -4.461  1.00 29.67 ? 158 TYR A OH  1 
ATOM   1273 N N   . LEU A 1 160 ? 4.203   -13.211 1.930   1.00 25.37 ? 159 LEU A N   1 
ATOM   1274 C CA  . LEU A 1 160 ? 4.917   -12.670 3.059   1.00 17.44 ? 159 LEU A CA  1 
ATOM   1275 C C   . LEU A 1 160 ? 4.439   -13.160 4.434   1.00 20.45 ? 159 LEU A C   1 
ATOM   1276 O O   . LEU A 1 160 ? 5.278   -13.324 5.321   1.00 28.94 ? 159 LEU A O   1 
ATOM   1277 C CB  . LEU A 1 160 ? 4.852   -11.148 3.016   1.00 13.07 ? 159 LEU A CB  1 
ATOM   1278 C CG  . LEU A 1 160 ? 5.753   -10.479 1.990   1.00 13.17 ? 159 LEU A CG  1 
ATOM   1279 C CD1 . LEU A 1 160 ? 5.653   -8.971  2.169   1.00 4.48  ? 159 LEU A CD1 1 
ATOM   1280 C CD2 . LEU A 1 160 ? 7.189   -10.958 2.177   1.00 6.93  ? 159 LEU A CD2 1 
ATOM   1281 N N   . ALA A 1 161 ? 3.137   -13.379 4.643   1.00 14.29 ? 160 ALA A N   1 
ATOM   1282 C CA  . ALA A 1 161 ? 2.673   -13.785 5.967   1.00 10.83 ? 160 ALA A CA  1 
ATOM   1283 C C   . ALA A 1 161 ? 2.051   -15.164 5.962   1.00 15.19 ? 160 ALA A C   1 
ATOM   1284 O O   . ALA A 1 161 ? 1.282   -15.480 6.871   1.00 24.67 ? 160 ALA A O   1 
ATOM   1285 C CB  . ALA A 1 161 ? 1.675   -12.765 6.532   1.00 2.00  ? 160 ALA A CB  1 
ATOM   1286 N N   . GLY A 1 162 ? 2.383   -15.988 4.973   1.00 14.22 ? 161 GLY A N   1 
ATOM   1287 C CA  . GLY A 1 162 ? 1.818   -17.327 4.903   1.00 13.45 ? 161 GLY A CA  1 
ATOM   1288 C C   . GLY A 1 162 ? 1.777   -17.830 3.475   1.00 22.13 ? 161 GLY A C   1 
ATOM   1289 O O   . GLY A 1 162 ? 2.515   -17.341 2.625   1.00 27.14 ? 161 GLY A O   1 
ATOM   1290 N N   . GLU A 1 163 ? 0.934   -18.823 3.214   1.00 26.97 ? 162 GLU A N   1 
ATOM   1291 C CA  . GLU A 1 163 ? 0.784   -19.387 1.875   1.00 35.15 ? 162 GLU A CA  1 
ATOM   1292 C C   . GLU A 1 163 ? -0.430  -18.719 1.208   1.00 29.94 ? 162 GLU A C   1 
ATOM   1293 O O   . GLU A 1 163 ? -0.887  -19.148 0.150   1.00 29.34 ? 162 GLU A O   1 
ATOM   1294 C CB  . GLU A 1 163 ? 0.532   -20.896 1.988   1.00 46.24 ? 162 GLU A CB  1 
ATOM   1295 C CG  . GLU A 1 163 ? -0.693  -21.239 2.853   1.00 61.87 ? 162 GLU A CG  1 
ATOM   1296 C CD  . GLU A 1 163 ? -1.302  -22.601 2.544   1.00 72.46 ? 162 GLU A CD  1 
ATOM   1297 O OE1 . GLU A 1 163 ? -2.071  -22.702 1.557   1.00 76.74 ? 162 GLU A OE1 1 
ATOM   1298 O OE2 . GLU A 1 163 ? -1.036  -23.563 3.299   1.00 77.83 ? 162 GLU A OE2 1 
ATOM   1299 N N   . THR A 1 164 ? -0.898  -17.628 1.806   1.00 30.31 ? 163 THR A N   1 
ATOM   1300 C CA  . THR A 1 164 ? -2.071  -16.944 1.343   1.00 26.20 ? 163 THR A CA  1 
ATOM   1301 C C   . THR A 1 164 ? -1.809  -15.438 1.195   1.00 24.24 ? 163 THR A C   1 
ATOM   1302 O O   . THR A 1 164 ? -0.931  -14.866 1.859   1.00 22.15 ? 163 THR A O   1 
ATOM   1303 C CB  . THR A 1 164 ? -3.248  -17.251 2.340   1.00 26.34 ? 163 THR A CB  1 
ATOM   1304 O OG1 . THR A 1 164 ? -4.122  -18.225 1.759   1.00 24.82 ? 163 THR A OG1 1 
ATOM   1305 C CG2 . THR A 1 164 ? -4.036  -16.007 2.749   1.00 25.26 ? 163 THR A CG2 1 
ATOM   1306 N N   . PHE A 1 165 ? -2.559  -14.829 0.271   1.00 17.60 ? 164 PHE A N   1 
ATOM   1307 C CA  . PHE A 1 165 ? -2.498  -13.412 -0.004  1.00 14.50 ? 164 PHE A CA  1 
ATOM   1308 C C   . PHE A 1 165 ? -3.211  -12.720 1.155   1.00 13.37 ? 164 PHE A C   1 
ATOM   1309 O O   . PHE A 1 165 ? -4.376  -13.018 1.447   1.00 14.80 ? 164 PHE A O   1 
ATOM   1310 C CB  . PHE A 1 165 ? -3.205  -13.115 -1.334  1.00 14.37 ? 164 PHE A CB  1 
ATOM   1311 C CG  . PHE A 1 165 ? -3.273  -11.638 -1.686  1.00 21.26 ? 164 PHE A CG  1 
ATOM   1312 C CD1 . PHE A 1 165 ? -2.162  -10.976 -2.217  1.00 19.31 ? 164 PHE A CD1 1 
ATOM   1313 C CD2 . PHE A 1 165 ? -4.454  -10.913 -1.492  1.00 18.83 ? 164 PHE A CD2 1 
ATOM   1314 C CE1 . PHE A 1 165 ? -2.227  -9.619  -2.549  1.00 11.45 ? 164 PHE A CE1 1 
ATOM   1315 C CE2 . PHE A 1 165 ? -4.526  -9.562  -1.819  1.00 17.29 ? 164 PHE A CE2 1 
ATOM   1316 C CZ  . PHE A 1 165 ? -3.410  -8.915  -2.349  1.00 16.56 ? 164 PHE A CZ  1 
ATOM   1317 N N   . THR A 1 166 ? -2.500  -11.810 1.817   1.00 13.38 ? 165 THR A N   1 
ATOM   1318 C CA  . THR A 1 166 ? -3.028  -11.092 2.960   1.00 11.10 ? 165 THR A CA  1 
ATOM   1319 C C   . THR A 1 166 ? -2.820  -9.586  2.770   1.00 6.46  ? 165 THR A C   1 
ATOM   1320 O O   . THR A 1 166 ? -2.298  -9.134  1.756   1.00 10.99 ? 165 THR A O   1 
ATOM   1321 C CB  . THR A 1 166 ? -2.315  -11.548 4.275   1.00 11.56 ? 165 THR A CB  1 
ATOM   1322 O OG1 . THR A 1 166 ? -0.913  -11.703 4.025   1.00 12.58 ? 165 THR A OG1 1 
ATOM   1323 C CG2 . THR A 1 166 ? -2.864  -12.881 4.769   1.00 10.74 ? 165 THR A CG2 1 
ATOM   1324 N N   . LEU A 1 167 ? -3.230  -8.826  3.780   1.00 12.65 ? 166 LEU A N   1 
ATOM   1325 C CA  . LEU A 1 167 ? -3.119  -7.381  3.824   1.00 5.39  ? 166 LEU A CA  1 
ATOM   1326 C C   . LEU A 1 167 ? -1.635  -7.023  3.867   1.00 8.90  ? 166 LEU A C   1 
ATOM   1327 O O   . LEU A 1 167 ? -1.233  -5.904  3.531   1.00 17.62 ? 166 LEU A O   1 
ATOM   1328 C CB  . LEU A 1 167 ? -3.820  -6.890  5.089   1.00 5.50  ? 166 LEU A CB  1 
ATOM   1329 C CG  . LEU A 1 167 ? -5.062  -5.996  5.032   1.00 5.84  ? 166 LEU A CG  1 
ATOM   1330 C CD1 . LEU A 1 167 ? -5.923  -6.313  3.865   1.00 6.05  ? 166 LEU A CD1 1 
ATOM   1331 C CD2 . LEU A 1 167 ? -5.835  -6.125  6.317   1.00 2.00  ? 166 LEU A CD2 1 
ATOM   1332 N N   . THR A 1 168 ? -0.821  -7.972  4.307   1.00 10.13 ? 167 THR A N   1 
ATOM   1333 C CA  . THR A 1 168 ? 0.597   -7.771  4.389   1.00 12.81 ? 167 THR A CA  1 
ATOM   1334 C C   . THR A 1 168 ? 1.124   -7.526  2.976   1.00 19.79 ? 167 THR A C   1 
ATOM   1335 O O   . THR A 1 168 ? 1.764   -6.509  2.738   1.00 31.53 ? 167 THR A O   1 
ATOM   1336 C CB  . THR A 1 168 ? 1.297   -8.989  5.029   1.00 8.12  ? 167 THR A CB  1 
ATOM   1337 O OG1 . THR A 1 168 ? 0.815   -9.155  6.366   1.00 20.62 ? 167 THR A OG1 1 
ATOM   1338 C CG2 . THR A 1 168 ? 2.784   -8.794  5.089   1.00 2.25  ? 167 THR A CG2 1 
ATOM   1339 N N   . ASP A 1 169 ? 0.790   -8.412  2.034   1.00 17.99 ? 168 ASP A N   1 
ATOM   1340 C CA  . ASP A 1 169 ? 1.245   -8.303  0.659   1.00 12.70 ? 168 ASP A CA  1 
ATOM   1341 C C   . ASP A 1 169 ? 0.632   -7.082  -0.011  1.00 13.75 ? 168 ASP A C   1 
ATOM   1342 O O   . ASP A 1 169 ? 1.317   -6.342  -0.719  1.00 14.94 ? 168 ASP A O   1 
ATOM   1343 C CB  . ASP A 1 169 ? 0.837   -9.538  -0.140  1.00 17.53 ? 168 ASP A CB  1 
ATOM   1344 C CG  . ASP A 1 169 ? 1.366   -10.818 0.448   1.00 14.76 ? 168 ASP A CG  1 
ATOM   1345 O OD1 . ASP A 1 169 ? 2.477   -11.229 0.072   1.00 15.66 ? 168 ASP A OD1 1 
ATOM   1346 O OD2 . ASP A 1 169 ? 0.652   -11.428 1.268   1.00 17.78 ? 168 ASP A OD2 1 
ATOM   1347 N N   . LEU A 1 170 ? -0.663  -6.891  0.215   1.00 11.67 ? 169 LEU A N   1 
ATOM   1348 C CA  . LEU A 1 170 ? -1.441  -5.817  -0.368  1.00 12.40 ? 169 LEU A CA  1 
ATOM   1349 C C   . LEU A 1 170 ? -0.869  -4.424  -0.075  1.00 15.71 ? 169 LEU A C   1 
ATOM   1350 O O   . LEU A 1 170 ? -0.852  -3.566  -0.957  1.00 21.13 ? 169 LEU A O   1 
ATOM   1351 C CB  . LEU A 1 170 ? -2.881  -5.918  0.141   1.00 10.15 ? 169 LEU A CB  1 
ATOM   1352 C CG  . LEU A 1 170 ? -3.926  -4.982  -0.474  1.00 10.69 ? 169 LEU A CG  1 
ATOM   1353 C CD1 . LEU A 1 170 ? -5.294  -5.616  -0.337  1.00 6.06  ? 169 LEU A CD1 1 
ATOM   1354 C CD2 . LEU A 1 170 ? -3.893  -3.595  0.165   1.00 13.88 ? 169 LEU A CD2 1 
ATOM   1355 N N   . HIS A 1 171 ? -0.456  -4.183  1.162   1.00 14.21 ? 170 HIS A N   1 
ATOM   1356 C CA  . HIS A 1 171 ? 0.073   -2.888  1.568   1.00 15.62 ? 170 HIS A CA  1 
ATOM   1357 C C   . HIS A 1 171 ? 1.262   -2.425  0.708   1.00 10.70 ? 170 HIS A C   1 
ATOM   1358 O O   . HIS A 1 171 ? 1.495   -1.224  0.577   1.00 11.04 ? 170 HIS A O   1 
ATOM   1359 C CB  . HIS A 1 171 ? 0.486   -2.951  3.042   1.00 16.12 ? 170 HIS A CB  1 
ATOM   1360 C CG  . HIS A 1 171 ? -0.670  -2.985  3.994   1.00 9.32  ? 170 HIS A CG  1 
ATOM   1361 N ND1 . HIS A 1 171 ? -1.977  -2.872  3.580   1.00 6.12  ? 170 HIS A ND1 1 
ATOM   1362 C CD2 . HIS A 1 171 ? -0.709  -3.063  5.345   1.00 10.65 ? 170 HIS A CD2 1 
ATOM   1363 C CE1 . HIS A 1 171 ? -2.773  -2.870  4.634   1.00 3.26  ? 170 HIS A CE1 1 
ATOM   1364 N NE2 . HIS A 1 171 ? -2.028  -2.983  5.716   1.00 2.00  ? 170 HIS A NE2 1 
ATOM   1365 N N   . HIS A 1 172 ? 1.987   -3.363  0.110   1.00 8.72  ? 171 HIS A N   1 
ATOM   1366 C CA  . HIS A 1 172 ? 3.155   -3.054  -0.697  1.00 9.23  ? 171 HIS A CA  1 
ATOM   1367 C C   . HIS A 1 172 ? 2.798   -2.705  -2.134  1.00 12.56 ? 171 HIS A C   1 
ATOM   1368 O O   . HIS A 1 172 ? 3.540   -1.972  -2.779  1.00 17.09 ? 171 HIS A O   1 
ATOM   1369 C CB  . HIS A 1 172 ? 4.088   -4.259  -0.759  1.00 5.16  ? 171 HIS A CB  1 
ATOM   1370 C CG  . HIS A 1 172 ? 4.579   -4.715  0.570   1.00 2.00  ? 171 HIS A CG  1 
ATOM   1371 N ND1 . HIS A 1 172 ? 3.831   -5.517  1.400   1.00 6.77  ? 171 HIS A ND1 1 
ATOM   1372 C CD2 . HIS A 1 172 ? 5.739   -4.473  1.220   1.00 2.00  ? 171 HIS A CD2 1 
ATOM   1373 C CE1 . HIS A 1 172 ? 4.508   -5.745  2.510   1.00 8.87  ? 171 HIS A CE1 1 
ATOM   1374 N NE2 . HIS A 1 172 ? 5.669   -5.125  2.425   1.00 10.12 ? 171 HIS A NE2 1 
ATOM   1375 N N   . ILE A 1 173 ? 1.706   -3.287  -2.637  1.00 13.05 ? 172 ILE A N   1 
ATOM   1376 C CA  . ILE A 1 173 ? 1.258   -3.150  -4.021  1.00 12.32 ? 172 ILE A CA  1 
ATOM   1377 C C   . ILE A 1 173 ? 1.400   -1.743  -4.589  1.00 12.03 ? 172 ILE A C   1 
ATOM   1378 O O   . ILE A 1 173 ? 2.136   -1.554  -5.562  1.00 11.35 ? 172 ILE A O   1 
ATOM   1379 C CB  . ILE A 1 173 ? -0.178  -3.700  -4.240  1.00 16.23 ? 172 ILE A CB  1 
ATOM   1380 C CG1 . ILE A 1 173 ? -0.227  -5.182  -3.868  1.00 9.44  ? 172 ILE A CG1 1 
ATOM   1381 C CG2 . ILE A 1 173 ? -0.586  -3.540  -5.705  1.00 15.59 ? 172 ILE A CG2 1 
ATOM   1382 C CD1 . ILE A 1 173 ? -1.586  -5.775  -3.963  1.00 13.86 ? 172 ILE A CD1 1 
ATOM   1383 N N   . PRO A 1 174 ? 0.705   -0.744  -4.010  1.00 10.63 ? 173 PRO A N   1 
ATOM   1384 C CA  . PRO A 1 174 ? 0.824   0.618   -4.543  1.00 7.38  ? 173 PRO A CA  1 
ATOM   1385 C C   . PRO A 1 174 ? 2.258   1.129   -4.769  1.00 8.15  ? 173 PRO A C   1 
ATOM   1386 O O   . PRO A 1 174 ? 2.574   1.639   -5.845  1.00 9.58  ? 173 PRO A O   1 
ATOM   1387 C CB  . PRO A 1 174 ? 0.073   1.448   -3.504  1.00 8.44  ? 173 PRO A CB  1 
ATOM   1388 C CG  . PRO A 1 174 ? -0.999  0.508   -3.048  1.00 7.16  ? 173 PRO A CG  1 
ATOM   1389 C CD  . PRO A 1 174 ? -0.240  -0.778  -2.875  1.00 4.10  ? 173 PRO A CD  1 
ATOM   1390 N N   . ALA A 1 175 ? 3.131   0.949   -3.782  1.00 6.54  ? 174 ALA A N   1 
ATOM   1391 C CA  . ALA A 1 175 ? 4.500   1.415   -3.884  1.00 9.88  ? 174 ALA A CA  1 
ATOM   1392 C C   . ALA A 1 175 ? 5.257   0.654   -4.969  1.00 11.98 ? 174 ALA A C   1 
ATOM   1393 O O   . ALA A 1 175 ? 6.001   1.252   -5.743  1.00 15.14 ? 174 ALA A O   1 
ATOM   1394 C CB  . ALA A 1 175 ? 5.210   1.273   -2.550  1.00 8.28  ? 174 ALA A CB  1 
ATOM   1395 N N   . ILE A 1 176 ? 5.029   -0.653  -5.055  1.00 17.39 ? 175 ILE A N   1 
ATOM   1396 C CA  . ILE A 1 176 ? 5.722   -1.498  -6.008  1.00 13.29 ? 175 ILE A CA  1 
ATOM   1397 C C   . ILE A 1 176 ? 5.327   -1.175  -7.449  1.00 13.97 ? 175 ILE A C   1 
ATOM   1398 O O   . ILE A 1 176 ? 6.167   -1.242  -8.345  1.00 20.41 ? 175 ILE A O   1 
ATOM   1399 C CB  . ILE A 1 176 ? 5.491   -2.989  -5.701  1.00 16.15 ? 175 ILE A CB  1 
ATOM   1400 C CG1 . ILE A 1 176 ? 5.978   -3.311  -4.285  1.00 10.62 ? 175 ILE A CG1 1 
ATOM   1401 C CG2 . ILE A 1 176 ? 6.233   -3.859  -6.708  1.00 15.98 ? 175 ILE A CG2 1 
ATOM   1402 C CD1 . ILE A 1 176 ? 5.927   -4.789  -3.947  1.00 8.87  ? 175 ILE A CD1 1 
ATOM   1403 N N   . GLN A 1 177 ? 4.063   -0.837  -7.682  1.00 11.92 ? 176 GLN A N   1 
ATOM   1404 C CA  . GLN A 1 177 ? 3.600   -0.502  -9.019  1.00 9.27  ? 176 GLN A CA  1 
ATOM   1405 C C   . GLN A 1 177 ? 4.440   0.646   -9.576  1.00 11.75 ? 176 GLN A C   1 
ATOM   1406 O O   . GLN A 1 177 ? 4.962   0.560   -10.685 1.00 17.59 ? 176 GLN A O   1 
ATOM   1407 C CB  . GLN A 1 177 ? 2.124   -0.097  -8.986  1.00 6.34  ? 176 GLN A CB  1 
ATOM   1408 C CG  . GLN A 1 177 ? 1.180   -1.248  -8.696  1.00 9.32  ? 176 GLN A CG  1 
ATOM   1409 C CD  . GLN A 1 177 ? -0.273  -0.832  -8.633  1.00 10.84 ? 176 GLN A CD  1 
ATOM   1410 O OE1 . GLN A 1 177 ? -1.124  -1.395  -9.324  1.00 19.12 ? 176 GLN A OE1 1 
ATOM   1411 N NE2 . GLN A 1 177 ? -0.571  0.137   -7.786  1.00 3.70  ? 176 GLN A NE2 1 
ATOM   1412 N N   . TYR A 1 178 ? 4.602   1.690   -8.771  1.00 17.10 ? 177 TYR A N   1 
ATOM   1413 C CA  . TYR A 1 178 ? 5.351   2.881   -9.133  1.00 18.43 ? 177 TYR A CA  1 
ATOM   1414 C C   . TYR A 1 178 ? 6.841   2.583   -9.391  1.00 22.60 ? 177 TYR A C   1 
ATOM   1415 O O   . TYR A 1 178 ? 7.404   3.036   -10.394 1.00 24.50 ? 177 TYR A O   1 
ATOM   1416 C CB  . TYR A 1 178 ? 5.203   3.923   -8.015  1.00 13.47 ? 177 TYR A CB  1 
ATOM   1417 C CG  . TYR A 1 178 ? 3.962   4.781   -8.119  1.00 22.12 ? 177 TYR A CG  1 
ATOM   1418 C CD1 . TYR A 1 178 ? 3.762   5.619   -9.220  1.00 28.00 ? 177 TYR A CD1 1 
ATOM   1419 C CD2 . TYR A 1 178 ? 2.996   4.781   -7.111  1.00 24.89 ? 177 TYR A CD2 1 
ATOM   1420 C CE1 . TYR A 1 178 ? 2.637   6.436   -9.316  1.00 25.19 ? 177 TYR A CE1 1 
ATOM   1421 C CE2 . TYR A 1 178 ? 1.866   5.597   -7.196  1.00 22.62 ? 177 TYR A CE2 1 
ATOM   1422 C CZ  . TYR A 1 178 ? 1.695   6.421   -8.303  1.00 26.76 ? 177 TYR A CZ  1 
ATOM   1423 O OH  . TYR A 1 178 ? 0.593   7.234   -8.404  1.00 24.82 ? 177 TYR A OH  1 
ATOM   1424 N N   . LEU A 1 179 ? 7.480   1.847   -8.483  1.00 27.32 ? 178 LEU A N   1 
ATOM   1425 C CA  . LEU A 1 179 ? 8.896   1.522   -8.600  1.00 25.20 ? 178 LEU A CA  1 
ATOM   1426 C C   . LEU A 1 179 ? 9.151   0.668   -9.836  1.00 23.69 ? 178 LEU A C   1 
ATOM   1427 O O   . LEU A 1 179 ? 10.237  0.719   -10.407 1.00 26.23 ? 178 LEU A O   1 
ATOM   1428 C CB  . LEU A 1 179 ? 9.378   0.779   -7.352  1.00 27.21 ? 178 LEU A CB  1 
ATOM   1429 C CG  . LEU A 1 179 ? 9.371   1.536   -6.022  1.00 26.45 ? 178 LEU A CG  1 
ATOM   1430 C CD1 . LEU A 1 179 ? 9.717   0.579   -4.902  1.00 24.33 ? 178 LEU A CD1 1 
ATOM   1431 C CD2 . LEU A 1 179 ? 10.336  2.706   -6.054  1.00 24.99 ? 178 LEU A CD2 1 
ATOM   1432 N N   . LEU A 1 180 ? 8.158   -0.119  -10.239 1.00 22.17 ? 179 LEU A N   1 
ATOM   1433 C CA  . LEU A 1 180 ? 8.283   -0.975  -11.396 1.00 24.05 ? 179 LEU A CA  1 
ATOM   1434 C C   . LEU A 1 180 ? 8.617   -0.140  -12.649 1.00 25.18 ? 179 LEU A C   1 
ATOM   1435 O O   . LEU A 1 180 ? 9.436   -0.550  -13.473 1.00 29.02 ? 179 LEU A O   1 
ATOM   1436 C CB  . LEU A 1 180 ? 6.985   -1.766  -11.565 1.00 21.63 ? 179 LEU A CB  1 
ATOM   1437 C CG  . LEU A 1 180 ? 6.975   -3.186  -10.981 1.00 24.41 ? 179 LEU A CG  1 
ATOM   1438 C CD1 . LEU A 1 180 ? 7.966   -3.329  -9.833  1.00 29.07 ? 179 LEU A CD1 1 
ATOM   1439 C CD2 . LEU A 1 180 ? 5.568   -3.559  -10.548 1.00 24.92 ? 179 LEU A CD2 1 
ATOM   1440 N N   . GLY A 1 181 ? 8.007   1.033   -12.783 1.00 23.87 ? 180 GLY A N   1 
ATOM   1441 C CA  . GLY A 1 181 ? 8.294   1.881   -13.928 1.00 20.91 ? 180 GLY A CA  1 
ATOM   1442 C C   . GLY A 1 181 ? 9.410   2.831   -13.553 1.00 22.46 ? 180 GLY A C   1 
ATOM   1443 O O   . GLY A 1 181 ? 9.305   4.035   -13.763 1.00 30.15 ? 180 GLY A O   1 
ATOM   1444 N N   . THR A 1 182 ? 10.477  2.273   -12.986 1.00 19.36 ? 181 THR A N   1 
ATOM   1445 C CA  . THR A 1 182 ? 11.635  3.014   -12.526 1.00 19.06 ? 181 THR A CA  1 
ATOM   1446 C C   . THR A 1 182 ? 12.796  2.014   -12.553 1.00 24.87 ? 181 THR A C   1 
ATOM   1447 O O   . THR A 1 182 ? 12.562  0.810   -12.443 1.00 30.88 ? 181 THR A O   1 
ATOM   1448 C CB  . THR A 1 182 ? 11.398  3.500   -11.064 1.00 19.98 ? 181 THR A CB  1 
ATOM   1449 O OG1 . THR A 1 182 ? 10.694  4.748   -11.062 1.00 31.08 ? 181 THR A OG1 1 
ATOM   1450 C CG2 . THR A 1 182 ? 12.681  3.664   -10.318 1.00 25.95 ? 181 THR A CG2 1 
ATOM   1451 N N   . PRO A 1 183 ? 14.051  2.482   -12.744 1.00 24.40 ? 182 PRO A N   1 
ATOM   1452 C CA  . PRO A 1 183 ? 15.193  1.554   -12.772 1.00 24.28 ? 182 PRO A CA  1 
ATOM   1453 C C   . PRO A 1 183 ? 15.394  0.805   -11.453 1.00 24.52 ? 182 PRO A C   1 
ATOM   1454 O O   . PRO A 1 183 ? 16.257  -0.068  -11.350 1.00 24.00 ? 182 PRO A O   1 
ATOM   1455 C CB  . PRO A 1 183 ? 16.378  2.469   -13.093 1.00 25.17 ? 182 PRO A CB  1 
ATOM   1456 C CG  . PRO A 1 183 ? 15.937  3.809   -12.575 1.00 27.97 ? 182 PRO A CG  1 
ATOM   1457 C CD  . PRO A 1 183 ? 14.501  3.859   -13.019 1.00 25.26 ? 182 PRO A CD  1 
ATOM   1458 N N   . THR A 1 184 ? 14.576  1.157   -10.458 1.00 24.82 ? 183 THR A N   1 
ATOM   1459 C CA  . THR A 1 184 ? 14.588  0.554   -9.140  1.00 23.96 ? 183 THR A CA  1 
ATOM   1460 C C   . THR A 1 184 ? 14.004  -0.863  -9.237  1.00 25.03 ? 183 THR A C   1 
ATOM   1461 O O   . THR A 1 184 ? 14.177  -1.673  -8.324  1.00 26.07 ? 183 THR A O   1 
ATOM   1462 C CB  . THR A 1 184 ? 13.728  1.382   -8.157  1.00 24.53 ? 183 THR A CB  1 
ATOM   1463 O OG1 . THR A 1 184 ? 14.281  2.699   -8.032  1.00 25.66 ? 183 THR A OG1 1 
ATOM   1464 C CG2 . THR A 1 184 ? 13.675  0.726   -6.787  1.00 25.24 ? 183 THR A CG2 1 
ATOM   1465 N N   . LYS A 1 185 ? 13.352  -1.161  -10.361 1.00 21.67 ? 184 LYS A N   1 
ATOM   1466 C CA  . LYS A 1 185 ? 12.738  -2.445  -10.598 1.00 21.80 ? 184 LYS A CA  1 
ATOM   1467 C C   . LYS A 1 185 ? 13.792  -3.534  -10.683 1.00 22.84 ? 184 LYS A C   1 
ATOM   1468 O O   . LYS A 1 185 ? 13.453  -4.713  -10.658 1.00 25.35 ? 184 LYS A O   1 
ATOM   1469 C CB  . LYS A 1 185 ? 11.950  -2.425  -11.903 1.00 26.11 ? 184 LYS A CB  1 
ATOM   1470 C CG  . LYS A 1 185 ? 12.817  -2.301  -13.145 1.00 35.19 ? 184 LYS A CG  1 
ATOM   1471 C CD  . LYS A 1 185 ? 11.973  -2.250  -14.411 1.00 41.53 ? 184 LYS A CD  1 
ATOM   1472 C CE  . LYS A 1 185 ? 12.808  -1.819  -15.613 1.00 46.58 ? 184 LYS A CE  1 
ATOM   1473 N NZ  . LYS A 1 185 ? 13.962  -2.735  -15.882 1.00 46.88 ? 184 LYS A NZ  1 
ATOM   1474 N N   . LYS A 1 186 ? 15.062  -3.153  -10.792 1.00 25.71 ? 185 LYS A N   1 
ATOM   1475 C CA  . LYS A 1 186 ? 16.133  -4.125  -10.901 1.00 30.91 ? 185 LYS A CA  1 
ATOM   1476 C C   . LYS A 1 186 ? 16.289  -4.898  -9.583  1.00 29.30 ? 185 LYS A C   1 
ATOM   1477 O O   . LYS A 1 186 ? 16.647  -6.076  -9.595  1.00 32.23 ? 185 LYS A O   1 
ATOM   1478 C CB  . LYS A 1 186 ? 17.442  -3.421  -11.273 1.00 40.77 ? 185 LYS A CB  1 
ATOM   1479 C CG  . LYS A 1 186 ? 18.559  -4.368  -11.709 1.00 49.99 ? 185 LYS A CG  1 
ATOM   1480 C CD  . LYS A 1 186 ? 19.864  -3.622  -11.990 1.00 57.62 ? 185 LYS A CD  1 
ATOM   1481 C CE  . LYS A 1 186 ? 20.973  -4.584  -12.428 1.00 64.12 ? 185 LYS A CE  1 
ATOM   1482 N NZ  . LYS A 1 186 ? 22.257  -3.893  -12.773 1.00 65.80 ? 185 LYS A NZ  1 
ATOM   1483 N N   . LEU A 1 187 ? 15.994  -4.249  -8.460  1.00 26.73 ? 186 LEU A N   1 
ATOM   1484 C CA  . LEU A 1 187 ? 16.111  -4.872  -7.156  1.00 21.53 ? 186 LEU A CA  1 
ATOM   1485 C C   . LEU A 1 187 ? 15.062  -5.968  -6.986  1.00 18.27 ? 186 LEU A C   1 
ATOM   1486 O O   . LEU A 1 187 ? 15.307  -6.950  -6.287  1.00 20.49 ? 186 LEU A O   1 
ATOM   1487 C CB  . LEU A 1 187 ? 15.941  -3.827  -6.043  1.00 23.85 ? 186 LEU A CB  1 
ATOM   1488 C CG  . LEU A 1 187 ? 17.183  -3.130  -5.481  1.00 18.48 ? 186 LEU A CG  1 
ATOM   1489 C CD1 . LEU A 1 187 ? 17.867  -2.324  -6.560  1.00 23.79 ? 186 LEU A CD1 1 
ATOM   1490 C CD2 . LEU A 1 187 ? 16.792  -2.229  -4.324  1.00 21.66 ? 186 LEU A CD2 1 
ATOM   1491 N N   . PHE A 1 188 ? 13.891  -5.802  -7.595  1.00 15.73 ? 187 PHE A N   1 
ATOM   1492 C CA  . PHE A 1 188 ? 12.834  -6.794  -7.460  1.00 17.81 ? 187 PHE A CA  1 
ATOM   1493 C C   . PHE A 1 188 ? 13.088  -7.955  -8.411  1.00 20.79 ? 187 PHE A C   1 
ATOM   1494 O O   . PHE A 1 188 ? 12.816  -9.109  -8.077  1.00 21.69 ? 187 PHE A O   1 
ATOM   1495 C CB  . PHE A 1 188 ? 11.459  -6.176  -7.755  1.00 9.83  ? 187 PHE A CB  1 
ATOM   1496 C CG  . PHE A 1 188 ? 11.075  -5.064  -6.818  1.00 11.34 ? 187 PHE A CG  1 
ATOM   1497 C CD1 . PHE A 1 188 ? 10.972  -5.288  -5.455  1.00 17.02 ? 187 PHE A CD1 1 
ATOM   1498 C CD2 . PHE A 1 188 ? 10.856  -3.782  -7.297  1.00 18.54 ? 187 PHE A CD2 1 
ATOM   1499 C CE1 . PHE A 1 188 ? 10.663  -4.252  -4.581  1.00 18.74 ? 187 PHE A CE1 1 
ATOM   1500 C CE2 . PHE A 1 188 ? 10.545  -2.741  -6.429  1.00 24.27 ? 187 PHE A CE2 1 
ATOM   1501 C CZ  . PHE A 1 188 ? 10.451  -2.978  -5.067  1.00 19.86 ? 187 PHE A CZ  1 
ATOM   1502 N N   . THR A 1 189 ? 13.654  -7.645  -9.573  1.00 23.91 ? 188 THR A N   1 
ATOM   1503 C CA  . THR A 1 189 ? 13.921  -8.619  -10.595 1.00 23.94 ? 188 THR A CA  1 
ATOM   1504 C C   . THR A 1 189 ? 15.174  -9.455  -10.292 1.00 26.70 ? 188 THR A C   1 
ATOM   1505 O O   . THR A 1 189 ? 15.217  -10.644 -10.626 1.00 25.61 ? 188 THR A O   1 
ATOM   1506 C CB  . THR A 1 189 ? 14.066  -7.930  -11.966 1.00 24.19 ? 188 THR A CB  1 
ATOM   1507 O OG1 . THR A 1 189 ? 12.840  -7.266  -12.295 1.00 27.94 ? 188 THR A OG1 1 
ATOM   1508 C CG2 . THR A 1 189 ? 14.368  -8.944  -13.047 1.00 32.99 ? 188 THR A CG2 1 
ATOM   1509 N N   . GLU A 1 190 ? 16.170  -8.869  -9.632  1.00 29.62 ? 189 GLU A N   1 
ATOM   1510 C CA  . GLU A 1 190 ? 17.397  -9.594  -9.362  1.00 31.57 ? 189 GLU A CA  1 
ATOM   1511 C C   . GLU A 1 190 ? 17.234  -10.639 -8.255  1.00 30.79 ? 189 GLU A C   1 
ATOM   1512 O O   . GLU A 1 190 ? 18.196  -11.342 -7.937  1.00 32.10 ? 189 GLU A O   1 
ATOM   1513 C CB  . GLU A 1 190 ? 18.537  -8.629  -9.023  1.00 37.63 ? 189 GLU A CB  1 
ATOM   1514 C CG  . GLU A 1 190 ? 18.437  -7.944  -7.673  1.00 48.15 ? 189 GLU A CG  1 
ATOM   1515 C CD  . GLU A 1 190 ? 19.638  -7.059  -7.387  1.00 51.83 ? 189 GLU A CD  1 
ATOM   1516 O OE1 . GLU A 1 190 ? 20.203  -6.494  -8.350  1.00 48.87 ? 189 GLU A OE1 1 
ATOM   1517 O OE2 . GLU A 1 190 ? 20.019  -6.932  -6.200  1.00 58.05 ? 189 GLU A OE2 1 
ATOM   1518 N N   . ARG A 1 191 ? 16.042  -10.741 -7.669  1.00 26.78 ? 190 ARG A N   1 
ATOM   1519 C CA  . ARG A 1 191 ? 15.771  -11.725 -6.633  1.00 19.71 ? 190 ARG A CA  1 
ATOM   1520 C C   . ARG A 1 191 ? 14.599  -12.576 -7.134  1.00 22.37 ? 190 ARG A C   1 
ATOM   1521 O O   . ARG A 1 191 ? 13.499  -12.068 -7.340  1.00 23.70 ? 190 ARG A O   1 
ATOM   1522 C CB  . ARG A 1 191 ? 15.430  -11.021 -5.322  1.00 16.85 ? 190 ARG A CB  1 
ATOM   1523 C CG  . ARG A 1 191 ? 16.570  -10.177 -4.765  1.00 10.47 ? 190 ARG A CG  1 
ATOM   1524 C CD  . ARG A 1 191 ? 16.075  -9.273  -3.647  1.00 14.71 ? 190 ARG A CD  1 
ATOM   1525 N NE  . ARG A 1 191 ? 17.172  -8.600  -2.960  1.00 15.44 ? 190 ARG A NE  1 
ATOM   1526 C CZ  . ARG A 1 191 ? 17.845  -7.568  -3.450  1.00 18.36 ? 190 ARG A CZ  1 
ATOM   1527 N NH1 . ARG A 1 191 ? 17.528  -7.073  -4.633  1.00 24.85 ? 190 ARG A NH1 1 
ATOM   1528 N NH2 . ARG A 1 191 ? 18.874  -7.068  -2.779  1.00 21.85 ? 190 ARG A NH2 1 
ATOM   1529 N N   . PRO A 1 192 ? 14.829  -13.890 -7.318  1.00 19.74 ? 191 PRO A N   1 
ATOM   1530 C CA  . PRO A 1 192 ? 13.905  -14.920 -7.799  1.00 17.35 ? 191 PRO A CA  1 
ATOM   1531 C C   . PRO A 1 192 ? 12.526  -15.000 -7.191  1.00 17.51 ? 191 PRO A C   1 
ATOM   1532 O O   . PRO A 1 192 ? 11.534  -15.077 -7.911  1.00 23.89 ? 191 PRO A O   1 
ATOM   1533 C CB  . PRO A 1 192 ? 14.682  -16.213 -7.551  1.00 17.60 ? 191 PRO A CB  1 
ATOM   1534 C CG  . PRO A 1 192 ? 16.084  -15.790 -7.699  1.00 19.15 ? 191 PRO A CG  1 
ATOM   1535 C CD  . PRO A 1 192 ? 16.099  -14.512 -6.912  1.00 19.54 ? 191 PRO A CD  1 
ATOM   1536 N N   . ARG A 1 193 ? 12.474  -15.062 -5.867  1.00 24.13 ? 192 ARG A N   1 
ATOM   1537 C CA  . ARG A 1 193 ? 11.234  -15.166 -5.147  1.00 26.87 ? 192 ARG A CA  1 
ATOM   1538 C C   . ARG A 1 193 ? 10.492  -13.830 -5.176  1.00 26.10 ? 192 ARG A C   1 
ATOM   1539 O O   . ARG A 1 193 ? 9.299   -13.788 -5.478  1.00 22.84 ? 192 ARG A O   1 
ATOM   1540 C CB  . ARG A 1 193 ? 11.524  -15.597 -3.707  1.00 33.77 ? 192 ARG A CB  1 
ATOM   1541 C CG  . ARG A 1 193 ? 12.024  -17.027 -3.563  1.00 40.41 ? 192 ARG A CG  1 
ATOM   1542 C CD  . ARG A 1 193 ? 11.017  -18.028 -4.118  1.00 49.85 ? 192 ARG A CD  1 
ATOM   1543 N NE  . ARG A 1 193 ? 11.134  -19.351 -3.499  1.00 67.27 ? 192 ARG A NE  1 
ATOM   1544 C CZ  . ARG A 1 193 ? 12.171  -20.178 -3.641  1.00 72.87 ? 192 ARG A CZ  1 
ATOM   1545 N NH1 . ARG A 1 193 ? 13.214  -19.835 -4.389  1.00 74.26 ? 192 ARG A NH1 1 
ATOM   1546 N NH2 . ARG A 1 193 ? 12.165  -21.361 -3.032  1.00 73.86 ? 192 ARG A NH2 1 
ATOM   1547 N N   . VAL A 1 194 ? 11.200  -12.745 -4.871  1.00 26.73 ? 193 VAL A N   1 
ATOM   1548 C CA  . VAL A 1 194 ? 10.622  -11.414 -4.859  1.00 23.92 ? 193 VAL A CA  1 
ATOM   1549 C C   . VAL A 1 194 ? 10.060  -11.081 -6.244  1.00 25.26 ? 193 VAL A C   1 
ATOM   1550 O O   . VAL A 1 194 ? 8.993   -10.473 -6.360  1.00 24.53 ? 193 VAL A O   1 
ATOM   1551 C CB  . VAL A 1 194 ? 11.679  -10.360 -4.460  1.00 17.09 ? 193 VAL A CB  1 
ATOM   1552 C CG1 . VAL A 1 194 ? 11.130  -8.957  -4.614  1.00 12.57 ? 193 VAL A CG1 1 
ATOM   1553 C CG2 . VAL A 1 194 ? 12.107  -10.578 -3.032  1.00 18.66 ? 193 VAL A CG2 1 
ATOM   1554 N N   . ASN A 1 195 ? 10.769  -11.501 -7.288  1.00 27.63 ? 194 ASN A N   1 
ATOM   1555 C CA  . ASN A 1 195 ? 10.367  -11.239 -8.660  1.00 28.57 ? 194 ASN A CA  1 
ATOM   1556 C C   . ASN A 1 195 ? 9.031   -11.917 -8.940  1.00 28.42 ? 194 ASN A C   1 
ATOM   1557 O O   . ASN A 1 195 ? 8.076   -11.281 -9.389  1.00 32.73 ? 194 ASN A O   1 
ATOM   1558 C CB  . ASN A 1 195 ? 11.426  -11.775 -9.627  1.00 23.53 ? 194 ASN A CB  1 
ATOM   1559 C CG  . ASN A 1 195 ? 11.104  -11.461 -11.071 1.00 22.45 ? 194 ASN A CG  1 
ATOM   1560 O OD1 . ASN A 1 195 ? 10.790  -12.353 -11.856 1.00 26.81 ? 194 ASN A OD1 1 
ATOM   1561 N ND2 . ASN A 1 195 ? 11.168  -10.184 -11.428 1.00 24.05 ? 194 ASN A ND2 1 
ATOM   1562 N N   . GLU A 1 196 ? 8.980   -13.211 -8.656  1.00 23.00 ? 195 GLU A N   1 
ATOM   1563 C CA  . GLU A 1 196 ? 7.819   -14.014 -8.874  1.00 19.21 ? 195 GLU A CA  1 
ATOM   1564 C C   . GLU A 1 196 ? 6.645   -13.496 -8.039  1.00 20.83 ? 195 GLU A C   1 
ATOM   1565 O O   . GLU A 1 196 ? 5.538   -13.372 -8.555  1.00 28.53 ? 195 GLU A O   1 
ATOM   1566 C CB  . GLU A 1 196 ? 8.158   -15.443 -8.502  1.00 16.92 ? 195 GLU A CB  1 
ATOM   1567 C CG  . GLU A 1 196 ? 7.083   -16.427 -8.849  1.00 25.61 ? 195 GLU A CG  1 
ATOM   1568 C CD  . GLU A 1 196 ? 7.425   -17.817 -8.393  1.00 29.52 ? 195 GLU A CD  1 
ATOM   1569 O OE1 . GLU A 1 196 ? 8.631   -18.092 -8.186  1.00 26.24 ? 195 GLU A OE1 1 
ATOM   1570 O OE2 . GLU A 1 196 ? 6.485   -18.630 -8.243  1.00 34.22 ? 195 GLU A OE2 1 
ATOM   1571 N N   . TRP A 1 197 ? 6.903   -13.176 -6.772  1.00 19.01 ? 196 TRP A N   1 
ATOM   1572 C CA  . TRP A 1 197 ? 5.903   -12.676 -5.832  1.00 14.08 ? 196 TRP A CA  1 
ATOM   1573 C C   . TRP A 1 197 ? 5.346   -11.325 -6.295  1.00 15.78 ? 196 TRP A C   1 
ATOM   1574 O O   . TRP A 1 197 ? 4.152   -11.054 -6.150  1.00 17.72 ? 196 TRP A O   1 
ATOM   1575 C CB  . TRP A 1 197 ? 6.551   -12.531 -4.452  1.00 11.04 ? 196 TRP A CB  1 
ATOM   1576 C CG  . TRP A 1 197 ? 5.717   -11.779 -3.425  1.00 15.42 ? 196 TRP A CG  1 
ATOM   1577 C CD1 . TRP A 1 197 ? 4.551   -12.195 -2.856  1.00 13.56 ? 196 TRP A CD1 1 
ATOM   1578 C CD2 . TRP A 1 197 ? 5.991   -10.476 -2.869  1.00 11.85 ? 196 TRP A CD2 1 
ATOM   1579 N NE1 . TRP A 1 197 ? 4.078   -11.239 -1.993  1.00 9.33  ? 196 TRP A NE1 1 
ATOM   1580 C CE2 . TRP A 1 197 ? 4.938   -10.174 -1.981  1.00 8.90  ? 196 TRP A CE2 1 
ATOM   1581 C CE3 . TRP A 1 197 ? 7.019   -9.536  -3.045  1.00 11.67 ? 196 TRP A CE3 1 
ATOM   1582 C CZ2 . TRP A 1 197 ? 4.879   -8.967  -1.267  1.00 10.67 ? 196 TRP A CZ2 1 
ATOM   1583 C CZ3 . TRP A 1 197 ? 6.958   -8.336  -2.339  1.00 12.56 ? 196 TRP A CZ3 1 
ATOM   1584 C CH2 . TRP A 1 197 ? 5.892   -8.064  -1.461  1.00 3.99  ? 196 TRP A CH2 1 
ATOM   1585 N N   . VAL A 1 198 ? 6.216   -10.470 -6.821  1.00 18.49 ? 197 VAL A N   1 
ATOM   1586 C CA  . VAL A 1 198 ? 5.815   -9.160  -7.274  1.00 20.37 ? 197 VAL A CA  1 
ATOM   1587 C C   . VAL A 1 198 ? 4.917   -9.286  -8.505  1.00 24.09 ? 197 VAL A C   1 
ATOM   1588 O O   . VAL A 1 198 ? 3.940   -8.548  -8.650  1.00 22.06 ? 197 VAL A O   1 
ATOM   1589 C CB  . VAL A 1 198 ? 7.051   -8.290  -7.589  1.00 17.51 ? 197 VAL A CB  1 
ATOM   1590 C CG1 . VAL A 1 198 ? 6.684   -7.148  -8.526  1.00 15.63 ? 197 VAL A CG1 1 
ATOM   1591 C CG2 . VAL A 1 198 ? 7.640   -7.739  -6.291  1.00 4.95  ? 197 VAL A CG2 1 
ATOM   1592 N N   . ALA A 1 199 ? 5.238   -10.238 -9.374  1.00 28.56 ? 198 ALA A N   1 
ATOM   1593 C CA  . ALA A 1 199 ? 4.489   -10.454 -10.591 1.00 28.98 ? 198 ALA A CA  1 
ATOM   1594 C C   . ALA A 1 199 ? 3.139   -11.092 -10.276 1.00 29.36 ? 198 ALA A C   1 
ATOM   1595 O O   . ALA A 1 199 ? 2.262   -11.134 -11.133 1.00 25.78 ? 198 ALA A O   1 
ATOM   1596 C CB  . ALA A 1 199 ? 5.282   -11.337 -11.540 1.00 31.16 ? 198 ALA A CB  1 
ATOM   1597 N N   . GLU A 1 200 ? 2.976   -11.603 -9.059  1.00 30.44 ? 199 GLU A N   1 
ATOM   1598 C CA  . GLU A 1 200 ? 1.730   -12.234 -8.668  1.00 28.79 ? 199 GLU A CA  1 
ATOM   1599 C C   . GLU A 1 200 ? 0.770   -11.161 -8.160  1.00 20.45 ? 199 GLU A C   1 
ATOM   1600 O O   . GLU A 1 200 ? -0.316  -10.977 -8.698  1.00 16.89 ? 199 GLU A O   1 
ATOM   1601 C CB  . GLU A 1 200 ? 1.947   -13.259 -7.538  1.00 34.80 ? 199 GLU A CB  1 
ATOM   1602 C CG  . GLU A 1 200 ? 3.055   -14.292 -7.748  1.00 42.66 ? 199 GLU A CG  1 
ATOM   1603 C CD  . GLU A 1 200 ? 2.622   -15.549 -8.486  1.00 48.37 ? 199 GLU A CD  1 
ATOM   1604 O OE1 . GLU A 1 200 ? 1.583   -15.526 -9.180  1.00 50.88 ? 199 GLU A OE1 1 
ATOM   1605 O OE2 . GLU A 1 200 ? 3.340   -16.569 -8.369  1.00 53.37 ? 199 GLU A OE2 1 
ATOM   1606 N N   . ILE A 1 201 ? 1.211   -10.439 -7.136  1.00 18.88 ? 200 ILE A N   1 
ATOM   1607 C CA  . ILE A 1 201 ? 0.415   -9.426  -6.475  1.00 20.08 ? 200 ILE A CA  1 
ATOM   1608 C C   . ILE A 1 201 ? 0.046   -8.233  -7.371  1.00 17.83 ? 200 ILE A C   1 
ATOM   1609 O O   . ILE A 1 201 ? -0.992  -7.606  -7.146  1.00 19.66 ? 200 ILE A O   1 
ATOM   1610 C CB  . ILE A 1 201 ? 1.101   -8.943  -5.161  1.00 19.39 ? 200 ILE A CB  1 
ATOM   1611 C CG1 . ILE A 1 201 ? 2.384   -8.164  -5.457  1.00 24.66 ? 200 ILE A CG1 1 
ATOM   1612 C CG2 . ILE A 1 201 ? 1.465   -10.143 -4.300  1.00 15.29 ? 200 ILE A CG2 1 
ATOM   1613 C CD1 . ILE A 1 201 ? 3.078   -7.635  -4.209  1.00 19.30 ? 200 ILE A CD1 1 
ATOM   1614 N N   . THR A 1 202 ? 0.843   -7.941  -8.395  1.00 20.44 ? 201 THR A N   1 
ATOM   1615 C CA  . THR A 1 202 ? 0.562   -6.798  -9.250  1.00 20.67 ? 201 THR A CA  1 
ATOM   1616 C C   . THR A 1 202 ? -0.295  -7.176  -10.453 1.00 26.22 ? 201 THR A C   1 
ATOM   1617 O O   . THR A 1 202 ? -0.882  -6.297  -11.085 1.00 27.97 ? 201 THR A O   1 
ATOM   1618 C CB  . THR A 1 202 ? 1.841   -6.111  -9.753  1.00 15.86 ? 201 THR A CB  1 
ATOM   1619 O OG1 . THR A 1 202 ? 2.596   -7.028  -10.555 1.00 9.44  ? 201 THR A OG1 1 
ATOM   1620 C CG2 . THR A 1 202 ? 2.680   -5.617  -8.577  1.00 11.59 ? 201 THR A CG2 1 
ATOM   1621 N N   . LYS A 1 203 ? -0.363  -8.459  -10.789 1.00 28.28 ? 202 LYS A N   1 
ATOM   1622 C CA  . LYS A 1 203 ? -1.161  -8.871  -11.920 1.00 27.99 ? 202 LYS A CA  1 
ATOM   1623 C C   . LYS A 1 203 ? -2.564  -9.281  -11.458 1.00 29.38 ? 202 LYS A C   1 
ATOM   1624 O O   . LYS A 1 203 ? -3.277  -9.988  -12.173 1.00 36.96 ? 202 LYS A O   1 
ATOM   1625 C CB  . LYS A 1 203 ? -0.465  -10.009 -12.669 1.00 30.52 ? 202 LYS A CB  1 
ATOM   1626 C CG  . LYS A 1 203 ? 0.878   -9.602  -13.258 1.00 36.37 ? 202 LYS A CG  1 
ATOM   1627 C CD  . LYS A 1 203 ? 1.519   -10.740 -14.037 1.00 46.39 ? 202 LYS A CD  1 
ATOM   1628 C CE  . LYS A 1 203 ? 3.006   -10.497 -14.253 1.00 51.23 ? 202 LYS A CE  1 
ATOM   1629 N NZ  . LYS A 1 203 ? 3.303   -9.186  -14.896 1.00 57.75 ? 202 LYS A NZ  1 
ATOM   1630 N N   . ARG A 1 204 ? -2.952  -8.843  -10.263 1.00 24.92 ? 203 ARG A N   1 
ATOM   1631 C CA  . ARG A 1 204 ? -4.267  -9.125  -9.741  1.00 20.84 ? 203 ARG A CA  1 
ATOM   1632 C C   . ARG A 1 204 ? -5.200  -8.060  -10.300 1.00 25.23 ? 203 ARG A C   1 
ATOM   1633 O O   . ARG A 1 204 ? -4.833  -6.890  -10.383 1.00 28.56 ? 203 ARG A O   1 
ATOM   1634 C CB  . ARG A 1 204 ? -4.255  -9.060  -8.222  1.00 15.05 ? 203 ARG A CB  1 
ATOM   1635 C CG  . ARG A 1 204 ? -3.681  -10.300 -7.592  1.00 17.23 ? 203 ARG A CG  1 
ATOM   1636 C CD  . ARG A 1 204 ? -3.693  -10.233 -6.083  1.00 15.21 ? 203 ARG A CD  1 
ATOM   1637 N NE  . ARG A 1 204 ? -3.671  -11.582 -5.522  1.00 27.40 ? 203 ARG A NE  1 
ATOM   1638 C CZ  . ARG A 1 204 ? -4.662  -12.115 -4.808  1.00 25.12 ? 203 ARG A CZ  1 
ATOM   1639 N NH1 . ARG A 1 204 ? -5.757  -11.411 -4.545  1.00 14.51 ? 203 ARG A NH1 1 
ATOM   1640 N NH2 . ARG A 1 204 ? -4.584  -13.377 -4.411  1.00 25.46 ? 203 ARG A NH2 1 
ATOM   1641 N N   . PRO A 1 205 ? -6.413  -8.452  -10.720 1.00 25.64 ? 204 PRO A N   1 
ATOM   1642 C CA  . PRO A 1 205 ? -7.364  -7.487  -11.273 1.00 19.22 ? 204 PRO A CA  1 
ATOM   1643 C C   . PRO A 1 205 ? -7.700  -6.314  -10.371 1.00 17.33 ? 204 PRO A C   1 
ATOM   1644 O O   . PRO A 1 205 ? -7.905  -5.213  -10.861 1.00 25.26 ? 204 PRO A O   1 
ATOM   1645 C CB  . PRO A 1 205 ? -8.580  -8.350  -11.611 1.00 22.84 ? 204 PRO A CB  1 
ATOM   1646 C CG  . PRO A 1 205 ? -8.426  -9.557  -10.757 1.00 25.63 ? 204 PRO A CG  1 
ATOM   1647 C CD  . PRO A 1 205 ? -6.956  -9.816  -10.807 1.00 28.22 ? 204 PRO A CD  1 
ATOM   1648 N N   . ALA A 1 206 ? -7.720  -6.528  -9.060  1.00 18.99 ? 205 ALA A N   1 
ATOM   1649 C CA  . ALA A 1 206 ? -8.009  -5.453  -8.124  1.00 11.47 ? 205 ALA A CA  1 
ATOM   1650 C C   . ALA A 1 206 ? -6.824  -4.492  -8.137  1.00 16.59 ? 205 ALA A C   1 
ATOM   1651 O O   . ALA A 1 206 ? -6.990  -3.291  -7.902  1.00 21.74 ? 205 ALA A O   1 
ATOM   1652 C CB  . ALA A 1 206 ? -8.217  -6.003  -6.735  1.00 3.53  ? 205 ALA A CB  1 
ATOM   1653 N N   . SER A 1 207 ? -5.631  -5.027  -8.421  1.00 18.24 ? 206 SER A N   1 
ATOM   1654 C CA  . SER A 1 207 ? -4.400  -4.239  -8.479  1.00 17.33 ? 206 SER A CA  1 
ATOM   1655 C C   . SER A 1 207 ? -4.369  -3.463  -9.806  1.00 20.27 ? 206 SER A C   1 
ATOM   1656 O O   . SER A 1 207 ? -4.023  -2.287  -9.833  1.00 22.83 ? 206 SER A O   1 
ATOM   1657 C CB  . SER A 1 207 ? -3.151  -5.142  -8.405  1.00 13.20 ? 206 SER A CB  1 
ATOM   1658 O OG  . SER A 1 207 ? -3.053  -5.884  -7.197  1.00 4.64  ? 206 SER A OG  1 
ATOM   1659 N N   . GLU A 1 208 ? -4.753  -4.129  -10.891 1.00 23.18 ? 207 GLU A N   1 
ATOM   1660 C CA  . GLU A 1 208 ? -4.748  -3.548  -12.221 1.00 24.88 ? 207 GLU A CA  1 
ATOM   1661 C C   . GLU A 1 208 ? -5.801  -2.454  -12.368 1.00 24.06 ? 207 GLU A C   1 
ATOM   1662 O O   . GLU A 1 208 ? -5.712  -1.651  -13.291 1.00 34.30 ? 207 GLU A O   1 
ATOM   1663 C CB  . GLU A 1 208 ? -4.995  -4.649  -13.257 1.00 23.20 ? 207 GLU A CB  1 
ATOM   1664 C CG  . GLU A 1 208 ? -3.949  -5.748  -13.232 1.00 37.26 ? 207 GLU A CG  1 
ATOM   1665 C CD  . GLU A 1 208 ? -4.278  -6.921  -14.143 1.00 51.11 ? 207 GLU A CD  1 
ATOM   1666 O OE1 . GLU A 1 208 ? -5.433  -7.413  -14.109 1.00 52.82 ? 207 GLU A OE1 1 
ATOM   1667 O OE2 . GLU A 1 208 ? -3.368  -7.363  -14.883 1.00 55.07 ? 207 GLU A OE2 1 
ATOM   1668 N N   . LYS A 1 209 ? -6.764  -2.399  -11.451 1.00 26.41 ? 208 LYS A N   1 
ATOM   1669 C CA  . LYS A 1 209 ? -7.857  -1.430  -11.502 1.00 23.89 ? 208 LYS A CA  1 
ATOM   1670 C C   . LYS A 1 209 ? -7.475  -0.086  -10.912 1.00 26.57 ? 208 LYS A C   1 
ATOM   1671 O O   . LYS A 1 209 ? -8.289  0.836   -10.951 1.00 29.15 ? 208 LYS A O   1 
ATOM   1672 C CB  . LYS A 1 209 ? -9.064  -1.947  -10.713 1.00 24.46 ? 208 LYS A CB  1 
ATOM   1673 C CG  . LYS A 1 209 ? -9.844  -3.082  -11.342 1.00 30.67 ? 208 LYS A CG  1 
ATOM   1674 C CD  . LYS A 1 209 ? -10.780 -3.685  -10.311 1.00 41.35 ? 208 LYS A CD  1 
ATOM   1675 C CE  . LYS A 1 209 ? -11.473 -4.949  -10.803 1.00 43.47 ? 208 LYS A CE  1 
ATOM   1676 N NZ  . LYS A 1 209 ? -12.202 -5.630  -9.685  1.00 47.25 ? 208 LYS A NZ  1 
ATOM   1677 N N   . VAL A 1 210 ? -6.265  0.054   -10.374 1.00 33.53 ? 209 VAL A N   1 
ATOM   1678 C CA  . VAL A 1 210 ? -5.901  1.307   -9.736  1.00 32.62 ? 209 VAL A CA  1 
ATOM   1679 C C   . VAL A 1 210 ? -4.830  2.090   -10.487 1.00 33.35 ? 209 VAL A C   1 
ATOM   1680 O O   . VAL A 1 210 ? -4.657  3.283   -10.222 1.00 34.28 ? 209 VAL A O   1 
ATOM   1681 C CB  . VAL A 1 210 ? -5.497  1.095   -8.251  1.00 36.74 ? 209 VAL A CB  1 
ATOM   1682 C CG1 . VAL A 1 210 ? -6.665  0.487   -7.486  1.00 31.51 ? 209 VAL A CG1 1 
ATOM   1683 C CG2 . VAL A 1 210 ? -4.261  0.205   -8.138  1.00 32.82 ? 209 VAL A CG2 1 
ATOM   1684 N N   . GLN A 1 211 ? -4.113  1.446   -11.405 1.00 34.13 ? 210 GLN A N   1 
ATOM   1685 C CA  . GLN A 1 211 ? -3.087  2.142   -12.172 1.00 35.39 ? 210 GLN A CA  1 
ATOM   1686 C C   . GLN A 1 211 ? -3.767  2.963   -13.261 1.00 36.63 ? 210 GLN A C   1 
ATOM   1687 O O   . GLN A 1 211 ? -3.526  4.186   -13.301 1.00 40.96 ? 210 GLN A O   1 
ATOM   1688 C CB  . GLN A 1 211 ? -2.120  1.159   -12.821 1.00 34.59 ? 210 GLN A CB  1 
ATOM   1689 C CG  . GLN A 1 211 ? -1.195  0.451   -11.866 1.00 35.19 ? 210 GLN A CG  1 
ATOM   1690 C CD  . GLN A 1 211 ? -0.249  -0.499  -12.586 1.00 43.83 ? 210 GLN A CD  1 
ATOM   1691 O OE1 . GLN A 1 211 ? -0.542  -0.983  -13.684 1.00 39.88 ? 210 GLN A OE1 1 
ATOM   1692 N NE2 . GLN A 1 211 ? 0.894   -0.768  -11.969 1.00 50.87 ? 210 GLN A NE2 1 
ATOM   1693 O OXT . GLN A 1 211 ? -4.526  2.376   -14.062 1.00 37.46 ? 210 GLN A OXT 1 
HETATM 1694 N N   . GGL B 2 1   ? 0.164   7.272   7.183   1.00 16.90 ? 101 GGL B N   1 
HETATM 1695 C CA  . GGL B 2 1   ? -0.829  7.938   6.293   1.00 12.06 ? 101 GGL B CA  1 
HETATM 1696 C C   . GGL B 2 1   ? -1.762  6.921   5.646   1.00 11.79 ? 101 GGL B C   1 
HETATM 1697 O O   . GGL B 2 1   ? -2.957  7.242   5.506   1.00 20.95 ? 101 GGL B O   1 
HETATM 1698 C CB  . GGL B 2 1   ? -0.111  8.720   5.205   1.00 15.07 ? 101 GGL B CB  1 
HETATM 1699 C CG  . GGL B 2 1   ? -1.040  9.457   4.284   1.00 20.89 ? 101 GGL B CG  1 
HETATM 1700 C CD  . GGL B 2 1   ? -0.308  10.247  3.234   1.00 18.76 ? 101 GGL B CD  1 
HETATM 1701 O OE1 . GGL B 2 1   ? 0.868   10.010  2.956   1.00 14.84 ? 101 GGL B OE1 1 
HETATM 1702 O OXT . GGL B 2 1   ? -1.299  5.811   5.319   1.00 14.50 ? 101 GGL B OXT 1 
HETATM 1703 N N   . FOE B 2 2   ? -1.026  11.188  2.637   1.00 23.71 ? 102 FOE B N   1 
HETATM 1704 C CA  . FOE B 2 2   ? -0.493  12.035  1.622   1.00 30.28 ? 102 FOE B CA  1 
HETATM 1705 C C   . FOE B 2 2   ? -1.131  13.390  1.851   1.00 33.39 ? 102 FOE B C   1 
HETATM 1706 O O   . FOE B 2 2   ? -2.354  13.492  1.959   1.00 32.51 ? 102 FOE B O   1 
HETATM 1707 C CB  . FOE B 2 2   ? -0.877  11.502  0.248   1.00 31.53 ? 102 FOE B CB  1 
HETATM 1708 S SG  . FOE B 2 2   ? 0.334   11.864  -0.979  1.00 52.52 ? 102 FOE B SG  1 
HETATM 1709 C C1  . FOE B 2 2   ? 0.909   10.143  -1.111  1.00 50.30 ? 102 FOE B C1  1 
HETATM 1710 C C2  . FOE B 2 2   ? 2.086   9.607   -1.993  1.00 56.32 ? 102 FOE B C2  1 
HETATM 1711 O O3  . FOE B 2 2   ? 2.293   8.402   -1.849  1.00 63.07 ? 102 FOE B O3  1 
HETATM 1712 N N4  . FOE B 2 2   ? 2.845   10.283  -2.860  1.00 57.50 ? 102 FOE B N4  1 
HETATM 1713 C C5  . FOE B 2 2   ? 4.816   10.508  -4.405  1.00 45.80 ? 102 FOE B C5  1 
HETATM 1714 C C6  . FOE B 2 2   ? 3.999   9.561   -3.515  1.00 49.80 ? 102 FOE B C6  1 
HETATM 1715 C C7  . FOE B 2 2   ? 4.983   9.048   -2.442  1.00 41.70 ? 102 FOE B C7  1 
HETATM 1716 C C8  . FOE B 2 2   ? 2.832   13.940  -3.182  1.00 66.93 ? 102 FOE B C8  1 
HETATM 1717 C C9  . FOE B 2 2   ? 3.183   12.652  -2.730  1.00 64.26 ? 102 FOE B C9  1 
HETATM 1718 C C10 . FOE B 2 2   ? 2.530   11.519  -3.271  1.00 63.58 ? 102 FOE B C10 1 
HETATM 1719 C C11 . FOE B 2 2   ? 1.538   11.688  -4.265  1.00 67.47 ? 102 FOE B C11 1 
HETATM 1720 C C12 . FOE B 2 2   ? 1.192   12.973  -4.710  1.00 68.10 ? 102 FOE B C12 1 
HETATM 1721 C C13 . FOE B 2 2   ? 1.836   14.097  -4.173  1.00 69.23 ? 102 FOE B C13 1 
HETATM 1722 F F14 . FOE B 2 2   ? 1.489   15.357  -4.612  1.00 75.25 ? 102 FOE B F14 1 
ATOM   1723 N N   . GLY B 2 3   ? -0.296  14.419  1.985   1.00 40.26 ? 103 GLY B N   1 
ATOM   1724 C CA  . GLY B 2 3   ? -0.804  15.761  2.201   1.00 46.05 ? 103 GLY B CA  1 
ATOM   1725 C C   . GLY B 2 3   ? 0.105   16.620  3.055   1.00 49.34 ? 103 GLY B C   1 
ATOM   1726 O O   . GLY B 2 3   ? 0.330   16.270  4.234   1.00 53.27 ? 103 GLY B O   1 
ATOM   1727 O OXT . GLY B 2 3   ? 0.580   17.656  2.546   1.00 55.12 ? 103 GLY B OXT 1 
HETATM 1728 O O   . HOH C 3 .   ? -11.102 11.756  -8.493  1.00 45.17 ? 211 HOH A O   1 
HETATM 1729 O O   . HOH C 3 .   ? -0.622  -3.770  -11.380 1.00 16.02 ? 212 HOH A O   1 
HETATM 1730 O O   . HOH C 3 .   ? 2.474   0.535   -1.041  1.00 14.12 ? 213 HOH A O   1 
HETATM 1731 O O   . HOH C 3 .   ? -4.195  -0.472  13.314  1.00 16.93 ? 214 HOH A O   1 
HETATM 1732 O O   . HOH C 3 .   ? 0.708   2.489   -7.629  1.00 19.52 ? 215 HOH A O   1 
HETATM 1733 O O   . HOH C 3 .   ? 4.804   0.969   0.918   1.00 18.36 ? 216 HOH A O   1 
HETATM 1734 O O   . HOH C 3 .   ? -6.001  -16.532 22.246  1.00 28.34 ? 217 HOH A O   1 
HETATM 1735 O O   . HOH C 3 .   ? -3.618  10.923  8.386   1.00 23.89 ? 218 HOH A O   1 
HETATM 1736 O O   . HOH C 3 .   ? -10.150 2.171   -9.038  1.00 27.15 ? 219 HOH A O   1 
HETATM 1737 O O   . HOH C 3 .   ? 19.128  0.027   -10.116 1.00 25.75 ? 220 HOH A O   1 
HETATM 1738 O O   . HOH C 3 .   ? 4.701   2.254   -13.646 1.00 30.71 ? 221 HOH A O   1 
HETATM 1739 O O   . HOH C 3 .   ? 12.362  -15.206 -10.711 1.00 23.96 ? 222 HOH A O   1 
HETATM 1740 O O   . HOH C 3 .   ? -5.910  5.253   -12.199 1.00 32.44 ? 223 HOH A O   1 
HETATM 1741 O O   . HOH C 3 .   ? -11.132 -10.471 4.799   1.00 15.18 ? 224 HOH A O   1 
HETATM 1742 O O   . HOH C 3 .   ? -19.257 -9.857  6.272   1.00 44.99 ? 225 HOH A O   1 
HETATM 1743 O O   . HOH C 3 .   ? 18.673  -12.132 -1.508  1.00 36.56 ? 226 HOH A O   1 
HETATM 1744 O O   . HOH C 3 .   ? -22.556 0.038   2.263   1.00 26.05 ? 227 HOH A O   1 
HETATM 1745 O O   . HOH C 3 .   ? -17.434 16.213  7.847   1.00 45.01 ? 228 HOH A O   1 
HETATM 1746 O O   . HOH C 3 .   ? -5.708  25.532  2.745   1.00 64.65 ? 229 HOH A O   1 
HETATM 1747 O O   . HOH C 3 .   ? 15.085  -5.487  -15.498 1.00 51.43 ? 230 HOH A O   1 
HETATM 1748 O O   . HOH C 3 .   ? -24.089 2.302   -5.995  1.00 74.55 ? 231 HOH A O   1 
HETATM 1749 O O   . HOH C 3 .   ? 6.719   4.269   9.336   1.00 39.43 ? 232 HOH A O   1 
HETATM 1750 O O   . HOH C 3 .   ? 7.553   -17.236 -3.567  1.00 20.93 ? 233 HOH A O   1 
HETATM 1751 O O   . HOH C 3 .   ? -4.085  -16.855 -1.810  1.00 35.18 ? 234 HOH A O   1 
HETATM 1752 O O   . HOH C 3 .   ? -11.084 18.783  13.194  1.00 18.72 ? 235 HOH A O   1 
HETATM 1753 O O   . HOH C 3 .   ? 15.894  1.758   10.091  1.00 37.74 ? 236 HOH A O   1 
HETATM 1754 O O   . HOH C 3 .   ? -14.242 -14.294 2.515   1.00 25.99 ? 237 HOH A O   1 
HETATM 1755 O O   . HOH C 3 .   ? 3.496   -1.470  -12.484 1.00 42.62 ? 238 HOH A O   1 
HETATM 1756 O O   . HOH C 3 .   ? -6.821  4.963   -9.228  1.00 44.42 ? 239 HOH A O   1 
HETATM 1757 O O   . HOH C 3 .   ? -8.107  18.807  -11.243 1.00 36.86 ? 240 HOH A O   1 
HETATM 1758 O O   . HOH C 3 .   ? 7.697   10.359  -14.332 1.00 44.25 ? 241 HOH A O   1 
HETATM 1759 O O   . HOH C 3 .   ? 19.139  -10.264 5.358   1.00 19.32 ? 242 HOH A O   1 
HETATM 1760 O O   . HOH C 3 .   ? -0.733  -25.508 5.406   1.00 33.49 ? 243 HOH A O   1 
HETATM 1761 O O   . HOH C 3 .   ? 16.590  -1.420  -14.016 1.00 37.11 ? 244 HOH A O   1 
HETATM 1762 O O   . HOH C 3 .   ? -10.693 23.294  -2.575  1.00 29.89 ? 245 HOH A O   1 
HETATM 1763 O O   . HOH C 3 .   ? -16.903 -6.141  -9.931  1.00 76.37 ? 246 HOH A O   1 
HETATM 1764 O O   . HOH C 3 .   ? -7.586  25.142  9.200   1.00 55.96 ? 247 HOH A O   1 
HETATM 1765 O O   . HOH C 3 .   ? 10.083  4.383   9.929   1.00 46.13 ? 248 HOH A O   1 
HETATM 1766 O O   . HOH C 3 .   ? 21.476  0.034   -6.343  1.00 36.87 ? 249 HOH A O   1 
HETATM 1767 O O   . HOH C 3 .   ? -25.267 -0.697  6.350   1.00 81.69 ? 250 HOH A O   1 
HETATM 1768 O O   . HOH C 3 .   ? -4.889  -14.835 12.203  1.00 28.62 ? 251 HOH A O   1 
HETATM 1769 O O   . HOH C 3 .   ? -3.822  -18.458 22.312  1.00 26.13 ? 252 HOH A O   1 
HETATM 1770 O O   . HOH C 3 .   ? -5.225  9.158   6.310   1.00 26.80 ? 253 HOH A O   1 
HETATM 1771 O O   . HOH C 3 .   ? 12.363  -13.672 6.915   1.00 37.21 ? 254 HOH A O   1 
HETATM 1772 O O   . HOH C 3 .   ? 3.405   9.502   -13.054 1.00 37.77 ? 255 HOH A O   1 
HETATM 1773 O O   . HOH C 3 .   ? -21.436 5.619   -1.849  1.00 32.26 ? 256 HOH A O   1 
HETATM 1774 O O   . HOH C 3 .   ? -20.919 4.324   -6.242  1.00 41.69 ? 257 HOH A O   1 
HETATM 1775 O O   . HOH C 3 .   ? 21.232  5.457   6.628   1.00 46.82 ? 258 HOH A O   1 
HETATM 1776 O O   . HOH C 3 .   ? -12.362 -10.751 -5.161  1.00 38.47 ? 259 HOH A O   1 
HETATM 1777 O O   . HOH C 3 .   ? 18.630  3.274   -10.260 1.00 62.49 ? 260 HOH A O   1 
HETATM 1778 O O   . HOH C 3 .   ? 7.197   -2.118  -15.574 1.00 47.46 ? 261 HOH A O   1 
HETATM 1779 O O   . HOH C 3 .   ? -8.994  26.256  -4.895  1.00 40.74 ? 262 HOH A O   1 
HETATM 1780 O O   . HOH C 3 .   ? -10.790 24.456  11.803  1.00 49.12 ? 263 HOH A O   1 
HETATM 1781 O O   . HOH C 3 .   ? 17.519  2.323   7.482   1.00 33.60 ? 264 HOH A O   1 
HETATM 1782 O O   . HOH C 3 .   ? -11.793 -21.959 10.669  1.00 53.35 ? 265 HOH A O   1 
HETATM 1783 O O   . HOH C 3 .   ? 16.304  7.125   -12.551 1.00 37.51 ? 266 HOH A O   1 
HETATM 1784 O O   . HOH C 3 .   ? -10.342 -15.809 -0.208  1.00 33.55 ? 267 HOH A O   1 
HETATM 1785 O O   . HOH C 3 .   ? -21.801 -6.853  4.812   1.00 86.22 ? 268 HOH A O   1 
HETATM 1786 O O   . HOH C 3 .   ? -7.056  -15.615 3.015   1.00 43.27 ? 269 HOH A O   1 
HETATM 1787 O O   . HOH C 3 .   ? -19.632 14.111  -3.261  1.00 51.77 ? 270 HOH A O   1 
HETATM 1788 O O   . HOH C 3 .   ? 18.179  -18.316 -6.124  1.00 49.91 ? 271 HOH A O   1 
HETATM 1789 O O   . HOH C 3 .   ? -21.093 -14.508 -0.630  1.00 75.27 ? 272 HOH A O   1 
HETATM 1790 O O   . HOH C 3 .   ? -1.587  -1.828  14.579  1.00 32.89 ? 273 HOH A O   1 
HETATM 1791 O O   . HOH C 3 .   ? 5.519   -1.751  16.099  1.00 16.24 ? 274 HOH A O   1 
HETATM 1792 O O   . HOH C 3 .   ? -4.208  -6.685  -4.950  1.00 25.79 ? 275 HOH A O   1 
HETATM 1793 O O   . HOH C 3 .   ? 6.912   -8.557  -12.451 1.00 33.15 ? 276 HOH A O   1 
HETATM 1794 O O   . HOH C 3 .   ? -1.452  -12.801 -10.653 1.00 32.09 ? 277 HOH A O   1 
HETATM 1795 O O   . HOH C 3 .   ? 2.097   4.985   3.005   1.00 21.82 ? 278 HOH A O   1 
HETATM 1796 O O   . HOH C 3 .   ? -1.520  5.522   8.030   1.00 37.98 ? 279 HOH A O   1 
HETATM 1797 O O   . HOH D 3 .   ? 1.896   7.632   1.458   1.00 15.76 ? 41  HOH B O   1 
# 
